data_7PI7
#
_entry.id   7PI7
#
_cell.length_a   205.050
_cell.length_b   80.690
_cell.length_c   117.360
_cell.angle_alpha   90.000
_cell.angle_beta   108.730
_cell.angle_gamma   90.000
#
_symmetry.space_group_name_H-M   'C 1 2 1'
#
loop_
_entity.id
_entity.type
_entity.pdbx_description
1 polymer 'Cysteine-rich protective antigen'
2 polymer 'Monoclonal antibody Cy.002 heavy chain'
3 polymer 'Monoclonal antibody Cy.002 light chain'
4 water water
#
loop_
_entity_poly.entity_id
_entity_poly.type
_entity_poly.pdbx_seq_one_letter_code
_entity_poly.pdbx_strand_id
1 'polypeptide(L)'
;DSRHVFIRTELSFIKNNVPCIRDMFFIYKRELYNICLDDLKGEEDETHIYVQKKVKDSWITLNDLFKETDLTGRPHIFAY
VDVEEIIILLCEDEEFSNRKKDMTCHRFYSNDGKEYNNAEITISDYILKDKLLSSYVSLPLKIENREYFLICGVSPYKFK
DDNKKDDILCMASHDKGETWGTKIVIKYDNYKLGVQYFFLRPYISKNDLSFHFYVGDNINNVKNVNFIECTHEKDLEFVC
SNRDFLKDNKVLQDVSTLNDEYIVSYGNDNNFAECYIFFNNENSILIKPEKYGNTAAGCYGGTFVKIDENRALFIYSSSQ
GIYNIHTIYYANYEGGGGSEPEA
;
A,D
2 'polypeptide(L)'
;EVQLQQSGAELVKPGASVKLSCTASGFNIKDTYIHWVKQRPEQGLEWIGRIDPANGNTYSDPKFQDKATIKADTSSNTAY
LQLSSLTSEDTAVYYCARDVLYFDVWGAGTTVTVSSASTKGPSVFPLAPSSKSTSGGTAALGCLVKDYFPEPVTVSWNSG
ALTSGVHTFPAVLQSSGLYSLSSVVTVPSSSLGTQTYICNVNHKPSNTKVDKKVEPKSCDK
;
B,E
3 'polypeptide(L)'
;DIVLTQSPASLAVSLGQRATISCRASESVDSYGNSFMHWYQQKPGQPPKLLISRASNLESGIPARFSGSGSRTDFTLTIN
PVEADDVATYYCQQSNEDRTFGGGTKLEIERTVAAPSVFIFPPSDEQLKSGTASVVCLLNNFYPREAKVQWKVDNALQSG
NSQESVTEQDSKDSTYSLSSTLTLSKADYEKHKVYACEVTHQGLSSPVTKSFNRGEC
;
C,F
#
# COMPACT_ATOMS: atom_id res chain seq x y z
N ARG A 3 -11.55 5.52 -46.80
CA ARG A 3 -11.78 6.66 -47.70
C ARG A 3 -11.23 7.97 -47.09
N HIS A 4 -11.22 8.08 -45.75
CA HIS A 4 -10.69 9.23 -45.02
C HIS A 4 -10.36 8.69 -43.62
N VAL A 5 -9.12 8.82 -43.15
CA VAL A 5 -8.73 8.35 -41.82
C VAL A 5 -8.03 9.46 -41.05
N PHE A 6 -8.50 9.78 -39.85
CA PHE A 6 -7.88 10.82 -39.04
C PHE A 6 -7.41 10.22 -37.74
N ILE A 7 -6.18 10.51 -37.32
CA ILE A 7 -5.62 10.04 -36.05
C ILE A 7 -4.85 11.19 -35.45
N ARG A 8 -5.15 11.52 -34.21
CA ARG A 8 -4.47 12.57 -33.49
C ARG A 8 -4.17 12.09 -32.09
N THR A 9 -2.94 12.26 -31.65
CA THR A 9 -2.53 11.85 -30.31
C THR A 9 -1.90 13.03 -29.61
N GLU A 10 -2.10 13.10 -28.29
CA GLU A 10 -1.56 14.17 -27.46
C GLU A 10 -1.19 13.59 -26.09
N LEU A 11 -0.03 13.99 -25.54
CA LEU A 11 0.40 13.49 -24.24
C LEU A 11 0.42 14.61 -23.26
N SER A 12 -0.19 14.41 -22.11
CA SER A 12 -0.23 15.35 -20.99
C SER A 12 0.02 14.60 -19.69
N PHE A 13 0.31 15.34 -18.62
CA PHE A 13 0.59 14.75 -17.33
C PHE A 13 -0.32 15.28 -16.24
N ILE A 14 -0.59 14.42 -15.26
CA ILE A 14 -1.40 14.77 -14.09
C ILE A 14 -0.59 14.39 -12.88
N LYS A 15 -0.48 15.32 -11.92
CA LYS A 15 0.23 15.05 -10.69
C LYS A 15 -0.79 14.72 -9.62
N ASN A 16 -0.57 13.63 -8.90
CA ASN A 16 -1.44 13.21 -7.82
C ASN A 16 -0.62 13.33 -6.52
N ASN A 17 -1.21 13.98 -5.52
CA ASN A 17 -0.60 14.13 -4.21
C ASN A 17 -0.97 12.95 -3.27
N VAL A 18 -1.66 11.92 -3.79
CA VAL A 18 -2.14 10.76 -3.04
C VAL A 18 -1.64 9.49 -3.70
N PRO A 19 -1.01 8.58 -2.93
CA PRO A 19 -0.56 7.32 -3.51
C PRO A 19 -1.70 6.31 -3.64
N CYS A 20 -2.17 6.08 -4.86
CA CYS A 20 -3.28 5.17 -5.08
C CYS A 20 -2.80 3.77 -5.40
N ILE A 21 -3.12 2.79 -4.53
CA ILE A 21 -2.84 1.38 -4.80
C ILE A 21 -3.69 0.86 -6.01
N ARG A 22 -4.88 1.45 -6.22
CA ARG A 22 -5.73 1.09 -7.33
C ARG A 22 -6.49 2.35 -7.84
N ASP A 23 -6.45 2.57 -9.17
CA ASP A 23 -7.05 3.70 -9.88
C ASP A 23 -8.28 3.25 -10.67
N MET A 24 -9.36 4.01 -10.63
CA MET A 24 -10.59 3.69 -11.37
C MET A 24 -11.06 4.95 -12.06
N PHE A 25 -10.70 5.11 -13.33
CA PHE A 25 -11.02 6.29 -14.08
C PHE A 25 -12.41 6.24 -14.69
N PHE A 26 -13.09 7.40 -14.73
CA PHE A 26 -14.38 7.57 -15.37
C PHE A 26 -14.61 8.99 -15.87
N ILE A 27 -15.45 9.13 -16.90
CA ILE A 27 -15.79 10.43 -17.44
C ILE A 27 -17.19 10.80 -17.00
N TYR A 28 -17.34 11.92 -16.30
CA TYR A 28 -18.65 12.41 -15.88
C TYR A 28 -18.80 13.87 -16.27
N LYS A 29 -19.79 14.16 -17.11
CA LYS A 29 -20.08 15.50 -17.62
C LYS A 29 -18.87 16.09 -18.34
N ARG A 30 -18.23 15.26 -19.20
CA ARG A 30 -17.07 15.61 -20.00
C ARG A 30 -15.85 16.06 -19.15
N GLU A 31 -15.58 15.35 -18.03
CA GLU A 31 -14.46 15.60 -17.13
C GLU A 31 -13.90 14.27 -16.65
N LEU A 32 -12.60 14.19 -16.39
CA LEU A 32 -11.97 12.95 -15.93
C LEU A 32 -11.97 12.82 -14.41
N TYR A 33 -12.40 11.67 -13.90
CA TYR A 33 -12.42 11.41 -12.47
C TYR A 33 -11.64 10.13 -12.16
N ASN A 34 -11.33 9.92 -10.88
CA ASN A 34 -10.61 8.74 -10.42
C ASN A 34 -11.15 8.29 -9.08
N ILE A 35 -11.31 6.99 -8.87
CA ILE A 35 -11.70 6.46 -7.57
C ILE A 35 -10.40 5.87 -7.08
N CYS A 36 -9.73 6.62 -6.23
CA CYS A 36 -8.44 6.31 -5.68
C CYS A 36 -8.55 5.54 -4.38
N LEU A 37 -8.01 4.30 -4.37
CA LEU A 37 -7.94 3.51 -3.16
C LEU A 37 -6.56 3.77 -2.56
N ASP A 38 -6.54 4.32 -1.36
CA ASP A 38 -5.30 4.65 -0.68
C ASP A 38 -5.16 3.88 0.65
N ASP A 39 -4.19 2.98 0.75
CA ASP A 39 -3.93 2.23 2.00
C ASP A 39 -2.44 2.38 2.31
N LEU A 40 -2.10 2.86 3.53
CA LEU A 40 -0.71 3.06 4.00
C LEU A 40 -0.47 2.39 5.37
N GLU A 46 -4.61 2.96 8.19
CA GLU A 46 -4.83 4.14 7.33
C GLU A 46 -5.42 3.78 5.97
N THR A 47 -6.76 3.80 5.83
CA THR A 47 -7.41 3.48 4.56
C THR A 47 -8.48 4.53 4.13
N HIS A 48 -8.45 4.95 2.85
CA HIS A 48 -9.37 5.94 2.27
C HIS A 48 -9.74 5.56 0.84
N ILE A 49 -10.94 5.92 0.41
CA ILE A 49 -11.39 5.73 -0.95
C ILE A 49 -11.82 7.10 -1.45
N TYR A 50 -10.86 7.81 -2.01
CA TYR A 50 -11.06 9.15 -2.45
C TYR A 50 -11.68 9.23 -3.82
N VAL A 51 -12.63 10.16 -4.00
CA VAL A 51 -13.13 10.48 -5.32
C VAL A 51 -12.32 11.69 -5.74
N GLN A 52 -11.65 11.63 -6.87
CA GLN A 52 -10.80 12.71 -7.38
C GLN A 52 -11.27 13.21 -8.77
N LYS A 53 -10.77 14.38 -9.23
CA LYS A 53 -11.16 14.96 -10.50
C LYS A 53 -9.98 15.70 -11.13
N LYS A 54 -9.80 15.56 -12.45
CA LYS A 54 -8.72 16.23 -13.16
C LYS A 54 -9.08 17.70 -13.29
N VAL A 55 -8.27 18.56 -12.70
CA VAL A 55 -8.41 20.00 -12.82
C VAL A 55 -7.04 20.51 -13.21
N LYS A 56 -6.88 21.11 -14.40
CA LYS A 56 -5.58 21.59 -14.87
C LYS A 56 -4.61 20.39 -14.98
N ASP A 57 -3.37 20.50 -14.47
CA ASP A 57 -2.35 19.46 -14.46
C ASP A 57 -2.41 18.56 -13.22
N SER A 58 -3.48 18.61 -12.40
CA SER A 58 -3.52 17.84 -11.14
C SER A 58 -4.82 17.09 -10.80
N TRP A 59 -4.72 16.08 -9.91
CA TRP A 59 -5.87 15.34 -9.41
C TRP A 59 -6.33 16.04 -8.14
N ILE A 60 -7.62 16.42 -8.09
CA ILE A 60 -8.18 17.12 -6.96
C ILE A 60 -9.13 16.24 -6.19
N THR A 61 -8.82 15.96 -4.92
CA THR A 61 -9.65 15.10 -4.08
C THR A 61 -10.90 15.80 -3.66
N LEU A 62 -12.06 15.31 -4.09
CA LEU A 62 -13.35 15.91 -3.78
C LEU A 62 -13.98 15.33 -2.52
N ASN A 63 -13.96 14.01 -2.39
CA ASN A 63 -14.60 13.34 -1.27
C ASN A 63 -13.82 12.08 -0.84
N ASP A 64 -14.13 11.54 0.34
CA ASP A 64 -13.55 10.33 0.90
C ASP A 64 -14.73 9.45 1.31
N LEU A 65 -15.21 8.58 0.42
CA LEU A 65 -16.36 7.71 0.72
C LEU A 65 -16.13 6.72 1.88
N PHE A 66 -14.88 6.62 2.36
CA PHE A 66 -14.50 5.75 3.47
C PHE A 66 -14.45 6.53 4.81
N LYS A 67 -15.16 7.69 4.90
CA LYS A 67 -15.23 8.56 6.08
C LYS A 67 -15.53 7.74 7.35
N GLU A 68 -16.67 7.00 7.34
CA GLU A 68 -17.10 6.13 8.43
C GLU A 68 -17.91 4.96 7.82
N THR A 69 -17.38 3.72 7.87
CA THR A 69 -18.05 2.53 7.34
C THR A 69 -18.19 1.43 8.40
N ARG A 74 -10.48 -3.27 2.64
CA ARG A 74 -10.49 -3.13 1.17
C ARG A 74 -11.76 -3.72 0.54
N PRO A 75 -12.66 -2.86 0.07
CA PRO A 75 -13.91 -3.35 -0.50
C PRO A 75 -13.92 -3.40 -2.03
N HIS A 76 -14.91 -4.08 -2.61
CA HIS A 76 -15.10 -4.09 -4.05
C HIS A 76 -15.85 -2.82 -4.44
N ILE A 77 -15.36 -2.13 -5.47
CA ILE A 77 -15.98 -0.91 -5.91
C ILE A 77 -16.66 -1.11 -7.24
N PHE A 78 -17.97 -0.86 -7.31
CA PHE A 78 -18.72 -0.96 -8.56
C PHE A 78 -19.28 0.42 -8.78
N ALA A 79 -18.65 1.18 -9.67
CA ALA A 79 -19.09 2.54 -10.00
C ALA A 79 -19.85 2.50 -11.30
N TYR A 80 -20.98 3.20 -11.37
CA TYR A 80 -21.84 3.25 -12.54
C TYR A 80 -22.03 4.68 -12.91
N VAL A 81 -21.73 5.04 -14.15
CA VAL A 81 -21.93 6.45 -14.62
C VAL A 81 -23.16 6.55 -15.50
N ASP A 82 -24.21 7.19 -15.02
CA ASP A 82 -25.42 7.43 -15.85
C ASP A 82 -25.30 8.85 -16.39
N VAL A 83 -26.22 9.27 -17.26
CA VAL A 83 -26.12 10.62 -17.90
C VAL A 83 -25.95 11.69 -16.83
N GLU A 84 -26.86 11.75 -15.86
CA GLU A 84 -26.80 12.79 -14.84
C GLU A 84 -26.46 12.26 -13.44
N GLU A 85 -26.09 10.97 -13.29
CA GLU A 85 -25.84 10.41 -11.96
C GLU A 85 -24.61 9.54 -11.86
N ILE A 86 -24.05 9.47 -10.65
CA ILE A 86 -22.94 8.58 -10.33
C ILE A 86 -23.40 7.71 -9.17
N ILE A 87 -23.46 6.40 -9.37
CA ILE A 87 -23.82 5.48 -8.29
C ILE A 87 -22.58 4.64 -8.03
N ILE A 88 -21.99 4.74 -6.85
CA ILE A 88 -20.80 3.96 -6.51
C ILE A 88 -21.17 3.06 -5.37
N LEU A 89 -20.86 1.78 -5.47
CA LEU A 89 -21.16 0.83 -4.39
C LEU A 89 -19.87 0.33 -3.79
N LEU A 90 -19.77 0.32 -2.46
CA LEU A 90 -18.60 -0.24 -1.79
C LEU A 90 -19.10 -1.52 -1.11
N CYS A 91 -18.70 -2.71 -1.61
CA CYS A 91 -19.15 -3.96 -1.03
C CYS A 91 -18.09 -4.67 -0.27
N GLU A 92 -18.44 -5.16 0.91
CA GLU A 92 -17.53 -5.89 1.76
C GLU A 92 -17.40 -7.29 1.22
N ASP A 93 -16.19 -7.82 1.23
CA ASP A 93 -16.02 -9.24 0.84
C ASP A 93 -15.16 -9.91 1.90
N GLU A 94 -15.66 -11.04 2.40
CA GLU A 94 -14.91 -11.77 3.44
C GLU A 94 -14.06 -12.81 2.72
N GLU A 95 -13.31 -13.59 3.48
CA GLU A 95 -12.46 -14.66 2.89
C GLU A 95 -13.33 -15.49 1.95
N PHE A 96 -12.83 -15.80 0.75
CA PHE A 96 -13.69 -16.52 -0.21
C PHE A 96 -14.37 -17.76 0.35
N SER A 97 -13.63 -18.50 1.18
CA SER A 97 -14.09 -19.76 1.76
C SER A 97 -14.83 -19.61 3.08
N ASN A 98 -15.14 -18.36 3.51
CA ASN A 98 -15.92 -18.07 4.70
C ASN A 98 -16.73 -16.82 4.41
N ARG A 99 -17.67 -16.96 3.47
CA ARG A 99 -18.51 -15.86 3.04
C ARG A 99 -19.90 -15.97 3.63
N LYS A 100 -20.55 -14.79 3.82
CA LYS A 100 -21.92 -14.68 4.31
C LYS A 100 -22.90 -14.93 3.14
N LYS A 101 -24.13 -15.31 3.44
CA LYS A 101 -25.12 -15.57 2.39
C LYS A 101 -25.72 -14.28 1.83
N ASP A 102 -25.67 -13.18 2.59
CA ASP A 102 -26.16 -11.86 2.19
C ASP A 102 -24.94 -10.94 2.01
N MET A 103 -24.94 -10.11 0.96
CA MET A 103 -23.88 -9.14 0.70
C MET A 103 -24.29 -7.75 1.20
N THR A 104 -23.40 -7.07 1.94
CA THR A 104 -23.70 -5.72 2.42
C THR A 104 -22.86 -4.72 1.67
N CYS A 105 -23.52 -3.75 1.04
CA CYS A 105 -22.86 -2.70 0.27
C CYS A 105 -23.23 -1.32 0.83
N HIS A 106 -22.46 -0.30 0.44
CA HIS A 106 -22.74 1.07 0.79
C HIS A 106 -22.97 1.77 -0.51
N ARG A 107 -24.16 2.30 -0.72
CA ARG A 107 -24.50 2.96 -1.97
C ARG A 107 -24.36 4.45 -1.88
N PHE A 108 -23.57 4.99 -2.78
CA PHE A 108 -23.34 6.42 -2.85
C PHE A 108 -24.03 6.99 -4.06
N TYR A 109 -24.73 8.10 -3.89
CA TYR A 109 -25.45 8.73 -4.99
C TYR A 109 -25.08 10.22 -5.14
N SER A 110 -24.79 10.67 -6.38
CA SER A 110 -24.43 12.06 -6.66
C SER A 110 -24.95 12.58 -8.00
N ASN A 111 -25.40 13.84 -8.02
CA ASN A 111 -25.81 14.53 -9.26
C ASN A 111 -24.68 15.45 -9.82
N ASP A 112 -23.59 15.57 -9.06
CA ASP A 112 -22.39 16.35 -9.31
C ASP A 112 -21.21 15.40 -8.99
N GLY A 113 -20.01 15.93 -8.81
CA GLY A 113 -18.87 15.09 -8.49
C GLY A 113 -18.47 15.09 -7.03
N LYS A 114 -18.80 16.18 -6.31
CA LYS A 114 -18.32 16.38 -4.95
C LYS A 114 -19.17 15.73 -3.84
N GLU A 115 -20.48 16.06 -3.74
CA GLU A 115 -21.38 15.59 -2.69
C GLU A 115 -22.15 14.30 -3.00
N TYR A 116 -22.12 13.33 -2.05
CA TYR A 116 -22.79 12.01 -2.18
C TYR A 116 -23.61 11.66 -0.95
N ASN A 117 -24.67 10.86 -1.09
CA ASN A 117 -25.40 10.42 0.09
C ASN A 117 -25.16 8.93 0.32
N ASN A 118 -24.75 8.57 1.54
CA ASN A 118 -24.45 7.18 1.86
C ASN A 118 -25.67 6.39 2.37
N ALA A 119 -25.96 5.24 1.76
CA ALA A 119 -27.04 4.38 2.25
C ALA A 119 -26.58 2.92 2.21
N GLU A 120 -26.60 2.24 3.36
CA GLU A 120 -26.21 0.84 3.40
C GLU A 120 -27.34 -0.01 2.81
N ILE A 121 -27.00 -0.98 1.95
CA ILE A 121 -27.96 -1.90 1.35
C ILE A 121 -27.56 -3.36 1.58
N THR A 122 -28.50 -4.27 1.50
CA THR A 122 -28.25 -5.68 1.68
C THR A 122 -28.83 -6.43 0.50
N ILE A 123 -28.00 -7.32 -0.07
CA ILE A 123 -28.40 -8.16 -1.16
C ILE A 123 -28.49 -9.54 -0.55
N SER A 124 -29.70 -9.94 -0.13
CA SER A 124 -29.95 -11.21 0.52
C SER A 124 -29.85 -12.39 -0.42
N ASP A 125 -29.22 -13.49 0.05
CA ASP A 125 -29.09 -14.73 -0.73
C ASP A 125 -28.53 -14.47 -2.14
N TYR A 126 -27.57 -13.52 -2.26
CA TYR A 126 -26.99 -13.11 -3.52
C TYR A 126 -26.40 -14.30 -4.27
N ILE A 127 -26.65 -14.35 -5.57
CA ILE A 127 -26.26 -15.46 -6.44
C ILE A 127 -24.75 -15.59 -6.71
N LEU A 128 -23.93 -14.62 -6.28
CA LEU A 128 -22.49 -14.67 -6.54
C LEU A 128 -21.62 -15.14 -5.37
N LYS A 129 -22.19 -15.91 -4.42
CA LYS A 129 -21.45 -16.37 -3.25
C LYS A 129 -20.19 -17.21 -3.59
N ASP A 130 -20.25 -17.93 -4.70
CA ASP A 130 -19.15 -18.78 -5.11
C ASP A 130 -18.32 -18.19 -6.25
N LYS A 131 -18.46 -16.89 -6.54
CA LYS A 131 -17.81 -16.19 -7.64
C LYS A 131 -16.75 -15.21 -7.15
N LEU A 132 -15.80 -14.91 -8.02
CA LEU A 132 -14.77 -13.93 -7.76
C LEU A 132 -15.27 -12.60 -8.30
N LEU A 133 -15.30 -11.57 -7.45
CA LEU A 133 -15.69 -10.24 -7.83
C LEU A 133 -14.47 -9.35 -7.87
N SER A 134 -14.47 -8.39 -8.77
CA SER A 134 -13.40 -7.42 -8.92
C SER A 134 -14.02 -6.03 -8.98
N SER A 135 -13.25 -5.00 -8.65
CA SER A 135 -13.73 -3.62 -8.72
C SER A 135 -13.70 -3.13 -10.19
N TYR A 136 -14.71 -2.31 -10.60
CA TYR A 136 -14.75 -1.75 -11.97
C TYR A 136 -15.73 -0.60 -12.15
N VAL A 137 -15.54 0.21 -13.20
CA VAL A 137 -16.46 1.29 -13.61
C VAL A 137 -17.33 0.72 -14.77
N SER A 138 -18.62 1.07 -14.80
CA SER A 138 -19.51 0.55 -15.82
C SER A 138 -20.65 1.53 -16.18
N LEU A 139 -21.43 1.20 -17.20
CA LEU A 139 -22.54 2.00 -17.71
C LEU A 139 -23.86 1.22 -17.55
N PRO A 140 -25.02 1.90 -17.52
CA PRO A 140 -26.30 1.16 -17.54
C PRO A 140 -26.46 0.42 -18.88
N LEU A 141 -26.93 -0.81 -18.83
CA LEU A 141 -27.16 -1.60 -20.03
C LEU A 141 -28.66 -1.60 -20.28
N LYS A 142 -29.10 -1.01 -21.37
CA LYS A 142 -30.52 -0.96 -21.70
C LYS A 142 -31.00 -2.26 -22.33
N ILE A 143 -31.87 -2.97 -21.60
CA ILE A 143 -32.53 -4.20 -22.03
C ILE A 143 -34.02 -3.86 -22.17
N GLU A 144 -34.52 -3.75 -23.42
CA GLU A 144 -35.91 -3.36 -23.68
C GLU A 144 -36.15 -1.90 -23.12
N ASN A 145 -37.08 -1.69 -22.16
CA ASN A 145 -37.30 -0.34 -21.61
C ASN A 145 -36.67 -0.15 -20.22
N ARG A 146 -35.76 -1.05 -19.81
CA ARG A 146 -35.18 -0.99 -18.48
C ARG A 146 -33.69 -0.78 -18.55
N GLU A 147 -33.14 -0.01 -17.61
CA GLU A 147 -31.71 0.23 -17.55
C GLU A 147 -31.13 -0.50 -16.37
N TYR A 148 -30.16 -1.34 -16.68
CA TYR A 148 -29.56 -2.18 -15.66
C TYR A 148 -28.14 -1.85 -15.28
N PHE A 149 -27.83 -2.02 -14.01
CA PHE A 149 -26.47 -1.92 -13.46
C PHE A 149 -26.08 -3.36 -13.18
N LEU A 150 -24.89 -3.75 -13.63
CA LEU A 150 -24.44 -5.13 -13.52
C LEU A 150 -23.31 -5.39 -12.54
N ILE A 151 -23.47 -6.40 -11.65
CA ILE A 151 -22.40 -6.86 -10.78
C ILE A 151 -22.12 -8.29 -11.22
N CYS A 152 -21.00 -8.51 -11.93
CA CYS A 152 -20.65 -9.82 -12.46
C CYS A 152 -19.46 -10.46 -11.76
N GLY A 153 -19.54 -11.77 -11.62
CA GLY A 153 -18.45 -12.54 -11.04
C GLY A 153 -18.12 -13.75 -11.86
N VAL A 154 -16.94 -14.32 -11.65
CA VAL A 154 -16.52 -15.53 -12.35
C VAL A 154 -15.97 -16.57 -11.40
N SER A 155 -16.08 -17.85 -11.74
CA SER A 155 -15.48 -18.93 -10.95
C SER A 155 -13.97 -18.68 -10.80
N PRO A 156 -13.38 -18.76 -9.59
CA PRO A 156 -11.92 -18.56 -9.49
C PRO A 156 -11.15 -19.56 -10.34
N TYR A 157 -11.72 -20.77 -10.55
CA TYR A 157 -11.12 -21.86 -11.29
C TYR A 157 -12.17 -22.63 -12.05
N LYS A 158 -11.76 -23.12 -13.20
CA LYS A 158 -12.57 -23.95 -14.04
C LYS A 158 -11.83 -25.31 -14.13
N PHE A 159 -12.52 -26.42 -13.85
CA PHE A 159 -11.91 -27.74 -13.95
C PHE A 159 -12.60 -28.54 -15.04
N LYS A 160 -11.88 -29.48 -15.67
CA LYS A 160 -12.47 -30.32 -16.72
C LYS A 160 -13.81 -30.99 -16.27
N ASP A 161 -13.94 -31.36 -14.98
CA ASP A 161 -15.15 -31.98 -14.43
C ASP A 161 -16.14 -31.00 -13.77
N ASP A 162 -16.21 -29.76 -14.26
CA ASP A 162 -17.15 -28.78 -13.71
C ASP A 162 -18.58 -29.23 -14.01
N ASN A 163 -19.41 -29.26 -12.97
CA ASN A 163 -20.84 -29.67 -12.99
C ASN A 163 -21.66 -28.66 -13.84
N LYS A 164 -21.64 -27.38 -13.42
CA LYS A 164 -22.25 -26.26 -14.14
C LYS A 164 -21.08 -25.72 -14.99
N LYS A 165 -21.28 -25.62 -16.31
CA LYS A 165 -20.21 -25.13 -17.20
C LYS A 165 -20.21 -23.59 -17.50
N ASP A 166 -21.08 -22.77 -16.86
CA ASP A 166 -21.06 -21.32 -17.07
C ASP A 166 -20.40 -20.61 -15.93
N ASP A 167 -19.10 -20.38 -16.13
CA ASP A 167 -18.14 -19.73 -15.27
C ASP A 167 -18.57 -18.32 -14.79
N ILE A 168 -19.20 -17.50 -15.67
CA ILE A 168 -19.60 -16.14 -15.34
C ILE A 168 -21.06 -16.03 -14.95
N LEU A 169 -21.36 -15.14 -14.02
CA LEU A 169 -22.74 -14.87 -13.63
C LEU A 169 -22.88 -13.43 -13.24
N CYS A 170 -24.06 -12.83 -13.52
CA CYS A 170 -24.34 -11.42 -13.21
C CYS A 170 -25.62 -11.25 -12.39
N MET A 171 -25.58 -10.33 -11.44
CA MET A 171 -26.80 -9.91 -10.74
C MET A 171 -26.98 -8.44 -11.14
N ALA A 172 -28.22 -8.06 -11.45
CA ALA A 172 -28.50 -6.74 -11.96
C ALA A 172 -29.58 -5.98 -11.18
N SER A 173 -29.45 -4.65 -11.20
CA SER A 173 -30.35 -3.73 -10.57
C SER A 173 -30.95 -2.83 -11.63
N HIS A 174 -32.26 -2.63 -11.60
CA HIS A 174 -32.91 -1.69 -12.52
C HIS A 174 -33.58 -0.53 -11.75
N ASP A 175 -33.18 -0.31 -10.49
CA ASP A 175 -33.64 0.79 -9.67
C ASP A 175 -32.42 1.62 -9.22
N LYS A 176 -31.46 1.83 -10.12
CA LYS A 176 -30.26 2.62 -9.92
C LYS A 176 -29.36 2.11 -8.79
N GLY A 177 -29.48 0.84 -8.42
CA GLY A 177 -28.59 0.22 -7.44
C GLY A 177 -29.12 -0.10 -6.07
N GLU A 178 -30.45 -0.08 -5.88
CA GLU A 178 -31.02 -0.35 -4.55
C GLU A 178 -31.27 -1.83 -4.34
N THR A 179 -31.87 -2.49 -5.32
CA THR A 179 -32.15 -3.92 -5.25
C THR A 179 -31.45 -4.64 -6.38
N TRP A 180 -31.03 -5.88 -6.16
CA TRP A 180 -30.27 -6.62 -7.15
C TRP A 180 -30.90 -7.99 -7.38
N GLY A 181 -32.20 -8.02 -7.56
CA GLY A 181 -32.94 -9.25 -7.74
C GLY A 181 -33.04 -9.81 -9.14
N THR A 182 -32.36 -9.19 -10.11
CA THR A 182 -32.38 -9.67 -11.51
C THR A 182 -31.13 -10.52 -11.79
N LYS A 183 -31.30 -11.67 -12.40
CA LYS A 183 -30.19 -12.56 -12.73
C LYS A 183 -29.98 -12.52 -14.25
N ILE A 184 -28.74 -12.24 -14.67
CA ILE A 184 -28.43 -12.22 -16.09
C ILE A 184 -27.52 -13.40 -16.39
N VAL A 185 -28.08 -14.40 -17.07
CA VAL A 185 -27.34 -15.59 -17.45
C VAL A 185 -26.30 -15.25 -18.53
N ILE A 186 -25.07 -15.74 -18.36
CA ILE A 186 -23.99 -15.53 -19.31
C ILE A 186 -23.55 -16.92 -19.78
N LYS A 187 -23.79 -17.23 -21.04
CA LYS A 187 -23.45 -18.51 -21.61
C LYS A 187 -22.05 -18.45 -22.19
N TYR A 188 -21.10 -19.04 -21.47
CA TYR A 188 -19.72 -19.08 -21.91
C TYR A 188 -18.91 -20.07 -21.08
N ASP A 189 -18.18 -20.95 -21.79
CA ASP A 189 -17.25 -21.87 -21.11
C ASP A 189 -15.88 -21.63 -21.77
N ASN A 190 -14.83 -21.34 -20.96
CA ASN A 190 -13.48 -21.11 -21.46
C ASN A 190 -12.98 -22.30 -22.29
N TYR A 191 -12.27 -22.01 -23.37
CA TYR A 191 -11.75 -23.06 -24.26
C TYR A 191 -10.84 -24.04 -23.49
N LYS A 192 -9.95 -23.48 -22.65
CA LYS A 192 -9.01 -24.17 -21.77
C LYS A 192 -9.72 -25.09 -20.78
N LEU A 193 -9.28 -26.35 -20.73
CA LEU A 193 -9.82 -27.40 -19.88
C LEU A 193 -9.72 -27.12 -18.36
N GLY A 194 -8.60 -26.52 -17.95
CA GLY A 194 -8.40 -26.16 -16.54
C GLY A 194 -7.79 -24.79 -16.49
N VAL A 195 -8.50 -23.81 -15.93
CA VAL A 195 -8.00 -22.41 -16.01
C VAL A 195 -8.29 -21.65 -14.72
N GLN A 196 -7.45 -20.66 -14.41
CA GLN A 196 -7.73 -19.77 -13.26
C GLN A 196 -8.22 -18.46 -13.85
N TYR A 197 -9.15 -17.79 -13.20
CA TYR A 197 -9.71 -16.55 -13.70
C TYR A 197 -9.32 -15.37 -12.81
N PHE A 198 -9.24 -14.17 -13.41
CA PHE A 198 -8.93 -12.96 -12.66
C PHE A 198 -9.64 -11.77 -13.29
N PHE A 199 -9.90 -10.76 -12.48
CA PHE A 199 -10.39 -9.45 -12.87
C PHE A 199 -11.42 -9.43 -13.98
N LEU A 200 -12.56 -10.09 -13.74
CA LEU A 200 -13.65 -10.03 -14.69
C LEU A 200 -14.29 -8.66 -14.60
N ARG A 201 -14.33 -8.00 -15.73
CA ARG A 201 -14.85 -6.66 -15.88
C ARG A 201 -15.75 -6.63 -17.12
N PRO A 202 -17.04 -6.27 -16.99
CA PRO A 202 -17.89 -6.17 -18.18
C PRO A 202 -17.63 -4.86 -18.96
N TYR A 203 -17.48 -4.95 -20.28
CA TYR A 203 -17.34 -3.80 -21.17
C TYR A 203 -18.68 -3.63 -21.89
N ILE A 204 -19.31 -2.46 -21.76
CA ILE A 204 -20.59 -2.18 -22.41
C ILE A 204 -20.45 -1.00 -23.38
N SER A 205 -20.85 -1.19 -24.63
CA SER A 205 -20.83 -0.13 -25.63
C SER A 205 -22.04 -0.29 -26.53
N LYS A 206 -22.85 0.78 -26.63
CA LYS A 206 -24.06 0.85 -27.45
C LYS A 206 -24.99 -0.33 -27.18
N ASN A 207 -25.27 -0.61 -25.89
CA ASN A 207 -26.14 -1.69 -25.41
C ASN A 207 -25.69 -3.08 -25.81
N ASP A 208 -24.39 -3.24 -25.95
CA ASP A 208 -23.81 -4.53 -26.26
C ASP A 208 -22.91 -4.90 -25.11
N LEU A 209 -23.07 -6.12 -24.62
CA LEU A 209 -22.29 -6.61 -23.49
C LEU A 209 -21.07 -7.39 -23.96
N SER A 210 -19.98 -7.21 -23.24
CA SER A 210 -18.71 -7.88 -23.47
C SER A 210 -18.04 -8.08 -22.11
N PHE A 211 -16.96 -8.88 -22.07
CA PHE A 211 -16.19 -9.04 -20.85
C PHE A 211 -14.73 -9.02 -21.18
N HIS A 212 -13.97 -8.41 -20.31
CA HIS A 212 -12.54 -8.36 -20.30
C HIS A 212 -12.13 -9.09 -18.99
N PHE A 213 -11.18 -10.03 -19.12
CA PHE A 213 -10.71 -10.76 -17.94
C PHE A 213 -9.31 -11.31 -18.16
N TYR A 214 -8.77 -12.02 -17.19
CA TYR A 214 -7.46 -12.64 -17.30
C TYR A 214 -7.58 -14.10 -16.99
N VAL A 215 -6.72 -14.88 -17.59
CA VAL A 215 -6.67 -16.31 -17.43
C VAL A 215 -5.20 -16.73 -17.15
N GLY A 216 -5.02 -17.66 -16.23
CA GLY A 216 -3.72 -18.17 -15.87
C GLY A 216 -3.77 -19.66 -15.59
N ASP A 217 -2.63 -20.18 -15.14
CA ASP A 217 -2.54 -21.60 -14.77
C ASP A 217 -1.59 -21.80 -13.62
N ASN A 218 -1.48 -20.82 -12.70
CA ASN A 218 -0.57 -20.87 -11.54
C ASN A 218 0.86 -21.15 -11.98
N ILE A 219 1.30 -20.55 -13.11
CA ILE A 219 2.65 -20.79 -13.64
C ILE A 219 3.34 -19.47 -13.77
N ASN A 220 4.44 -19.33 -12.99
CA ASN A 220 5.29 -18.14 -12.83
C ASN A 220 4.31 -17.14 -12.18
N ASN A 221 3.94 -16.08 -12.87
CA ASN A 221 2.84 -15.22 -12.45
C ASN A 221 2.09 -14.74 -13.70
N VAL A 222 1.98 -15.63 -14.71
CA VAL A 222 1.33 -15.43 -15.98
C VAL A 222 -0.18 -15.22 -15.85
N LYS A 223 -0.65 -14.12 -16.45
CA LYS A 223 -2.05 -13.74 -16.56
C LYS A 223 -2.19 -13.28 -18.01
N ASN A 224 -3.08 -13.91 -18.76
CA ASN A 224 -3.33 -13.60 -20.14
C ASN A 224 -4.67 -12.93 -20.31
N VAL A 225 -4.70 -11.76 -20.94
CA VAL A 225 -5.96 -11.07 -21.17
C VAL A 225 -6.79 -11.86 -22.16
N ASN A 226 -8.08 -11.99 -21.85
CA ASN A 226 -9.07 -12.59 -22.73
C ASN A 226 -10.19 -11.58 -22.91
N PHE A 227 -10.82 -11.57 -24.07
CA PHE A 227 -11.94 -10.69 -24.34
C PHE A 227 -13.02 -11.48 -25.06
N ILE A 228 -14.22 -11.53 -24.47
CA ILE A 228 -15.33 -12.22 -25.08
C ILE A 228 -16.43 -11.24 -25.48
N GLU A 229 -16.95 -11.35 -26.72
CA GLU A 229 -18.08 -10.52 -27.15
C GLU A 229 -19.33 -11.35 -26.96
N CYS A 230 -20.37 -10.67 -26.42
CA CYS A 230 -21.63 -11.36 -26.05
C CYS A 230 -22.81 -10.86 -26.90
N THR A 231 -23.80 -11.72 -27.16
CA THR A 231 -25.02 -11.42 -27.93
C THR A 231 -26.29 -11.91 -27.19
N HIS A 232 -27.37 -11.14 -27.20
CA HIS A 232 -28.62 -11.58 -26.58
C HIS A 232 -29.17 -12.87 -27.20
N GLU A 233 -29.47 -13.85 -26.33
CA GLU A 233 -30.07 -15.14 -26.67
C GLU A 233 -31.59 -15.05 -26.30
N LYS A 234 -31.87 -14.37 -25.14
CA LYS A 234 -33.15 -14.00 -24.54
C LYS A 234 -32.93 -12.59 -23.98
N ASP A 235 -33.97 -11.97 -23.34
CA ASP A 235 -33.83 -10.64 -22.77
C ASP A 235 -32.76 -10.64 -21.69
N LEU A 236 -32.84 -11.59 -20.74
CA LEU A 236 -31.84 -11.71 -19.67
C LEU A 236 -30.77 -12.82 -19.87
N GLU A 237 -30.47 -13.22 -21.12
CA GLU A 237 -29.44 -14.25 -21.41
C GLU A 237 -28.53 -13.83 -22.55
N PHE A 238 -27.21 -14.06 -22.39
CA PHE A 238 -26.22 -13.69 -23.40
C PHE A 238 -25.36 -14.85 -23.76
N VAL A 239 -24.93 -14.94 -25.00
CA VAL A 239 -24.03 -15.99 -25.45
C VAL A 239 -22.75 -15.25 -25.70
N CYS A 240 -21.72 -15.66 -25.02
CA CYS A 240 -20.44 -15.03 -25.12
C CYS A 240 -19.45 -15.96 -25.86
N SER A 241 -18.47 -15.39 -26.54
CA SER A 241 -17.44 -16.18 -27.23
C SER A 241 -16.15 -15.39 -27.40
N ASN A 242 -15.02 -16.08 -27.47
CA ASN A 242 -13.74 -15.41 -27.57
C ASN A 242 -13.55 -14.58 -28.82
N ARG A 243 -12.96 -13.40 -28.66
CA ARG A 243 -12.61 -12.52 -29.74
C ARG A 243 -11.09 -12.49 -29.77
N ASP A 244 -10.52 -13.07 -30.81
CA ASP A 244 -9.07 -13.15 -30.95
C ASP A 244 -8.43 -11.86 -31.44
N PHE A 245 -7.58 -11.30 -30.59
CA PHE A 245 -6.77 -10.13 -30.85
C PHE A 245 -5.28 -10.53 -30.74
N LEU A 246 -4.94 -11.81 -30.87
CA LEU A 246 -3.58 -12.28 -30.71
C LEU A 246 -2.65 -11.74 -31.79
N LYS A 247 -1.47 -11.29 -31.34
CA LYS A 247 -0.38 -10.77 -32.17
C LYS A 247 0.93 -11.38 -31.70
N ASP A 248 1.76 -11.89 -32.63
CA ASP A 248 3.05 -12.45 -32.27
C ASP A 248 3.94 -11.37 -31.71
N ASN A 249 4.69 -11.72 -30.66
CA ASN A 249 5.65 -10.84 -30.00
C ASN A 249 5.05 -9.53 -29.53
N LYS A 250 3.81 -9.58 -29.02
CA LYS A 250 3.06 -8.45 -28.48
C LYS A 250 2.03 -9.04 -27.48
N VAL A 251 1.94 -8.52 -26.23
CA VAL A 251 0.99 -9.08 -25.25
C VAL A 251 -0.32 -8.22 -25.15
N LEU A 252 -1.49 -8.84 -25.34
CA LEU A 252 -2.77 -8.15 -25.31
C LEU A 252 -3.00 -7.49 -23.96
N GLN A 253 -3.43 -6.22 -23.96
CA GLN A 253 -3.59 -5.46 -22.74
C GLN A 253 -5.02 -4.96 -22.57
N ASP A 254 -5.44 -3.89 -23.27
CA ASP A 254 -6.80 -3.39 -23.08
C ASP A 254 -7.62 -3.32 -24.37
N VAL A 255 -8.95 -3.37 -24.22
CA VAL A 255 -9.86 -3.29 -25.34
C VAL A 255 -10.93 -2.24 -25.06
N SER A 256 -11.20 -1.41 -26.06
CA SER A 256 -12.24 -0.39 -26.07
C SER A 256 -12.76 -0.28 -27.55
N THR A 257 -13.77 0.59 -27.80
CA THR A 257 -14.27 0.76 -29.17
C THR A 257 -14.40 2.21 -29.52
N LEU A 258 -13.87 2.60 -30.69
CA LEU A 258 -13.98 3.95 -31.23
C LEU A 258 -14.42 3.76 -32.66
N ASN A 259 -15.36 4.58 -33.13
CA ASN A 259 -15.78 4.55 -34.51
C ASN A 259 -16.37 3.20 -34.88
N ASP A 260 -17.11 2.57 -33.96
CA ASP A 260 -17.73 1.25 -34.19
C ASP A 260 -16.75 0.12 -34.44
N GLU A 261 -15.48 0.33 -34.12
CA GLU A 261 -14.41 -0.63 -34.32
C GLU A 261 -13.65 -0.80 -33.04
N TYR A 262 -12.91 -1.91 -32.91
CA TYR A 262 -12.12 -2.13 -31.72
C TYR A 262 -10.82 -1.29 -31.71
N ILE A 263 -10.44 -0.75 -30.55
CA ILE A 263 -9.15 -0.07 -30.35
C ILE A 263 -8.49 -0.89 -29.26
N VAL A 264 -7.41 -1.56 -29.63
CA VAL A 264 -6.76 -2.53 -28.76
C VAL A 264 -5.33 -2.16 -28.43
N SER A 265 -4.98 -2.17 -27.16
CA SER A 265 -3.61 -1.87 -26.74
C SER A 265 -2.84 -3.12 -26.43
N TYR A 266 -1.56 -3.12 -26.77
CA TYR A 266 -0.69 -4.25 -26.54
C TYR A 266 0.61 -3.75 -25.90
N GLY A 267 1.30 -4.61 -25.17
CA GLY A 267 2.64 -4.32 -24.71
C GLY A 267 3.63 -5.02 -25.62
N ASN A 268 4.90 -4.60 -25.62
CA ASN A 268 5.95 -5.27 -26.42
C ASN A 268 6.25 -6.66 -25.86
N ASP A 269 6.19 -6.79 -24.53
CA ASP A 269 6.40 -8.01 -23.76
C ASP A 269 5.64 -7.86 -22.41
N ASN A 270 5.82 -8.84 -21.49
CA ASN A 270 5.15 -8.80 -20.18
C ASN A 270 5.68 -7.69 -19.24
N ASN A 271 6.81 -7.05 -19.58
CA ASN A 271 7.33 -5.93 -18.80
C ASN A 271 6.87 -4.54 -19.32
N PHE A 272 6.13 -4.51 -20.45
CA PHE A 272 5.52 -3.31 -21.02
C PHE A 272 6.44 -2.08 -21.07
N ALA A 273 7.57 -2.19 -21.76
CA ALA A 273 8.50 -1.07 -21.97
C ALA A 273 7.86 -0.01 -22.85
N GLU A 274 7.06 -0.44 -23.83
CA GLU A 274 6.33 0.39 -24.77
C GLU A 274 5.01 -0.30 -25.12
N CYS A 275 4.03 0.49 -25.60
CA CYS A 275 2.71 -0.04 -25.92
C CYS A 275 2.27 0.30 -27.36
N TYR A 276 1.51 -0.56 -28.02
CA TYR A 276 0.99 -0.30 -29.37
C TYR A 276 -0.52 -0.19 -29.30
N ILE A 277 -1.09 0.79 -29.97
CA ILE A 277 -2.54 0.89 -30.05
C ILE A 277 -2.98 0.62 -31.49
N PHE A 278 -3.84 -0.40 -31.73
CA PHE A 278 -4.30 -0.74 -33.07
C PHE A 278 -5.74 -0.36 -33.23
N PHE A 279 -6.02 0.40 -34.28
CA PHE A 279 -7.35 0.89 -34.61
C PHE A 279 -7.90 -0.04 -35.68
N ASN A 280 -8.96 -0.79 -35.34
CA ASN A 280 -9.60 -1.75 -36.24
C ASN A 280 -8.60 -2.76 -36.81
N ASN A 281 -7.43 -2.97 -36.12
CA ASN A 281 -6.34 -3.85 -36.55
C ASN A 281 -5.76 -3.38 -37.90
N GLU A 282 -5.93 -2.11 -38.26
CA GLU A 282 -5.47 -1.62 -39.54
C GLU A 282 -4.38 -0.58 -39.38
N ASN A 283 -4.58 0.33 -38.45
CA ASN A 283 -3.62 1.39 -38.21
C ASN A 283 -3.05 1.27 -36.80
N SER A 284 -1.77 1.62 -36.63
CA SER A 284 -1.14 1.50 -35.31
C SER A 284 -0.42 2.75 -34.90
N ILE A 285 -0.30 2.97 -33.60
CA ILE A 285 0.52 4.03 -33.02
C ILE A 285 1.35 3.39 -31.90
N LEU A 286 2.53 3.92 -31.64
CA LEU A 286 3.39 3.38 -30.61
C LEU A 286 3.53 4.39 -29.48
N ILE A 287 3.30 3.95 -28.24
CA ILE A 287 3.40 4.72 -27.01
C ILE A 287 4.76 4.34 -26.39
N LYS A 288 5.72 5.25 -26.36
CA LYS A 288 7.04 4.94 -25.79
C LYS A 288 7.35 5.77 -24.55
N PRO A 289 7.08 5.25 -23.36
CA PRO A 289 7.38 6.02 -22.15
C PRO A 289 8.89 6.13 -21.91
N THR A 295 11.50 11.02 -18.18
CA THR A 295 12.10 9.94 -17.41
C THR A 295 11.89 8.54 -18.09
N ALA A 296 12.57 7.48 -17.59
CA ALA A 296 12.46 6.14 -18.17
C ALA A 296 11.50 5.25 -17.32
N ALA A 297 10.38 4.87 -17.93
CA ALA A 297 9.33 4.10 -17.27
C ALA A 297 8.61 3.15 -18.33
N GLY A 298 7.58 2.41 -17.93
CA GLY A 298 6.80 1.55 -18.83
C GLY A 298 5.36 1.99 -18.94
N CYS A 299 4.52 1.22 -19.63
CA CYS A 299 3.10 1.50 -19.78
C CYS A 299 2.22 0.43 -19.08
N TYR A 300 2.79 -0.24 -18.06
CA TYR A 300 2.08 -1.26 -17.30
C TYR A 300 0.85 -0.62 -16.64
N GLY A 301 -0.30 -1.25 -16.82
CA GLY A 301 -1.55 -0.72 -16.28
C GLY A 301 -2.34 0.12 -17.25
N GLY A 302 -1.81 0.35 -18.46
CA GLY A 302 -2.47 1.09 -19.53
C GLY A 302 -3.93 0.72 -19.72
N THR A 303 -4.78 1.73 -19.73
CA THR A 303 -6.20 1.61 -19.73
C THR A 303 -6.81 2.66 -20.64
N PHE A 304 -7.82 2.27 -21.41
CA PHE A 304 -8.60 3.16 -22.23
C PHE A 304 -9.72 3.76 -21.37
N VAL A 305 -10.02 5.04 -21.62
CA VAL A 305 -11.11 5.76 -20.96
C VAL A 305 -11.82 6.45 -22.11
N LYS A 306 -12.89 5.84 -22.62
CA LYS A 306 -13.67 6.37 -23.74
C LYS A 306 -14.41 7.70 -23.39
N ILE A 307 -14.29 8.69 -24.28
CA ILE A 307 -14.92 10.00 -24.12
C ILE A 307 -16.16 10.05 -25.01
N ASP A 308 -16.00 9.80 -26.29
CA ASP A 308 -17.11 9.73 -27.23
C ASP A 308 -16.75 8.71 -28.33
N GLU A 309 -17.60 8.54 -29.36
CA GLU A 309 -17.32 7.55 -30.41
C GLU A 309 -16.04 7.86 -31.22
N ASN A 310 -15.35 8.97 -30.95
CA ASN A 310 -14.11 9.32 -31.65
C ASN A 310 -12.97 9.71 -30.73
N ARG A 311 -13.22 9.86 -29.43
CA ARG A 311 -12.19 10.27 -28.49
C ARG A 311 -12.10 9.32 -27.35
N ALA A 312 -10.89 9.11 -26.87
CA ALA A 312 -10.58 8.21 -25.77
C ALA A 312 -9.25 8.64 -25.14
N LEU A 313 -8.99 8.21 -23.91
CA LEU A 313 -7.74 8.48 -23.22
C LEU A 313 -7.04 7.14 -23.01
N PHE A 314 -5.71 7.16 -22.90
CA PHE A 314 -4.95 5.96 -22.60
C PHE A 314 -4.08 6.35 -21.43
N ILE A 315 -4.40 5.82 -20.25
CA ILE A 315 -3.73 6.25 -19.03
C ILE A 315 -2.97 5.14 -18.35
N TYR A 316 -1.77 5.47 -17.86
CA TYR A 316 -0.94 4.54 -17.08
C TYR A 316 -0.17 5.43 -16.10
N SER A 317 0.19 4.91 -14.93
CA SER A 317 0.82 5.78 -13.92
C SER A 317 2.31 5.50 -13.83
N SER A 318 3.13 6.53 -14.00
CA SER A 318 4.60 6.38 -13.81
C SER A 318 4.95 6.93 -12.42
N SER A 319 6.23 6.87 -12.06
CA SER A 319 6.67 7.39 -10.75
C SER A 319 5.67 6.99 -9.66
N GLN A 320 5.09 7.96 -8.97
CA GLN A 320 4.18 7.62 -7.87
C GLN A 320 2.79 8.05 -8.28
N GLY A 321 2.64 9.34 -8.53
CA GLY A 321 1.32 9.89 -8.90
C GLY A 321 1.45 10.69 -10.18
N ILE A 322 2.38 10.29 -11.04
CA ILE A 322 2.46 10.97 -12.37
C ILE A 322 1.65 10.11 -13.33
N TYR A 323 0.56 10.66 -13.85
CA TYR A 323 -0.30 9.89 -14.77
C TYR A 323 -0.02 10.38 -16.19
N ASN A 324 0.41 9.48 -17.07
CA ASN A 324 0.64 9.85 -18.48
C ASN A 324 -0.70 9.75 -19.20
N ILE A 325 -1.24 10.86 -19.69
CA ILE A 325 -2.57 10.86 -20.36
C ILE A 325 -2.39 11.03 -21.86
N HIS A 326 -2.75 10.01 -22.62
CA HIS A 326 -2.67 10.04 -24.07
C HIS A 326 -4.06 10.28 -24.58
N THR A 327 -4.30 11.44 -25.14
CA THR A 327 -5.59 11.79 -25.68
C THR A 327 -5.62 11.34 -27.14
N ILE A 328 -6.50 10.42 -27.47
CA ILE A 328 -6.60 9.89 -28.82
C ILE A 328 -7.87 10.29 -29.52
N TYR A 329 -7.75 10.84 -30.73
CA TYR A 329 -8.88 11.11 -31.60
C TYR A 329 -8.72 10.19 -32.81
N TYR A 330 -9.79 9.48 -33.21
CA TYR A 330 -9.73 8.59 -34.37
C TYR A 330 -11.02 8.65 -35.19
N ALA A 331 -10.91 8.80 -36.51
CA ALA A 331 -12.10 8.81 -37.38
C ALA A 331 -11.83 8.06 -38.71
N ASN A 332 -12.80 7.26 -39.17
CA ASN A 332 -12.64 6.47 -40.39
C ASN A 332 -13.91 6.49 -41.23
N TYR A 333 -13.82 7.04 -42.46
CA TYR A 333 -14.96 7.14 -43.40
C TYR A 333 -14.67 6.33 -44.67
N GLU B 1 -10.80 -41.52 -27.45
CA GLU B 1 -9.88 -42.02 -26.40
C GLU B 1 -8.64 -41.13 -26.23
N VAL B 2 -8.58 -40.41 -25.09
CA VAL B 2 -7.50 -39.48 -24.76
C VAL B 2 -6.14 -40.18 -24.78
N GLN B 3 -5.09 -39.49 -25.27
CA GLN B 3 -3.78 -40.12 -25.42
C GLN B 3 -2.64 -39.13 -25.69
N LEU B 4 -1.39 -39.56 -25.46
CA LEU B 4 -0.20 -38.77 -25.75
C LEU B 4 0.90 -39.71 -26.21
N GLN B 5 1.11 -39.86 -27.54
CA GLN B 5 2.18 -40.74 -28.04
C GLN B 5 3.51 -40.00 -28.18
N GLN B 6 4.53 -40.53 -27.54
CA GLN B 6 5.87 -39.95 -27.59
C GLN B 6 6.73 -40.61 -28.67
N SER B 7 7.79 -39.92 -29.09
CA SER B 7 8.68 -40.44 -30.11
C SER B 7 9.46 -41.69 -29.63
N GLY B 8 10.01 -42.46 -30.58
CA GLY B 8 10.75 -43.67 -30.29
C GLY B 8 12.06 -43.40 -29.59
N ALA B 9 12.60 -44.42 -28.88
CA ALA B 9 13.85 -44.32 -28.14
C ALA B 9 14.99 -43.95 -29.08
N GLU B 10 15.91 -43.10 -28.62
CA GLU B 10 16.95 -42.63 -29.57
C GLU B 10 18.31 -42.51 -28.89
N LEU B 11 19.39 -42.83 -29.63
CA LEU B 11 20.76 -42.64 -29.09
C LEU B 11 21.13 -41.17 -29.29
N VAL B 12 21.92 -40.57 -28.40
CA VAL B 12 22.32 -39.15 -28.67
C VAL B 12 23.75 -38.88 -28.20
N LYS B 13 24.72 -38.89 -29.11
CA LYS B 13 26.13 -38.58 -28.84
C LYS B 13 26.29 -37.32 -27.96
N PRO B 14 27.22 -37.35 -26.98
CA PRO B 14 27.37 -36.19 -26.07
C PRO B 14 27.62 -34.88 -26.79
N GLY B 15 26.97 -33.80 -26.37
CA GLY B 15 27.14 -32.50 -27.01
C GLY B 15 26.17 -32.24 -28.14
N ALA B 16 25.56 -33.29 -28.70
CA ALA B 16 24.57 -33.15 -29.79
C ALA B 16 23.18 -32.71 -29.24
N SER B 17 22.22 -32.33 -30.11
CA SER B 17 20.89 -31.91 -29.63
C SER B 17 19.80 -32.88 -30.08
N VAL B 18 18.70 -32.98 -29.29
CA VAL B 18 17.61 -33.88 -29.61
C VAL B 18 16.25 -33.19 -29.49
N LYS B 19 15.28 -33.66 -30.26
CA LYS B 19 13.95 -33.08 -30.27
C LYS B 19 12.95 -34.19 -30.15
N LEU B 20 12.25 -34.26 -29.03
CA LEU B 20 11.26 -35.31 -28.81
C LEU B 20 9.89 -34.79 -29.20
N SER B 21 8.99 -35.68 -29.62
CA SER B 21 7.64 -35.28 -29.99
C SER B 21 6.60 -35.87 -29.04
N CYS B 22 5.58 -35.10 -28.72
CA CYS B 22 4.50 -35.54 -27.85
C CYS B 22 3.24 -35.25 -28.65
N THR B 23 2.51 -36.28 -29.12
CA THR B 23 1.35 -36.08 -29.98
C THR B 23 0.02 -36.52 -29.36
N ALA B 24 -0.93 -35.57 -29.30
CA ALA B 24 -2.25 -35.79 -28.71
C ALA B 24 -3.19 -36.60 -29.61
N SER B 25 -4.18 -37.26 -29.00
CA SER B 25 -5.18 -38.03 -29.70
C SER B 25 -6.43 -37.98 -28.81
N GLY B 26 -7.50 -37.40 -29.31
CA GLY B 26 -8.74 -37.27 -28.55
C GLY B 26 -8.99 -35.89 -28.00
N PHE B 27 -7.98 -35.01 -28.08
CA PHE B 27 -8.08 -33.65 -27.58
C PHE B 27 -7.14 -32.72 -28.35
N ASN B 28 -7.36 -31.39 -28.25
CA ASN B 28 -6.51 -30.41 -28.93
C ASN B 28 -5.60 -29.76 -27.91
N ILE B 29 -4.26 -29.81 -28.11
CA ILE B 29 -3.26 -29.24 -27.19
C ILE B 29 -3.49 -27.74 -26.91
N LYS B 30 -4.16 -27.04 -27.85
CA LYS B 30 -4.57 -25.64 -27.77
C LYS B 30 -5.47 -25.42 -26.55
N ASP B 31 -6.33 -26.38 -26.23
CA ASP B 31 -7.26 -26.23 -25.09
C ASP B 31 -6.68 -26.63 -23.76
N THR B 32 -5.36 -26.78 -23.63
CA THR B 32 -4.70 -27.27 -22.40
C THR B 32 -3.22 -26.77 -22.32
N TYR B 33 -2.34 -27.35 -21.50
CA TYR B 33 -0.94 -26.97 -21.42
C TYR B 33 -0.15 -28.24 -21.34
N ILE B 34 0.82 -28.42 -22.22
CA ILE B 34 1.66 -29.60 -22.25
C ILE B 34 2.93 -29.34 -21.47
N HIS B 35 3.19 -30.20 -20.47
CA HIS B 35 4.34 -30.14 -19.58
C HIS B 35 5.39 -31.26 -19.87
N TRP B 36 6.62 -31.05 -19.40
CA TRP B 36 7.67 -32.04 -19.53
C TRP B 36 8.24 -32.27 -18.16
N VAL B 37 8.45 -33.54 -17.82
CA VAL B 37 9.00 -34.00 -16.54
C VAL B 37 10.20 -34.90 -16.86
N LYS B 38 11.32 -34.67 -16.19
CA LYS B 38 12.53 -35.45 -16.39
C LYS B 38 12.66 -36.44 -15.22
N GLN B 39 12.91 -37.72 -15.51
CA GLN B 39 13.09 -38.72 -14.46
C GLN B 39 14.36 -39.52 -14.70
N ARG B 40 15.38 -39.26 -13.89
CA ARG B 40 16.65 -39.98 -14.01
C ARG B 40 16.52 -41.43 -13.49
N PRO B 41 17.33 -42.38 -13.98
CA PRO B 41 17.21 -43.77 -13.47
C PRO B 41 17.41 -43.83 -11.97
N GLU B 42 16.49 -44.51 -11.27
CA GLU B 42 16.43 -44.69 -9.82
C GLU B 42 16.17 -43.38 -9.04
N GLN B 43 15.82 -42.29 -9.74
CA GLN B 43 15.54 -40.99 -9.13
C GLN B 43 14.03 -40.66 -9.17
N GLY B 44 13.64 -39.49 -8.62
CA GLY B 44 12.27 -39.01 -8.58
C GLY B 44 11.84 -38.25 -9.83
N LEU B 45 10.72 -37.50 -9.72
CA LEU B 45 10.19 -36.71 -10.82
C LEU B 45 10.67 -35.28 -10.68
N GLU B 46 11.13 -34.70 -11.79
CA GLU B 46 11.67 -33.35 -11.82
C GLU B 46 10.95 -32.53 -12.88
N TRP B 47 10.17 -31.53 -12.47
CA TRP B 47 9.40 -30.71 -13.40
C TRP B 47 10.30 -29.83 -14.25
N ILE B 48 10.14 -29.88 -15.59
CA ILE B 48 10.96 -29.06 -16.48
C ILE B 48 10.28 -27.70 -16.79
N GLY B 49 9.09 -27.74 -17.39
CA GLY B 49 8.36 -26.56 -17.80
C GLY B 49 7.13 -26.89 -18.62
N ARG B 50 6.51 -25.87 -19.21
CA ARG B 50 5.27 -26.04 -19.94
C ARG B 50 5.12 -25.07 -21.11
N ILE B 51 4.39 -25.49 -22.15
CA ILE B 51 4.02 -24.60 -23.22
C ILE B 51 2.50 -24.45 -23.21
N ASP B 52 2.03 -23.21 -23.38
CA ASP B 52 0.63 -22.92 -23.50
C ASP B 52 0.52 -22.84 -25.00
N PRO B 53 0.05 -23.91 -25.68
CA PRO B 53 0.02 -23.91 -27.14
C PRO B 53 -0.94 -22.94 -27.81
N ALA B 54 -1.84 -22.30 -27.05
CA ALA B 54 -2.78 -21.34 -27.61
C ALA B 54 -2.08 -20.04 -28.02
N ASN B 55 -1.15 -19.57 -27.19
CA ASN B 55 -0.40 -18.35 -27.48
C ASN B 55 1.10 -18.59 -27.74
N GLY B 56 1.60 -19.73 -27.33
CA GLY B 56 3.01 -20.05 -27.52
C GLY B 56 3.88 -19.72 -26.33
N ASN B 57 3.28 -19.16 -25.25
CA ASN B 57 3.93 -18.82 -24.00
C ASN B 57 4.57 -20.05 -23.40
N THR B 58 5.84 -19.95 -22.97
CA THR B 58 6.53 -21.09 -22.36
C THR B 58 7.22 -20.67 -21.11
N TYR B 59 7.29 -21.58 -20.14
CA TYR B 59 8.03 -21.34 -18.93
C TYR B 59 8.77 -22.59 -18.53
N SER B 60 10.08 -22.48 -18.34
CA SER B 60 10.93 -23.55 -17.85
C SER B 60 11.40 -23.13 -16.46
N ASP B 61 11.63 -24.10 -15.56
CA ASP B 61 12.08 -23.79 -14.20
C ASP B 61 13.43 -23.04 -14.23
N PRO B 62 13.66 -22.03 -13.36
CA PRO B 62 14.93 -21.30 -13.41
C PRO B 62 16.12 -22.21 -13.10
N LYS B 63 16.02 -23.03 -12.03
CA LYS B 63 17.06 -23.99 -11.62
C LYS B 63 17.36 -24.96 -12.78
N PHE B 64 16.32 -25.40 -13.48
CA PHE B 64 16.43 -26.21 -14.68
C PHE B 64 16.83 -25.22 -15.75
N GLN B 65 17.99 -25.42 -16.35
CA GLN B 65 18.51 -24.48 -17.33
C GLN B 65 17.59 -24.24 -18.54
N ASP B 66 17.94 -23.24 -19.32
CA ASP B 66 17.31 -22.93 -20.57
C ASP B 66 18.11 -23.66 -21.68
N LYS B 67 18.26 -24.99 -21.44
CA LYS B 67 18.80 -26.06 -22.30
C LYS B 67 17.63 -26.96 -22.83
N ALA B 68 16.39 -26.62 -22.43
CA ALA B 68 15.16 -27.24 -22.82
C ALA B 68 14.31 -26.11 -23.37
N THR B 69 13.96 -26.19 -24.65
CA THR B 69 13.08 -25.21 -25.27
C THR B 69 11.79 -25.96 -25.59
N ILE B 70 10.69 -25.48 -25.00
CA ILE B 70 9.36 -26.12 -25.24
C ILE B 70 8.77 -25.47 -26.50
N LYS B 71 8.30 -26.30 -27.43
CA LYS B 71 7.68 -25.80 -28.67
C LYS B 71 6.39 -26.57 -28.90
N ALA B 72 5.58 -26.12 -29.83
CA ALA B 72 4.32 -26.78 -30.16
C ALA B 72 3.83 -26.38 -31.53
N ASP B 73 3.06 -27.26 -32.16
CA ASP B 73 2.40 -27.01 -33.43
C ASP B 73 0.99 -27.58 -33.30
N THR B 74 -0.01 -26.70 -33.32
CA THR B 74 -1.40 -27.09 -33.14
C THR B 74 -1.99 -27.80 -34.36
N SER B 75 -1.48 -27.49 -35.57
CA SER B 75 -1.98 -28.14 -36.78
C SER B 75 -1.60 -29.63 -36.81
N SER B 76 -0.43 -29.99 -36.27
CA SER B 76 -0.04 -31.39 -36.15
C SER B 76 -0.43 -32.00 -34.79
N ASN B 77 -0.85 -31.17 -33.82
CA ASN B 77 -1.22 -31.51 -32.45
C ASN B 77 -0.02 -32.10 -31.72
N THR B 78 1.14 -31.47 -31.91
CA THR B 78 2.36 -31.98 -31.31
C THR B 78 3.12 -30.92 -30.52
N ALA B 79 3.69 -31.33 -29.39
CA ALA B 79 4.57 -30.52 -28.57
C ALA B 79 5.98 -31.12 -28.63
N TYR B 80 6.98 -30.27 -28.47
CA TYR B 80 8.36 -30.68 -28.58
C TYR B 80 9.16 -30.23 -27.40
N LEU B 81 10.20 -31.00 -27.10
CA LEU B 81 11.18 -30.69 -26.09
C LEU B 81 12.49 -30.76 -26.85
N GLN B 82 13.18 -29.63 -26.95
CA GLN B 82 14.45 -29.59 -27.61
C GLN B 82 15.49 -29.50 -26.52
N LEU B 83 16.26 -30.57 -26.35
CA LEU B 83 17.32 -30.61 -25.37
C LEU B 83 18.60 -30.43 -26.14
N SER B 84 19.41 -29.43 -25.81
CA SER B 84 20.61 -29.18 -26.63
C SER B 84 21.87 -29.57 -25.86
N SER B 85 22.99 -29.78 -26.56
CA SER B 85 24.30 -30.06 -25.89
C SER B 85 24.10 -30.96 -24.68
N LEU B 86 23.66 -32.19 -24.89
CA LEU B 86 23.30 -33.04 -23.73
C LEU B 86 24.50 -33.74 -23.09
N THR B 87 24.49 -33.83 -21.77
CA THR B 87 25.57 -34.51 -21.01
C THR B 87 24.98 -35.81 -20.47
N SER B 88 25.76 -36.59 -19.71
CA SER B 88 25.19 -37.79 -19.09
C SER B 88 24.14 -37.43 -17.98
N GLU B 89 24.23 -36.21 -17.42
CA GLU B 89 23.26 -35.70 -16.43
C GLU B 89 21.89 -35.36 -17.08
N ASP B 90 21.74 -35.60 -18.40
CA ASP B 90 20.55 -35.45 -19.24
C ASP B 90 20.02 -36.84 -19.72
N THR B 91 20.72 -37.97 -19.37
CA THR B 91 20.29 -39.35 -19.63
C THR B 91 19.21 -39.54 -18.57
N ALA B 92 17.96 -39.58 -19.03
CA ALA B 92 16.79 -39.70 -18.19
C ALA B 92 15.56 -40.05 -19.07
N VAL B 93 14.46 -40.48 -18.45
CA VAL B 93 13.23 -40.74 -19.18
C VAL B 93 12.48 -39.40 -19.21
N TYR B 94 12.16 -38.90 -20.40
CA TYR B 94 11.43 -37.63 -20.50
C TYR B 94 9.97 -37.90 -20.74
N TYR B 95 9.13 -37.43 -19.82
CA TYR B 95 7.70 -37.60 -19.94
C TYR B 95 7.08 -36.31 -20.36
N CYS B 96 6.02 -36.41 -21.16
CA CYS B 96 5.20 -35.25 -21.47
C CYS B 96 3.85 -35.54 -20.79
N ALA B 97 3.17 -34.50 -20.31
CA ALA B 97 1.90 -34.66 -19.64
C ALA B 97 0.97 -33.49 -19.97
N ARG B 98 -0.34 -33.71 -19.89
CA ARG B 98 -1.33 -32.68 -20.13
C ARG B 98 -1.72 -32.11 -18.75
N ASP B 99 -1.86 -30.77 -18.62
CA ASP B 99 -2.24 -30.16 -17.36
C ASP B 99 -3.58 -29.50 -17.39
N VAL B 100 -4.48 -29.97 -16.54
CA VAL B 100 -5.83 -29.44 -16.32
C VAL B 100 -5.93 -28.90 -14.88
N LEU B 101 -4.81 -28.31 -14.40
CA LEU B 101 -4.46 -27.86 -13.05
C LEU B 101 -3.93 -29.05 -12.16
N TYR B 102 -3.69 -30.21 -12.79
CA TYR B 102 -3.13 -31.47 -12.32
C TYR B 102 -2.77 -32.33 -13.57
N PHE B 103 -1.80 -33.24 -13.46
CA PHE B 103 -1.37 -34.05 -14.63
C PHE B 103 -2.27 -35.27 -14.80
N ASP B 104 -3.23 -35.20 -15.72
CA ASP B 104 -4.23 -36.27 -15.88
C ASP B 104 -3.97 -37.21 -17.05
N VAL B 105 -3.20 -36.77 -18.03
CA VAL B 105 -2.86 -37.58 -19.18
C VAL B 105 -1.36 -37.56 -19.31
N TRP B 106 -0.72 -38.75 -19.36
CA TRP B 106 0.72 -38.83 -19.46
C TRP B 106 1.16 -39.56 -20.73
N GLY B 107 2.38 -39.26 -21.14
CA GLY B 107 3.01 -39.96 -22.24
C GLY B 107 3.80 -41.11 -21.67
N ALA B 108 4.00 -42.17 -22.46
CA ALA B 108 4.74 -43.36 -22.01
C ALA B 108 6.21 -43.14 -21.66
N GLY B 109 6.76 -42.01 -22.07
CA GLY B 109 8.15 -41.70 -21.82
C GLY B 109 9.00 -41.93 -23.05
N THR B 110 10.06 -41.15 -23.15
CA THR B 110 11.04 -41.31 -24.19
C THR B 110 12.33 -41.61 -23.40
N THR B 111 13.01 -42.73 -23.73
CA THR B 111 14.27 -42.99 -23.06
C THR B 111 15.36 -42.23 -23.80
N VAL B 112 15.92 -41.23 -23.13
CA VAL B 112 17.03 -40.46 -23.78
C VAL B 112 18.32 -40.97 -23.19
N THR B 113 19.20 -41.47 -24.06
CA THR B 113 20.50 -41.99 -23.58
C THR B 113 21.63 -41.36 -24.39
N VAL B 114 22.52 -40.63 -23.71
CA VAL B 114 23.70 -40.07 -24.42
C VAL B 114 24.67 -41.22 -24.70
N SER B 115 25.01 -41.45 -25.98
CA SER B 115 25.82 -42.64 -26.31
C SER B 115 27.20 -42.26 -26.84
N SER B 116 28.26 -42.57 -26.09
CA SER B 116 29.64 -42.34 -26.60
C SER B 116 29.81 -43.23 -27.83
N ALA B 117 29.29 -44.46 -27.76
CA ALA B 117 29.51 -45.42 -28.86
C ALA B 117 28.23 -46.18 -29.16
N SER B 118 28.24 -47.06 -30.18
CA SER B 118 27.04 -47.85 -30.57
C SER B 118 25.80 -46.97 -30.56
N PRO B 122 23.82 -55.27 -29.22
CA PRO B 122 23.57 -56.18 -28.10
C PRO B 122 23.81 -57.64 -28.52
N SER B 123 24.79 -58.28 -27.90
CA SER B 123 25.08 -59.67 -28.20
C SER B 123 24.01 -60.54 -27.54
N VAL B 124 23.17 -61.20 -28.35
CA VAL B 124 22.09 -62.02 -27.80
C VAL B 124 22.43 -63.52 -27.77
N PHE B 125 22.70 -64.04 -26.58
CA PHE B 125 23.06 -65.46 -26.40
C PHE B 125 21.89 -66.28 -25.85
N PRO B 126 21.84 -67.59 -26.16
CA PRO B 126 20.74 -68.42 -25.65
C PRO B 126 20.99 -69.14 -24.34
N LEU B 127 20.17 -68.87 -23.31
CA LEU B 127 20.22 -69.53 -21.99
C LEU B 127 19.30 -70.77 -22.07
N ALA B 128 19.83 -71.85 -22.63
CA ALA B 128 19.11 -73.10 -22.90
C ALA B 128 18.52 -73.82 -21.67
N PRO B 129 17.30 -74.35 -21.80
CA PRO B 129 16.71 -75.10 -20.68
C PRO B 129 17.22 -76.55 -20.59
N SER B 130 18.14 -76.81 -19.65
CA SER B 130 18.71 -78.16 -19.49
C SER B 130 18.01 -78.98 -18.36
N SER B 131 18.46 -80.23 -18.09
CA SER B 131 17.87 -81.04 -17.03
C SER B 131 18.29 -80.60 -15.60
N LYS B 132 19.33 -79.73 -15.50
CA LYS B 132 19.82 -79.14 -14.24
C LYS B 132 18.86 -78.03 -13.80
N SER B 133 18.36 -77.24 -14.77
CA SER B 133 17.39 -76.17 -14.55
C SER B 133 15.95 -76.70 -14.80
N THR B 134 15.68 -77.96 -14.36
CA THR B 134 14.40 -78.67 -14.53
C THR B 134 13.96 -79.39 -13.24
N SER B 135 12.81 -78.96 -12.68
CA SER B 135 12.23 -79.55 -11.46
C SER B 135 10.95 -80.32 -11.80
N GLY B 136 11.11 -81.47 -12.47
CA GLY B 136 10.01 -82.35 -12.85
C GLY B 136 9.13 -81.81 -13.97
N GLY B 137 8.20 -80.92 -13.60
CA GLY B 137 7.29 -80.27 -14.54
C GLY B 137 7.42 -78.75 -14.48
N THR B 138 8.62 -78.26 -14.16
CA THR B 138 8.93 -76.83 -14.07
C THR B 138 10.30 -76.64 -14.70
N ALA B 139 10.49 -75.58 -15.50
CA ALA B 139 11.77 -75.38 -16.19
C ALA B 139 12.15 -73.91 -16.40
N ALA B 140 13.43 -73.62 -16.71
CA ALA B 140 13.87 -72.25 -16.94
C ALA B 140 14.66 -72.11 -18.25
N LEU B 141 14.41 -71.04 -19.02
CA LEU B 141 15.09 -70.71 -20.27
C LEU B 141 15.11 -69.18 -20.48
N GLY B 142 16.06 -68.70 -21.25
CA GLY B 142 16.16 -67.26 -21.50
C GLY B 142 17.13 -66.81 -22.55
N CYS B 143 17.45 -65.51 -22.52
CA CYS B 143 18.39 -64.81 -23.41
C CYS B 143 19.29 -63.90 -22.58
N LEU B 144 20.56 -63.77 -22.96
CA LEU B 144 21.49 -62.89 -22.25
C LEU B 144 21.87 -61.73 -23.16
N VAL B 145 21.39 -60.52 -22.82
CA VAL B 145 21.65 -59.29 -23.58
C VAL B 145 22.95 -58.69 -23.08
N LYS B 146 24.09 -59.22 -23.58
CA LYS B 146 25.43 -58.82 -23.16
C LYS B 146 26.06 -57.73 -24.04
N ASP B 147 26.90 -56.89 -23.39
CA ASP B 147 27.75 -55.83 -23.93
C ASP B 147 27.11 -54.84 -24.96
N TYR B 148 26.10 -54.08 -24.52
CA TYR B 148 25.51 -53.01 -25.38
C TYR B 148 25.79 -51.65 -24.72
N PHE B 149 25.89 -50.55 -25.49
CA PHE B 149 26.31 -49.25 -24.88
C PHE B 149 25.13 -48.38 -24.40
N PRO B 150 24.15 -47.94 -25.23
CA PRO B 150 23.00 -47.19 -24.70
C PRO B 150 22.11 -48.14 -23.87
N GLU B 151 21.44 -47.66 -22.82
CA GLU B 151 20.66 -48.59 -21.92
C GLU B 151 19.30 -49.07 -22.47
N PRO B 152 18.50 -48.40 -23.35
CA PRO B 152 17.17 -48.94 -23.74
C PRO B 152 17.24 -50.27 -24.47
N VAL B 153 16.93 -51.37 -23.78
CA VAL B 153 16.85 -52.70 -24.47
C VAL B 153 15.44 -53.24 -24.20
N THR B 154 14.80 -53.86 -25.20
CA THR B 154 13.40 -54.30 -25.02
C THR B 154 13.26 -55.78 -25.33
N VAL B 155 13.33 -56.64 -24.30
CA VAL B 155 13.20 -58.11 -24.48
C VAL B 155 11.71 -58.49 -24.41
N SER B 156 11.24 -59.23 -25.41
CA SER B 156 9.84 -59.73 -25.38
C SER B 156 9.88 -61.23 -25.66
N TRP B 157 8.76 -61.93 -25.47
CA TRP B 157 8.70 -63.40 -25.69
C TRP B 157 7.59 -63.77 -26.67
N ASN B 158 7.93 -64.49 -27.73
CA ASN B 158 6.99 -64.93 -28.77
C ASN B 158 6.15 -63.76 -29.31
N SER B 159 6.80 -62.59 -29.48
CA SER B 159 6.26 -61.32 -30.00
C SER B 159 5.05 -60.79 -29.23
N GLY B 160 4.96 -61.13 -27.95
CA GLY B 160 3.85 -60.69 -27.10
C GLY B 160 2.90 -61.81 -26.68
N ALA B 161 3.09 -63.03 -27.21
CA ALA B 161 2.24 -64.16 -26.88
C ALA B 161 2.59 -64.71 -25.49
N LEU B 162 3.89 -64.89 -25.20
CA LEU B 162 4.35 -65.41 -23.91
C LEU B 162 4.61 -64.27 -22.91
N THR B 163 3.76 -64.14 -21.89
CA THR B 163 3.88 -63.10 -20.87
C THR B 163 3.97 -63.69 -19.45
N SER B 164 3.30 -64.84 -19.22
CA SER B 164 3.30 -65.47 -17.89
C SER B 164 4.62 -66.17 -17.60
N GLY B 165 5.09 -66.04 -16.36
CA GLY B 165 6.35 -66.63 -15.92
C GLY B 165 7.59 -65.85 -16.30
N VAL B 166 7.42 -64.80 -17.13
CA VAL B 166 8.53 -63.98 -17.64
C VAL B 166 9.12 -63.05 -16.59
N HIS B 167 10.43 -63.18 -16.40
CA HIS B 167 11.22 -62.38 -15.49
C HIS B 167 12.36 -61.75 -16.27
N THR B 168 12.17 -60.51 -16.70
CA THR B 168 13.21 -59.78 -17.40
C THR B 168 13.95 -58.99 -16.35
N PHE B 169 15.17 -59.42 -16.08
CA PHE B 169 15.98 -58.82 -15.03
C PHE B 169 16.52 -57.45 -15.39
N PRO B 170 16.60 -56.53 -14.40
CA PRO B 170 17.21 -55.22 -14.66
C PRO B 170 18.64 -55.31 -15.24
N ALA B 171 19.14 -54.23 -15.83
CA ALA B 171 20.48 -54.26 -16.42
C ALA B 171 21.62 -54.04 -15.43
N VAL B 172 22.75 -54.75 -15.62
CA VAL B 172 23.96 -54.57 -14.83
C VAL B 172 25.10 -54.09 -15.72
N LEU B 173 25.68 -52.94 -15.35
CA LEU B 173 26.77 -52.31 -16.06
C LEU B 173 28.11 -53.02 -15.76
N GLN B 174 28.55 -53.92 -16.69
CA GLN B 174 29.78 -54.71 -16.58
C GLN B 174 31.06 -53.88 -16.39
N SER B 175 32.18 -54.55 -16.04
CA SER B 175 33.50 -53.90 -15.91
C SER B 175 33.88 -53.24 -17.25
N SER B 176 33.54 -53.90 -18.37
CA SER B 176 33.75 -53.40 -19.73
C SER B 176 32.98 -52.10 -20.06
N GLY B 177 32.19 -51.59 -19.12
CA GLY B 177 31.42 -50.38 -19.34
C GLY B 177 30.18 -50.58 -20.21
N LEU B 178 29.83 -51.84 -20.51
CA LEU B 178 28.68 -52.16 -21.33
C LEU B 178 27.61 -52.88 -20.47
N TYR B 179 26.32 -52.53 -20.65
CA TYR B 179 25.23 -53.16 -19.89
C TYR B 179 25.01 -54.65 -20.25
N SER B 180 24.37 -55.39 -19.34
CA SER B 180 24.10 -56.80 -19.54
C SER B 180 22.93 -57.23 -18.70
N LEU B 181 22.03 -58.04 -19.26
CA LEU B 181 20.88 -58.52 -18.50
C LEU B 181 20.37 -59.87 -18.98
N SER B 182 19.74 -60.62 -18.09
CA SER B 182 19.15 -61.92 -18.41
C SER B 182 17.61 -61.77 -18.56
N SER B 183 16.93 -62.82 -19.05
CA SER B 183 15.47 -62.77 -19.22
C SER B 183 14.92 -64.18 -19.14
N VAL B 184 14.71 -64.69 -17.93
CA VAL B 184 14.21 -66.04 -17.73
C VAL B 184 12.68 -66.12 -17.84
N VAL B 185 12.13 -67.35 -17.96
CA VAL B 185 10.70 -67.63 -18.02
C VAL B 185 10.41 -69.08 -17.58
N THR B 186 9.43 -69.25 -16.71
CA THR B 186 9.05 -70.58 -16.20
C THR B 186 7.96 -71.21 -17.06
N VAL B 187 8.22 -72.44 -17.54
CA VAL B 187 7.30 -73.24 -18.38
C VAL B 187 7.35 -74.75 -17.96
N PRO B 188 6.29 -75.56 -18.18
CA PRO B 188 6.38 -76.98 -17.81
C PRO B 188 7.33 -77.76 -18.73
N SER B 189 7.96 -78.82 -18.20
CA SER B 189 8.91 -79.62 -18.99
C SER B 189 8.26 -80.67 -19.89
N SER B 190 6.99 -80.46 -20.26
CA SER B 190 6.27 -81.38 -21.13
C SER B 190 6.24 -80.83 -22.56
N SER B 191 6.02 -79.51 -22.70
CA SER B 191 5.92 -78.84 -24.00
C SER B 191 7.19 -78.08 -24.45
N LEU B 192 8.38 -78.66 -24.20
CA LEU B 192 9.63 -78.02 -24.63
C LEU B 192 9.95 -78.40 -26.08
N GLY B 193 9.78 -79.67 -26.40
CA GLY B 193 10.01 -80.19 -27.75
C GLY B 193 8.91 -79.85 -28.75
N THR B 194 7.80 -79.27 -28.28
CA THR B 194 6.68 -78.88 -29.12
C THR B 194 6.57 -77.36 -29.22
N GLN B 195 6.55 -76.65 -28.08
CA GLN B 195 6.45 -75.19 -28.08
C GLN B 195 7.82 -74.51 -28.13
N THR B 196 8.00 -73.57 -29.09
CA THR B 196 9.23 -72.80 -29.33
C THR B 196 9.16 -71.45 -28.61
N TYR B 197 10.30 -70.96 -28.11
CA TYR B 197 10.34 -69.68 -27.38
C TYR B 197 11.39 -68.73 -27.98
N ILE B 198 10.95 -67.71 -28.72
CA ILE B 198 11.87 -66.74 -29.33
C ILE B 198 11.83 -65.40 -28.59
N CYS B 199 13.02 -64.93 -28.14
CA CYS B 199 13.11 -63.64 -27.50
C CYS B 199 13.32 -62.55 -28.54
N ASN B 200 12.54 -61.48 -28.48
CA ASN B 200 12.63 -60.40 -29.49
C ASN B 200 13.23 -59.15 -28.88
N VAL B 201 14.56 -59.12 -28.79
CA VAL B 201 15.27 -58.00 -28.19
C VAL B 201 15.47 -56.87 -29.20
N ASN B 202 14.97 -55.68 -28.87
CA ASN B 202 15.13 -54.53 -29.73
C ASN B 202 15.90 -53.44 -28.99
N HIS B 203 16.97 -52.93 -29.64
CA HIS B 203 17.81 -51.85 -29.11
C HIS B 203 17.67 -50.71 -30.09
N LYS B 204 16.61 -49.90 -29.94
CA LYS B 204 16.31 -48.73 -30.79
C LYS B 204 17.46 -47.69 -30.86
N PRO B 205 18.17 -47.33 -29.76
CA PRO B 205 19.31 -46.42 -29.89
C PRO B 205 20.34 -46.85 -30.96
N SER B 206 21.05 -47.99 -30.80
CA SER B 206 22.03 -48.48 -31.78
C SER B 206 21.39 -49.16 -33.02
N ASN B 207 20.06 -49.25 -33.07
CA ASN B 207 19.25 -49.84 -34.14
C ASN B 207 19.56 -51.32 -34.35
N THR B 208 19.30 -52.14 -33.33
CA THR B 208 19.58 -53.57 -33.44
C THR B 208 18.32 -54.36 -33.13
N LYS B 209 17.91 -55.23 -34.05
CA LYS B 209 16.76 -56.10 -33.78
C LYS B 209 17.14 -57.56 -34.00
N VAL B 210 17.27 -58.31 -32.91
CA VAL B 210 17.64 -59.72 -32.92
C VAL B 210 16.45 -60.58 -32.50
N ASP B 211 16.27 -61.77 -33.09
CA ASP B 211 15.17 -62.66 -32.72
C ASP B 211 15.68 -64.08 -32.41
N LYS B 212 16.45 -64.22 -31.33
CA LYS B 212 17.05 -65.49 -30.89
C LYS B 212 16.02 -66.57 -30.48
N LYS B 213 16.17 -67.78 -31.04
CA LYS B 213 15.31 -68.91 -30.75
C LYS B 213 15.91 -69.68 -29.57
N VAL B 214 15.09 -70.09 -28.59
CA VAL B 214 15.59 -70.85 -27.45
C VAL B 214 15.30 -72.36 -27.61
N GLU B 215 16.35 -73.18 -27.70
CA GLU B 215 16.24 -74.64 -27.89
C GLU B 215 16.86 -75.42 -26.72
N PRO B 216 16.15 -76.40 -26.14
CA PRO B 216 16.73 -77.19 -25.04
C PRO B 216 17.89 -78.12 -25.48
N LYS B 217 18.67 -78.60 -24.50
CA LYS B 217 19.81 -79.48 -24.78
C LYS B 217 19.88 -80.71 -23.82
N SER B 218 20.75 -81.70 -24.15
CA SER B 218 20.93 -82.93 -23.38
C SER B 218 21.70 -82.70 -22.06
N CYS B 219 20.98 -82.28 -21.00
CA CYS B 219 21.52 -82.04 -19.65
C CYS B 219 22.64 -81.00 -19.63
N ASP C 1 9.56 -20.83 -3.59
CA ASP C 1 8.93 -22.01 -4.19
C ASP C 1 8.33 -23.00 -3.16
N ILE C 2 7.29 -23.77 -3.54
CA ILE C 2 6.70 -24.74 -2.62
C ILE C 2 7.42 -26.09 -2.66
N VAL C 3 8.15 -26.41 -1.59
CA VAL C 3 8.91 -27.63 -1.46
C VAL C 3 8.07 -28.73 -0.82
N LEU C 4 8.07 -29.94 -1.42
CA LEU C 4 7.29 -31.07 -0.92
C LEU C 4 8.16 -32.19 -0.33
N THR C 5 7.87 -32.57 0.92
CA THR C 5 8.63 -33.64 1.56
C THR C 5 7.69 -34.77 1.92
N GLN C 6 8.08 -36.00 1.54
CA GLN C 6 7.26 -37.16 1.83
C GLN C 6 7.83 -38.01 2.93
N SER C 7 6.95 -38.43 3.81
CA SER C 7 7.28 -39.33 4.89
C SER C 7 6.29 -40.50 4.80
N PRO C 8 6.79 -41.74 4.83
CA PRO C 8 8.20 -42.15 4.91
C PRO C 8 8.83 -42.30 3.53
N ALA C 9 10.16 -42.50 3.44
CA ALA C 9 10.80 -42.72 2.13
C ALA C 9 10.32 -44.05 1.53
N SER C 10 10.07 -45.06 2.38
CA SER C 10 9.52 -46.36 1.99
C SER C 10 8.67 -46.96 3.11
N LEU C 11 7.74 -47.81 2.72
CA LEU C 11 6.77 -48.41 3.61
C LEU C 11 6.74 -49.89 3.35
N ALA C 12 6.64 -50.68 4.43
CA ALA C 12 6.48 -52.14 4.28
C ALA C 12 5.20 -52.57 4.99
N VAL C 13 4.14 -52.88 4.23
CA VAL C 13 2.87 -53.30 4.80
C VAL C 13 2.44 -54.66 4.26
N SER C 14 1.55 -55.36 4.97
CA SER C 14 1.06 -56.65 4.54
C SER C 14 -0.31 -56.50 3.86
N LEU C 15 -0.72 -57.48 3.04
CA LEU C 15 -2.01 -57.42 2.35
C LEU C 15 -3.14 -57.29 3.34
N GLY C 16 -4.02 -56.33 3.10
CA GLY C 16 -5.14 -56.11 4.00
C GLY C 16 -4.89 -55.02 5.02
N GLN C 17 -3.62 -54.62 5.23
CA GLN C 17 -3.30 -53.54 6.15
C GLN C 17 -3.52 -52.15 5.52
N ARG C 18 -3.50 -51.08 6.32
CA ARG C 18 -3.67 -49.68 5.91
C ARG C 18 -2.27 -49.05 5.74
N ALA C 19 -2.06 -48.32 4.65
CA ALA C 19 -0.80 -47.63 4.41
C ALA C 19 -1.11 -46.16 4.30
N THR C 20 -0.44 -45.31 5.10
CA THR C 20 -0.65 -43.88 5.00
C THR C 20 0.64 -43.18 4.63
N ILE C 21 0.64 -42.46 3.51
CA ILE C 21 1.78 -41.71 3.03
C ILE C 21 1.49 -40.24 3.21
N SER C 22 2.40 -39.48 3.84
CA SER C 22 2.15 -38.07 4.10
C SER C 22 2.98 -37.16 3.23
N CYS C 23 2.50 -35.96 3.00
CA CYS C 23 3.17 -34.99 2.14
C CYS C 23 3.06 -33.63 2.80
N ARG C 24 4.18 -33.04 3.22
CA ARG C 24 4.19 -31.74 3.91
C ARG C 24 4.79 -30.67 2.98
N ALA C 25 4.07 -29.54 2.77
CA ALA C 25 4.45 -28.44 1.88
C ALA C 25 5.02 -27.26 2.66
N SER C 26 6.08 -26.62 2.11
CA SER C 26 6.73 -25.49 2.75
C SER C 26 5.84 -24.24 2.86
N GLU C 27 4.83 -24.13 1.97
CA GLU C 27 3.85 -23.03 1.95
C GLU C 27 2.44 -23.63 1.80
N SER C 28 1.38 -22.85 2.05
CA SER C 28 0.02 -23.34 1.84
C SER C 28 -0.21 -23.62 0.38
N VAL C 29 -0.89 -24.70 0.10
CA VAL C 29 -1.18 -25.13 -1.26
C VAL C 29 -2.70 -24.88 -1.65
N ASP C 30 -3.46 -24.23 -0.75
CA ASP C 30 -4.86 -23.91 -0.92
C ASP C 30 -5.09 -22.58 -1.64
N SER C 31 -6.15 -22.50 -2.44
CA SER C 31 -6.48 -21.30 -3.20
C SER C 31 -7.95 -21.35 -3.52
N TYR C 32 -8.73 -20.34 -3.08
CA TYR C 32 -10.16 -20.24 -3.33
C TYR C 32 -10.97 -21.53 -3.06
N GLY C 33 -10.71 -22.15 -1.93
CA GLY C 33 -11.43 -23.36 -1.54
C GLY C 33 -10.87 -24.68 -2.06
N ASN C 34 -9.88 -24.61 -2.95
CA ASN C 34 -9.28 -25.80 -3.53
C ASN C 34 -7.93 -26.06 -2.93
N SER C 35 -7.58 -27.33 -2.69
CA SER C 35 -6.23 -27.66 -2.23
C SER C 35 -5.53 -28.28 -3.45
N PHE C 36 -4.57 -27.55 -4.06
CA PHE C 36 -3.87 -28.06 -5.23
C PHE C 36 -2.78 -29.11 -4.91
N MET C 37 -3.16 -30.24 -4.30
CA MET C 37 -2.25 -31.33 -3.95
C MET C 37 -2.80 -32.57 -4.61
N HIS C 38 -1.98 -33.23 -5.44
CA HIS C 38 -2.42 -34.38 -6.20
C HIS C 38 -1.49 -35.60 -5.94
N TRP C 39 -2.00 -36.84 -6.10
CA TRP C 39 -1.21 -38.04 -5.85
C TRP C 39 -1.09 -38.93 -7.09
N TYR C 40 0.12 -39.43 -7.37
CA TYR C 40 0.40 -40.30 -8.50
C TYR C 40 1.00 -41.62 -8.05
N GLN C 41 0.80 -42.67 -8.85
CA GLN C 41 1.39 -43.98 -8.62
C GLN C 41 2.30 -44.31 -9.81
N GLN C 42 3.57 -44.67 -9.56
CA GLN C 42 4.45 -45.06 -10.64
C GLN C 42 4.99 -46.47 -10.41
N LYS C 43 4.70 -47.35 -11.34
CA LYS C 43 5.23 -48.70 -11.30
C LYS C 43 6.45 -48.74 -12.24
N PRO C 44 7.51 -49.49 -11.87
CA PRO C 44 8.71 -49.51 -12.72
C PRO C 44 8.46 -49.78 -14.22
N GLY C 45 9.15 -49.01 -15.07
CA GLY C 45 8.99 -49.13 -16.51
C GLY C 45 7.70 -48.56 -17.04
N GLN C 46 6.95 -47.78 -16.21
CA GLN C 46 5.70 -47.15 -16.65
C GLN C 46 5.60 -45.68 -16.21
N PRO C 47 4.79 -44.82 -16.85
CA PRO C 47 4.69 -43.42 -16.40
C PRO C 47 3.86 -43.27 -15.13
N PRO C 48 3.96 -42.12 -14.39
CA PRO C 48 3.08 -41.91 -13.23
C PRO C 48 1.63 -41.86 -13.68
N LYS C 49 0.74 -42.39 -12.84
CA LYS C 49 -0.70 -42.47 -13.08
C LYS C 49 -1.37 -41.65 -12.02
N LEU C 50 -2.26 -40.71 -12.39
CA LEU C 50 -3.01 -39.90 -11.43
C LEU C 50 -4.06 -40.76 -10.67
N LEU C 51 -3.95 -40.74 -9.33
CA LEU C 51 -4.83 -41.46 -8.44
C LEU C 51 -5.90 -40.52 -7.88
N ILE C 52 -5.45 -39.41 -7.22
CA ILE C 52 -6.29 -38.41 -6.52
C ILE C 52 -5.87 -37.01 -6.93
N SER C 53 -6.80 -36.14 -7.25
CA SER C 53 -6.49 -34.75 -7.59
C SER C 53 -7.16 -33.88 -6.56
N ARG C 54 -6.71 -32.63 -6.42
CA ARG C 54 -7.31 -31.68 -5.49
C ARG C 54 -7.62 -32.24 -4.10
N ALA C 55 -6.56 -32.82 -3.50
CA ALA C 55 -6.46 -33.40 -2.17
C ALA C 55 -7.28 -34.68 -1.99
N SER C 56 -8.60 -34.64 -2.28
CA SER C 56 -9.47 -35.77 -2.02
C SER C 56 -10.26 -36.31 -3.18
N ASN C 57 -10.15 -35.71 -4.36
CA ASN C 57 -10.93 -36.16 -5.50
C ASN C 57 -10.40 -37.45 -6.11
N LEU C 58 -11.12 -38.58 -5.93
CA LEU C 58 -10.71 -39.86 -6.48
C LEU C 58 -10.96 -39.85 -7.99
N GLU C 59 -9.92 -40.11 -8.79
CA GLU C 59 -10.06 -40.09 -10.23
C GLU C 59 -10.83 -41.26 -10.76
N SER C 60 -11.59 -41.05 -11.84
CA SER C 60 -12.38 -42.14 -12.44
C SER C 60 -11.51 -43.35 -12.81
N GLY C 61 -11.95 -44.52 -12.38
CA GLY C 61 -11.22 -45.74 -12.64
C GLY C 61 -10.25 -46.14 -11.54
N ILE C 62 -10.06 -45.27 -10.53
CA ILE C 62 -9.12 -45.58 -9.45
C ILE C 62 -9.90 -46.23 -8.32
N PRO C 63 -9.46 -47.40 -7.83
CA PRO C 63 -10.25 -48.09 -6.78
C PRO C 63 -10.49 -47.30 -5.49
N ALA C 64 -11.67 -47.49 -4.88
CA ALA C 64 -12.05 -46.80 -3.64
C ALA C 64 -11.16 -47.08 -2.44
N ARG C 65 -10.24 -48.06 -2.54
CA ARG C 65 -9.27 -48.29 -1.47
C ARG C 65 -8.21 -47.14 -1.42
N PHE C 66 -8.20 -46.24 -2.42
CA PHE C 66 -7.33 -45.09 -2.47
C PHE C 66 -8.13 -43.86 -2.04
N SER C 67 -7.63 -43.12 -1.05
CA SER C 67 -8.30 -41.90 -0.59
C SER C 67 -7.27 -40.89 -0.16
N GLY C 68 -7.66 -39.63 -0.28
CA GLY C 68 -6.76 -38.55 0.10
C GLY C 68 -7.42 -37.63 1.10
N SER C 69 -6.63 -37.09 2.03
CA SER C 69 -7.13 -36.11 3.02
C SER C 69 -6.10 -35.01 3.09
N GLY C 70 -6.43 -33.87 3.69
CA GLY C 70 -5.42 -32.82 3.85
C GLY C 70 -5.99 -31.42 3.77
N SER C 71 -5.32 -30.46 4.40
CA SER C 71 -5.86 -29.08 4.47
C SER C 71 -4.92 -28.11 3.77
N ARG C 72 -4.01 -27.45 4.47
CA ARG C 72 -3.21 -26.37 3.84
C ARG C 72 -1.83 -26.85 3.42
N THR C 73 -1.05 -27.37 4.36
CA THR C 73 0.36 -27.75 4.06
C THR C 73 0.53 -29.23 4.34
N ASP C 74 -0.46 -29.86 4.96
CA ASP C 74 -0.32 -31.28 5.37
C ASP C 74 -1.39 -32.11 4.71
N PHE C 75 -0.98 -33.12 3.96
CA PHE C 75 -1.85 -34.01 3.21
C PHE C 75 -1.45 -35.48 3.40
N THR C 76 -2.41 -36.39 3.20
CA THR C 76 -2.18 -37.81 3.35
C THR C 76 -2.88 -38.61 2.25
N LEU C 77 -2.20 -39.65 1.76
CA LEU C 77 -2.74 -40.65 0.86
C LEU C 77 -2.90 -41.92 1.72
N THR C 78 -4.07 -42.53 1.66
CA THR C 78 -4.36 -43.73 2.39
C THR C 78 -4.75 -44.81 1.40
N ILE C 79 -4.11 -45.97 1.53
CA ILE C 79 -4.43 -47.14 0.74
C ILE C 79 -4.91 -48.12 1.79
N ASN C 80 -6.18 -48.44 1.77
CA ASN C 80 -6.75 -49.34 2.74
C ASN C 80 -8.00 -50.02 2.20
N PRO C 81 -7.96 -51.35 2.06
CA PRO C 81 -6.83 -52.23 2.37
C PRO C 81 -5.83 -52.33 1.23
N VAL C 82 -4.56 -52.54 1.55
CA VAL C 82 -3.50 -52.67 0.56
C VAL C 82 -3.59 -54.03 -0.15
N GLU C 83 -3.46 -54.03 -1.49
CA GLU C 83 -3.49 -55.22 -2.33
C GLU C 83 -2.14 -55.47 -3.00
N ALA C 84 -1.92 -56.68 -3.56
CA ALA C 84 -0.61 -57.03 -4.14
C ALA C 84 -0.16 -56.16 -5.32
N ASP C 85 -1.13 -55.67 -6.10
CA ASP C 85 -0.81 -54.82 -7.24
C ASP C 85 -0.72 -53.32 -6.84
N ASP C 86 -0.56 -53.05 -5.55
CA ASP C 86 -0.34 -51.69 -5.07
C ASP C 86 1.14 -51.39 -4.88
N VAL C 87 2.03 -52.35 -5.14
CA VAL C 87 3.48 -52.15 -5.07
C VAL C 87 3.86 -51.13 -6.14
N ALA C 88 4.37 -49.97 -5.72
CA ALA C 88 4.72 -48.88 -6.62
C ALA C 88 5.41 -47.73 -5.82
N THR C 89 5.91 -46.66 -6.51
CA THR C 89 6.40 -45.48 -5.81
C THR C 89 5.27 -44.45 -5.92
N TYR C 90 4.95 -43.80 -4.81
CA TYR C 90 3.87 -42.84 -4.76
C TYR C 90 4.42 -41.44 -4.57
N TYR C 91 4.04 -40.51 -5.46
CA TYR C 91 4.48 -39.13 -5.40
C TYR C 91 3.30 -38.23 -5.19
N CYS C 92 3.53 -37.14 -4.47
CA CYS C 92 2.59 -36.07 -4.30
C CYS C 92 3.09 -34.90 -5.15
N GLN C 93 2.19 -34.01 -5.59
CA GLN C 93 2.56 -32.91 -6.47
C GLN C 93 1.63 -31.74 -6.26
N GLN C 94 2.16 -30.50 -6.24
CA GLN C 94 1.30 -29.32 -6.11
C GLN C 94 1.26 -28.48 -7.37
N SER C 95 0.13 -27.82 -7.60
CA SER C 95 -0.02 -26.92 -8.72
C SER C 95 -0.58 -25.57 -8.26
N ASN C 96 -0.21 -25.13 -7.05
CA ASN C 96 -0.65 -23.85 -6.55
C ASN C 96 0.27 -22.72 -7.01
N GLU C 97 1.58 -22.97 -7.04
CA GLU C 97 2.60 -22.02 -7.42
C GLU C 97 3.59 -22.85 -8.24
N ASP C 98 3.56 -22.71 -9.57
CA ASP C 98 4.37 -23.51 -10.48
C ASP C 98 3.99 -25.01 -10.31
N ARG C 99 4.89 -25.96 -10.60
CA ARG C 99 4.61 -27.39 -10.39
C ARG C 99 5.80 -28.03 -9.67
N THR C 100 5.60 -28.60 -8.48
CA THR C 100 6.67 -29.30 -7.76
C THR C 100 6.20 -30.68 -7.29
N PHE C 101 7.10 -31.66 -7.28
CA PHE C 101 6.82 -33.04 -6.86
C PHE C 101 7.52 -33.34 -5.53
N GLY C 102 6.95 -34.26 -4.77
CA GLY C 102 7.58 -34.79 -3.56
C GLY C 102 8.60 -35.85 -3.91
N GLY C 103 9.44 -36.24 -2.95
CA GLY C 103 10.52 -37.21 -3.15
C GLY C 103 10.16 -38.60 -3.60
N GLY C 104 9.04 -39.11 -3.15
CA GLY C 104 8.57 -40.44 -3.49
C GLY C 104 8.49 -41.33 -2.29
N THR C 105 7.56 -42.27 -2.31
CA THR C 105 7.41 -43.21 -1.21
C THR C 105 7.23 -44.57 -1.80
N LYS C 106 8.22 -45.45 -1.59
CA LYS C 106 8.18 -46.80 -2.16
C LYS C 106 7.30 -47.71 -1.29
N LEU C 107 6.32 -48.38 -1.88
CA LEU C 107 5.45 -49.30 -1.15
C LEU C 107 5.86 -50.72 -1.46
N GLU C 108 6.30 -51.46 -0.42
CA GLU C 108 6.71 -52.85 -0.49
C GLU C 108 5.73 -53.66 0.30
N ILE C 109 5.40 -54.85 -0.20
CA ILE C 109 4.48 -55.73 0.49
C ILE C 109 5.29 -56.73 1.32
N GLU C 110 4.83 -57.01 2.54
CA GLU C 110 5.40 -58.01 3.42
C GLU C 110 4.48 -59.21 3.31
N ARG C 111 5.03 -60.41 3.17
CA ARG C 111 4.21 -61.63 3.07
C ARG C 111 4.91 -62.86 3.74
N THR C 112 4.29 -64.07 3.71
CA THR C 112 4.94 -65.23 4.34
C THR C 112 6.26 -65.55 3.68
N VAL C 113 7.15 -66.22 4.41
CA VAL C 113 8.44 -66.59 3.86
C VAL C 113 8.27 -67.69 2.80
N ALA C 114 8.79 -67.48 1.59
CA ALA C 114 8.70 -68.44 0.51
C ALA C 114 10.12 -68.75 0.02
N ALA C 115 10.47 -70.04 -0.06
CA ALA C 115 11.79 -70.48 -0.47
C ALA C 115 11.94 -70.36 -1.99
N PRO C 116 13.15 -70.00 -2.47
CA PRO C 116 13.34 -69.85 -3.93
C PRO C 116 13.42 -71.18 -4.72
N SER C 117 13.24 -71.11 -6.03
CA SER C 117 13.38 -72.28 -6.91
C SER C 117 14.74 -72.07 -7.60
N VAL C 118 15.77 -72.85 -7.22
CA VAL C 118 17.12 -72.65 -7.74
C VAL C 118 17.41 -73.40 -9.02
N PHE C 119 17.96 -72.70 -10.03
CA PHE C 119 18.32 -73.28 -11.32
C PHE C 119 19.74 -72.84 -11.75
N ILE C 120 20.40 -73.60 -12.64
CA ILE C 120 21.75 -73.26 -13.12
C ILE C 120 21.88 -73.47 -14.65
N PHE C 121 22.53 -72.51 -15.33
CA PHE C 121 22.71 -72.51 -16.77
C PHE C 121 24.18 -72.55 -17.18
N PRO C 122 24.59 -73.55 -17.98
CA PRO C 122 25.97 -73.54 -18.51
C PRO C 122 26.13 -72.44 -19.58
N PRO C 123 27.38 -72.00 -19.89
CA PRO C 123 27.52 -70.96 -20.94
C PRO C 123 27.15 -71.51 -22.31
N SER C 124 26.52 -70.67 -23.16
CA SER C 124 26.12 -71.12 -24.48
C SER C 124 27.31 -71.39 -25.39
N ASP C 125 27.16 -72.32 -26.35
CA ASP C 125 28.24 -72.63 -27.28
C ASP C 125 28.50 -71.49 -28.26
N GLU C 126 27.48 -70.66 -28.54
CA GLU C 126 27.64 -69.48 -29.39
C GLU C 126 28.50 -68.40 -28.67
N GLN C 127 28.41 -68.33 -27.32
CA GLN C 127 29.19 -67.41 -26.49
C GLN C 127 30.60 -67.99 -26.19
N LEU C 128 30.71 -69.34 -26.01
CA LEU C 128 31.98 -70.01 -25.78
C LEU C 128 32.95 -69.79 -26.95
N LYS C 129 32.43 -69.73 -28.18
CA LYS C 129 33.18 -69.46 -29.39
C LYS C 129 33.74 -68.01 -29.44
N SER C 130 33.11 -67.07 -28.70
CA SER C 130 33.56 -65.68 -28.67
C SER C 130 34.78 -65.47 -27.77
N GLY C 131 34.92 -66.29 -26.72
CA GLY C 131 36.08 -66.19 -25.84
C GLY C 131 35.76 -65.92 -24.39
N THR C 132 34.48 -65.65 -24.07
CA THR C 132 34.04 -65.38 -22.69
C THR C 132 32.97 -66.41 -22.26
N ALA C 133 32.87 -66.71 -20.97
CA ALA C 133 31.90 -67.68 -20.46
C ALA C 133 31.05 -67.14 -19.30
N SER C 134 29.72 -67.18 -19.44
CA SER C 134 28.80 -66.71 -18.40
C SER C 134 27.95 -67.86 -17.86
N VAL C 135 28.12 -68.21 -16.58
CA VAL C 135 27.32 -69.25 -15.93
C VAL C 135 26.23 -68.54 -15.13
N VAL C 136 24.95 -68.85 -15.40
CA VAL C 136 23.84 -68.14 -14.77
C VAL C 136 23.04 -68.96 -13.75
N CYS C 137 23.07 -68.53 -12.48
CA CYS C 137 22.30 -69.14 -11.40
C CYS C 137 21.00 -68.30 -11.27
N LEU C 138 19.85 -68.97 -11.10
CA LEU C 138 18.56 -68.29 -11.03
C LEU C 138 17.80 -68.65 -9.75
N LEU C 139 17.28 -67.64 -9.04
CA LEU C 139 16.47 -67.80 -7.83
C LEU C 139 15.08 -67.38 -8.23
N ASN C 140 14.16 -68.34 -8.30
CA ASN C 140 12.82 -68.07 -8.77
C ASN C 140 11.76 -68.00 -7.66
N ASN C 141 11.12 -66.81 -7.56
CA ASN C 141 9.98 -66.46 -6.70
C ASN C 141 10.17 -66.74 -5.21
N PHE C 142 10.81 -65.81 -4.53
CA PHE C 142 11.08 -65.95 -3.10
C PHE C 142 10.80 -64.68 -2.30
N TYR C 143 10.60 -64.86 -1.01
CA TYR C 143 10.43 -63.77 -0.08
C TYR C 143 11.04 -64.22 1.26
N PRO C 144 11.82 -63.37 1.98
CA PRO C 144 12.15 -61.97 1.70
C PRO C 144 13.18 -61.75 0.58
N ARG C 145 13.40 -60.50 0.16
CA ARG C 145 14.34 -60.14 -0.88
C ARG C 145 15.77 -60.59 -0.53
N GLU C 146 16.11 -60.62 0.76
CA GLU C 146 17.43 -61.01 1.23
C GLU C 146 17.73 -62.46 0.95
N ALA C 147 18.75 -62.67 0.11
CA ALA C 147 19.22 -63.97 -0.31
C ALA C 147 20.72 -63.87 -0.57
N LYS C 148 21.48 -64.94 -0.27
CA LYS C 148 22.92 -64.94 -0.50
C LYS C 148 23.32 -66.03 -1.48
N VAL C 149 23.85 -65.67 -2.64
CA VAL C 149 24.28 -66.66 -3.62
C VAL C 149 25.80 -66.69 -3.77
N GLN C 150 26.43 -67.80 -3.36
CA GLN C 150 27.88 -67.98 -3.46
C GLN C 150 28.22 -68.88 -4.64
N TRP C 151 29.25 -68.53 -5.40
CA TRP C 151 29.66 -69.35 -6.53
C TRP C 151 30.82 -70.24 -6.09
N LYS C 152 30.76 -71.54 -6.45
CA LYS C 152 31.81 -72.49 -6.08
C LYS C 152 32.23 -73.30 -7.29
N VAL C 153 33.47 -73.12 -7.73
CA VAL C 153 34.01 -73.85 -8.89
C VAL C 153 35.08 -74.81 -8.42
N ASP C 154 34.79 -76.12 -8.48
CA ASP C 154 35.64 -77.20 -8.00
C ASP C 154 35.89 -77.06 -6.48
N ASN C 155 34.80 -76.68 -5.76
CA ASN C 155 34.65 -76.41 -4.33
C ASN C 155 35.32 -75.08 -3.88
N ALA C 156 35.95 -74.34 -4.80
CA ALA C 156 36.59 -73.07 -4.47
C ALA C 156 35.58 -71.91 -4.52
N LEU C 157 35.49 -71.11 -3.45
CA LEU C 157 34.59 -69.96 -3.39
C LEU C 157 35.06 -68.86 -4.33
N GLN C 158 34.15 -68.34 -5.16
CA GLN C 158 34.43 -67.28 -6.11
C GLN C 158 34.03 -65.95 -5.52
N SER C 159 34.87 -64.92 -5.73
CA SER C 159 34.58 -63.57 -5.25
C SER C 159 35.19 -62.52 -6.17
N GLY C 160 34.34 -61.63 -6.65
CA GLY C 160 34.74 -60.54 -7.53
C GLY C 160 34.50 -60.76 -9.01
N ASN C 161 33.93 -61.92 -9.37
CA ASN C 161 33.67 -62.30 -10.76
C ASN C 161 32.19 -62.56 -11.08
N SER C 162 31.30 -62.03 -10.24
CA SER C 162 29.88 -62.22 -10.43
C SER C 162 29.11 -60.92 -10.22
N GLN C 163 27.93 -60.82 -10.85
CA GLN C 163 27.05 -59.65 -10.72
C GLN C 163 25.62 -60.13 -10.49
N GLU C 164 24.86 -59.41 -9.64
CA GLU C 164 23.50 -59.81 -9.34
C GLU C 164 22.43 -58.90 -9.93
N SER C 165 21.20 -59.43 -10.10
CA SER C 165 20.08 -58.66 -10.64
C SER C 165 18.81 -59.06 -9.91
N VAL C 166 18.03 -58.10 -9.38
CA VAL C 166 16.80 -58.43 -8.67
C VAL C 166 15.61 -57.75 -9.31
N THR C 167 14.60 -58.52 -9.70
CA THR C 167 13.38 -57.94 -10.28
C THR C 167 12.50 -57.22 -9.24
N GLU C 168 11.54 -56.44 -9.73
CA GLU C 168 10.55 -55.77 -8.90
C GLU C 168 9.65 -56.87 -8.29
N GLN C 169 9.07 -56.56 -7.15
CA GLN C 169 8.19 -57.46 -6.43
C GLN C 169 6.94 -57.72 -7.27
N ASP C 170 6.72 -58.97 -7.65
CA ASP C 170 5.57 -59.37 -8.45
C ASP C 170 4.22 -58.84 -7.95
N SER C 171 3.41 -58.26 -8.86
CA SER C 171 2.10 -57.69 -8.57
C SER C 171 1.00 -58.70 -8.22
N LYS C 172 1.30 -60.01 -8.27
CA LYS C 172 0.33 -61.02 -7.91
C LYS C 172 0.77 -61.76 -6.65
N ASP C 173 1.99 -62.36 -6.66
CA ASP C 173 2.44 -63.16 -5.52
C ASP C 173 3.38 -62.42 -4.59
N SER C 174 3.69 -61.15 -4.84
CA SER C 174 4.54 -60.34 -3.98
C SER C 174 5.94 -60.94 -3.70
N THR C 175 6.46 -61.81 -4.59
CA THR C 175 7.79 -62.40 -4.44
C THR C 175 8.82 -61.65 -5.31
N TYR C 176 10.12 -61.91 -5.07
CA TYR C 176 11.24 -61.37 -5.84
C TYR C 176 11.89 -62.49 -6.65
N SER C 177 12.76 -62.13 -7.59
CA SER C 177 13.54 -63.08 -8.38
C SER C 177 14.96 -62.54 -8.54
N LEU C 178 15.95 -63.44 -8.43
CA LEU C 178 17.35 -63.04 -8.50
C LEU C 178 18.15 -63.77 -9.62
N SER C 179 19.14 -63.08 -10.18
CA SER C 179 20.02 -63.59 -11.23
C SER C 179 21.47 -63.36 -10.83
N SER C 180 22.30 -64.40 -10.90
CA SER C 180 23.72 -64.29 -10.58
C SER C 180 24.48 -64.85 -11.76
N THR C 181 25.42 -64.07 -12.32
CA THR C 181 26.18 -64.49 -13.49
C THR C 181 27.66 -64.50 -13.22
N LEU C 182 28.25 -65.71 -13.20
CA LEU C 182 29.69 -65.87 -13.01
C LEU C 182 30.36 -65.63 -14.36
N THR C 183 31.03 -64.49 -14.49
CA THR C 183 31.72 -64.14 -15.73
C THR C 183 33.18 -64.57 -15.66
N LEU C 184 33.51 -65.67 -16.36
CA LEU C 184 34.87 -66.24 -16.46
C LEU C 184 35.38 -66.14 -17.90
N SER C 185 36.71 -66.24 -18.11
CA SER C 185 37.26 -66.26 -19.47
C SER C 185 37.08 -67.68 -20.05
N LYS C 186 37.19 -67.84 -21.40
CA LYS C 186 37.08 -69.17 -22.02
C LYS C 186 38.20 -70.09 -21.50
N ALA C 187 39.41 -69.53 -21.30
CA ALA C 187 40.56 -70.27 -20.79
C ALA C 187 40.31 -70.78 -19.35
N ASP C 188 39.83 -69.90 -18.45
CA ASP C 188 39.56 -70.29 -17.07
C ASP C 188 38.37 -71.25 -16.95
N TYR C 189 37.42 -71.18 -17.91
CA TYR C 189 36.25 -72.06 -17.92
C TYR C 189 36.62 -73.53 -18.14
N GLU C 190 37.45 -73.82 -19.15
CA GLU C 190 37.84 -75.20 -19.45
C GLU C 190 38.89 -75.76 -18.47
N LYS C 191 39.53 -74.90 -17.67
CA LYS C 191 40.52 -75.38 -16.67
C LYS C 191 39.85 -76.10 -15.49
N HIS C 192 38.56 -75.82 -15.24
CA HIS C 192 37.83 -76.41 -14.12
C HIS C 192 36.62 -77.22 -14.61
N LYS C 193 36.16 -78.21 -13.81
CA LYS C 193 35.04 -79.06 -14.23
C LYS C 193 33.72 -78.84 -13.47
N VAL C 194 33.73 -78.85 -12.13
CA VAL C 194 32.50 -78.71 -11.35
C VAL C 194 32.08 -77.27 -11.10
N TYR C 195 30.86 -76.90 -11.56
CA TYR C 195 30.33 -75.56 -11.43
C TYR C 195 29.04 -75.56 -10.65
N ALA C 196 29.05 -74.96 -9.45
CA ALA C 196 27.87 -74.94 -8.59
C ALA C 196 27.52 -73.56 -8.00
N CYS C 197 26.24 -73.32 -7.69
CA CYS C 197 25.84 -72.09 -7.00
C CYS C 197 25.11 -72.47 -5.70
N GLU C 198 25.54 -71.89 -4.57
CA GLU C 198 24.99 -72.19 -3.26
C GLU C 198 24.13 -71.04 -2.73
N VAL C 199 22.81 -71.29 -2.72
CA VAL C 199 21.78 -70.33 -2.31
C VAL C 199 21.44 -70.46 -0.84
N THR C 200 21.59 -69.37 -0.07
CA THR C 200 21.27 -69.35 1.36
C THR C 200 20.12 -68.33 1.59
N HIS C 201 18.96 -68.83 2.00
CA HIS C 201 17.78 -68.00 2.19
C HIS C 201 17.02 -68.39 3.48
N GLN C 202 16.21 -67.46 4.02
CA GLN C 202 15.40 -67.67 5.22
C GLN C 202 14.42 -68.84 5.05
N GLY C 203 13.87 -68.97 3.84
CA GLY C 203 12.95 -70.04 3.51
C GLY C 203 13.58 -71.41 3.40
N LEU C 204 14.93 -71.46 3.36
CA LEU C 204 15.67 -72.72 3.26
C LEU C 204 16.21 -73.16 4.62
N SER C 205 15.95 -74.42 4.96
CA SER C 205 16.39 -75.08 6.20
C SER C 205 17.92 -75.08 6.31
N SER C 206 18.59 -75.28 5.18
CA SER C 206 20.03 -75.30 5.02
C SER C 206 20.38 -74.93 3.56
N PRO C 207 21.55 -74.29 3.31
CA PRO C 207 21.90 -73.88 1.95
C PRO C 207 21.75 -74.94 0.87
N VAL C 208 21.12 -74.56 -0.24
CA VAL C 208 20.88 -75.45 -1.38
C VAL C 208 21.87 -75.19 -2.54
N THR C 209 22.56 -76.24 -2.99
CA THR C 209 23.53 -76.16 -4.10
C THR C 209 22.97 -76.82 -5.35
N LYS C 210 23.03 -76.14 -6.49
CA LYS C 210 22.58 -76.71 -7.76
C LYS C 210 23.81 -76.71 -8.68
N SER C 211 24.38 -77.89 -8.94
CA SER C 211 25.62 -78.05 -9.69
C SER C 211 25.49 -78.71 -11.09
N PHE C 212 26.55 -78.56 -11.92
CA PHE C 212 26.70 -79.15 -13.25
C PHE C 212 28.21 -79.33 -13.58
N ASN C 213 28.57 -80.40 -14.31
CA ASN C 213 29.96 -80.64 -14.71
C ASN C 213 30.19 -80.16 -16.16
N ARG C 214 31.34 -79.53 -16.46
CA ARG C 214 31.56 -78.95 -17.79
C ARG C 214 31.82 -80.02 -18.88
N GLY C 215 31.35 -79.67 -20.08
CA GLY C 215 31.24 -80.50 -21.26
C GLY C 215 29.79 -80.40 -21.75
N GLU C 216 28.84 -80.36 -20.78
CA GLU C 216 27.41 -80.17 -20.98
C GLU C 216 27.06 -78.70 -20.67
N ARG D 3 41.08 -1.75 2.18
CA ARG D 3 40.93 -0.33 2.52
C ARG D 3 39.49 0.22 2.17
N HIS D 4 39.29 1.55 2.28
CA HIS D 4 38.12 2.34 1.90
C HIS D 4 36.72 1.68 2.22
N VAL D 5 35.72 1.73 1.31
CA VAL D 5 34.32 1.34 1.57
C VAL D 5 33.80 0.03 0.95
N PHE D 6 32.98 -0.69 1.73
CA PHE D 6 32.32 -1.91 1.30
C PHE D 6 30.81 -1.74 1.57
N ILE D 7 30.00 -1.81 0.53
CA ILE D 7 28.55 -1.70 0.67
C ILE D 7 27.94 -2.82 -0.14
N ARG D 8 27.05 -3.58 0.49
CA ARG D 8 26.38 -4.67 -0.19
C ARG D 8 24.92 -4.65 0.20
N THR D 9 24.03 -4.74 -0.77
CA THR D 9 22.59 -4.76 -0.51
C THR D 9 21.98 -5.93 -1.24
N GLU D 10 20.90 -6.48 -0.69
CA GLU D 10 20.18 -7.59 -1.31
C GLU D 10 18.76 -7.62 -0.81
N LEU D 11 17.83 -7.85 -1.74
CA LEU D 11 16.42 -7.78 -1.44
C LEU D 11 15.79 -9.15 -1.47
N SER D 12 15.02 -9.46 -0.43
CA SER D 12 14.28 -10.70 -0.30
C SER D 12 12.86 -10.41 0.18
N PHE D 13 11.97 -11.41 0.08
CA PHE D 13 10.58 -11.23 0.48
C PHE D 13 10.15 -12.26 1.51
N ILE D 14 9.21 -11.85 2.36
CA ILE D 14 8.60 -12.72 3.37
C ILE D 14 7.09 -12.60 3.23
N LYS D 15 6.39 -13.73 3.13
CA LYS D 15 4.94 -13.68 3.03
C LYS D 15 4.32 -14.04 4.38
N ASN D 16 3.45 -13.18 4.86
CA ASN D 16 2.78 -13.33 6.12
C ASN D 16 1.33 -13.71 5.84
N ASN D 17 0.87 -14.76 6.51
CA ASN D 17 -0.51 -15.21 6.40
C ASN D 17 -1.43 -14.51 7.42
N VAL D 18 -0.91 -13.52 8.18
CA VAL D 18 -1.61 -12.80 9.24
C VAL D 18 -1.55 -11.31 8.96
N PRO D 19 -2.71 -10.62 8.99
CA PRO D 19 -2.69 -9.16 8.76
C PRO D 19 -2.28 -8.41 10.04
N CYS D 20 -1.06 -7.88 10.07
CA CYS D 20 -0.57 -7.17 11.24
C CYS D 20 -0.80 -5.71 11.18
N ILE D 21 -1.58 -5.19 12.11
CA ILE D 21 -1.80 -3.76 12.24
C ILE D 21 -0.47 -3.09 12.64
N ARG D 22 0.29 -3.72 13.55
CA ARG D 22 1.60 -3.22 13.93
C ARG D 22 2.65 -4.33 13.86
N ASP D 23 3.84 -3.97 13.37
CA ASP D 23 4.95 -4.91 13.28
C ASP D 23 6.07 -4.48 14.22
N MET D 24 6.66 -5.40 14.96
CA MET D 24 7.76 -5.09 15.87
C MET D 24 8.84 -6.12 15.66
N PHE D 25 9.82 -5.80 14.83
CA PHE D 25 10.89 -6.71 14.49
C PHE D 25 12.01 -6.72 15.51
N PHE D 26 12.60 -7.89 15.70
CA PHE D 26 13.74 -8.09 16.60
C PHE D 26 14.60 -9.27 16.18
N ILE D 27 15.89 -9.20 16.52
CA ILE D 27 16.81 -10.28 16.22
C ILE D 27 17.12 -11.03 17.51
N TYR D 28 16.83 -12.34 17.54
CA TYR D 28 17.12 -13.16 18.71
C TYR D 28 17.85 -14.41 18.25
N LYS D 29 19.09 -14.58 18.75
CA LYS D 29 19.96 -15.70 18.39
C LYS D 29 20.22 -15.77 16.89
N ARG D 30 20.48 -14.60 16.27
CA ARG D 30 20.77 -14.43 14.85
C ARG D 30 19.62 -14.91 13.95
N GLU D 31 18.37 -14.57 14.32
CA GLU D 31 17.15 -14.90 13.57
C GLU D 31 16.18 -13.73 13.65
N LEU D 32 15.38 -13.52 12.60
CA LEU D 32 14.42 -12.40 12.59
C LEU D 32 13.06 -12.79 13.17
N TYR D 33 12.54 -11.99 14.09
CA TYR D 33 11.24 -12.22 14.70
C TYR D 33 10.34 -11.00 14.52
N ASN D 34 9.03 -11.17 14.79
CA ASN D 34 8.07 -10.10 14.68
C ASN D 34 7.02 -10.22 15.77
N ILE D 35 6.61 -9.11 16.38
CA ILE D 35 5.53 -9.13 17.35
C ILE D 35 4.40 -8.48 16.57
N CYS D 36 3.53 -9.34 16.06
CA CYS D 36 2.41 -9.00 15.21
C CYS D 36 1.16 -8.76 16.02
N LEU D 37 0.60 -7.55 15.95
CA LEU D 37 -0.65 -7.24 16.61
C LEU D 37 -1.71 -7.41 15.52
N ASP D 38 -2.45 -8.52 15.55
CA ASP D 38 -3.42 -8.84 14.50
C ASP D 38 -4.60 -7.84 14.41
N ASP D 39 -5.22 -7.46 15.53
CA ASP D 39 -6.33 -6.50 15.49
C ASP D 39 -6.33 -5.57 16.71
N GLU D 46 -11.76 -9.02 18.87
CA GLU D 46 -10.76 -10.04 19.14
C GLU D 46 -9.36 -9.55 18.83
N THR D 47 -8.44 -9.72 19.80
CA THR D 47 -7.06 -9.27 19.62
C THR D 47 -6.01 -10.35 19.86
N HIS D 48 -5.21 -10.64 18.84
CA HIS D 48 -4.12 -11.61 18.96
C HIS D 48 -2.78 -10.87 18.86
N ILE D 49 -1.85 -11.19 19.75
CA ILE D 49 -0.52 -10.63 19.71
C ILE D 49 0.41 -11.81 19.45
N TYR D 50 0.57 -12.10 18.18
CA TYR D 50 1.38 -13.22 17.73
C TYR D 50 2.86 -12.94 17.74
N VAL D 51 3.65 -13.96 18.08
CA VAL D 51 5.10 -13.87 18.00
C VAL D 51 5.44 -14.72 16.81
N GLN D 52 5.94 -14.12 15.74
CA GLN D 52 6.28 -14.85 14.52
C GLN D 52 7.79 -14.88 14.33
N LYS D 53 8.28 -15.79 13.48
CA LYS D 53 9.70 -15.93 13.20
C LYS D 53 9.93 -16.15 11.70
N LYS D 54 10.99 -15.56 11.12
CA LYS D 54 11.30 -15.76 9.70
C LYS D 54 11.92 -17.14 9.52
N VAL D 55 11.30 -18.01 8.71
CA VAL D 55 11.87 -19.32 8.44
C VAL D 55 12.60 -19.28 7.10
N LYS D 56 11.88 -18.99 6.02
CA LYS D 56 12.46 -18.81 4.69
C LYS D 56 11.34 -18.36 3.82
N ASP D 57 11.35 -17.07 3.43
CA ASP D 57 10.30 -16.40 2.67
C ASP D 57 8.91 -16.48 3.37
N SER D 58 8.87 -16.73 4.69
CA SER D 58 7.60 -16.84 5.41
C SER D 58 7.68 -16.53 6.89
N TRP D 59 6.62 -15.93 7.42
CA TRP D 59 6.54 -15.63 8.83
C TRP D 59 5.79 -16.78 9.48
N ILE D 60 6.40 -17.41 10.49
CA ILE D 60 5.81 -18.56 11.16
C ILE D 60 5.37 -18.19 12.56
N THR D 61 4.07 -18.33 12.84
CA THR D 61 3.52 -17.98 14.14
C THR D 61 3.90 -19.00 15.19
N LEU D 62 4.67 -18.58 16.18
CA LEU D 62 5.12 -19.42 17.27
C LEU D 62 4.17 -19.35 18.47
N ASN D 63 3.64 -18.16 18.75
CA ASN D 63 2.78 -17.94 19.90
C ASN D 63 1.69 -16.89 19.65
N ASP D 64 0.68 -16.92 20.53
CA ASP D 64 -0.45 -15.94 20.50
C ASP D 64 -0.67 -15.59 21.97
N LEU D 65 -0.27 -14.42 22.42
CA LEU D 65 -0.38 -14.11 23.87
C LEU D 65 -1.80 -13.61 24.17
N PHE D 66 -2.73 -13.82 23.24
CA PHE D 66 -4.16 -13.48 23.42
C PHE D 66 -4.44 -12.17 24.17
N LYS D 67 -5.39 -12.20 25.11
CA LYS D 67 -5.79 -11.01 25.91
C LYS D 67 -6.40 -9.92 24.99
N GLU D 68 -7.69 -10.03 24.68
CA GLU D 68 -8.38 -9.02 23.83
C GLU D 68 -8.75 -7.81 24.68
N ARG D 74 -5.88 -2.79 22.46
CA ARG D 74 -4.49 -2.70 22.01
C ARG D 74 -3.59 -2.28 23.17
N PRO D 75 -2.85 -3.23 23.80
CA PRO D 75 -1.93 -2.83 24.87
C PRO D 75 -0.61 -2.29 24.34
N HIS D 76 0.20 -1.68 25.22
CA HIS D 76 1.54 -1.20 24.91
C HIS D 76 2.50 -2.37 25.03
N ILE D 77 3.31 -2.60 24.01
CA ILE D 77 4.25 -3.71 24.02
C ILE D 77 5.67 -3.22 24.20
N PHE D 78 6.33 -3.66 25.25
CA PHE D 78 7.72 -3.29 25.49
C PHE D 78 8.48 -4.60 25.50
N ALA D 79 9.15 -4.90 24.38
CA ALA D 79 9.94 -6.12 24.24
C ALA D 79 11.41 -5.78 24.45
N TYR D 80 12.10 -6.62 25.22
CA TYR D 80 13.51 -6.43 25.53
C TYR D 80 14.24 -7.68 25.13
N VAL D 81 15.27 -7.54 24.30
CA VAL D 81 16.05 -8.67 23.88
C VAL D 81 17.39 -8.71 24.62
N ASP D 82 17.45 -9.47 25.70
CA ASP D 82 18.70 -9.71 26.45
C ASP D 82 19.49 -10.78 25.64
N VAL D 83 20.75 -11.10 26.02
CA VAL D 83 21.54 -12.08 25.25
C VAL D 83 20.79 -13.43 25.07
N GLU D 84 20.50 -14.15 26.16
CA GLU D 84 19.82 -15.44 26.15
C GLU D 84 18.33 -15.35 26.52
N GLU D 85 17.75 -14.13 26.64
CA GLU D 85 16.36 -14.00 27.07
C GLU D 85 15.55 -13.00 26.28
N ILE D 86 14.22 -13.22 26.25
CA ILE D 86 13.27 -12.31 25.66
C ILE D 86 12.26 -11.97 26.73
N ILE D 87 12.17 -10.70 27.13
CA ILE D 87 11.18 -10.28 28.12
C ILE D 87 10.22 -9.35 27.39
N ILE D 88 8.95 -9.73 27.25
CA ILE D 88 7.96 -8.91 26.56
C ILE D 88 6.92 -8.51 27.57
N LEU D 89 6.58 -7.24 27.66
CA LEU D 89 5.55 -6.79 28.60
C LEU D 89 4.35 -6.27 27.84
N LEU D 90 3.15 -6.68 28.21
CA LEU D 90 1.93 -6.16 27.61
C LEU D 90 1.26 -5.30 28.69
N CYS D 91 1.25 -3.96 28.52
CA CYS D 91 0.66 -3.08 29.53
C CYS D 91 -0.58 -2.39 29.02
N GLU D 92 -1.52 -1.96 29.89
CA GLU D 92 -2.64 -1.15 29.38
C GLU D 92 -2.59 0.31 29.89
N ASP D 93 -3.37 1.22 29.26
CA ASP D 93 -3.49 2.62 29.65
C ASP D 93 -4.94 3.05 29.62
N GLU D 94 -5.68 2.63 28.59
CA GLU D 94 -7.07 3.06 28.41
C GLU D 94 -7.09 4.60 28.15
N GLU D 95 -8.13 5.33 28.60
CA GLU D 95 -8.21 6.77 28.38
C GLU D 95 -7.07 7.48 29.08
N PHE D 96 -6.31 8.31 28.35
CA PHE D 96 -5.23 9.10 28.92
C PHE D 96 -5.73 9.97 30.09
N SER D 97 -6.95 10.52 29.96
CA SER D 97 -7.55 11.41 30.93
C SER D 97 -8.32 10.70 32.05
N ASN D 98 -8.16 9.36 32.16
CA ASN D 98 -8.80 8.53 33.18
C ASN D 98 -7.86 7.37 33.52
N ARG D 99 -6.57 7.68 33.72
CA ARG D 99 -5.56 6.67 34.01
C ARG D 99 -5.55 6.29 35.50
N LYS D 100 -5.31 5.00 35.78
CA LYS D 100 -5.18 4.50 37.15
C LYS D 100 -3.80 4.91 37.72
N LYS D 101 -3.63 4.93 39.04
CA LYS D 101 -2.35 5.34 39.62
C LYS D 101 -1.28 4.23 39.55
N ASP D 102 -1.72 2.96 39.44
CA ASP D 102 -0.85 1.81 39.31
C ASP D 102 -1.02 1.25 37.89
N MET D 103 0.10 0.84 37.25
CA MET D 103 0.08 0.23 35.92
C MET D 103 0.11 -1.30 36.04
N THR D 104 -0.77 -2.00 35.31
CA THR D 104 -0.76 -3.46 35.32
C THR D 104 -0.26 -3.98 33.99
N CYS D 105 0.80 -4.79 34.04
CA CYS D 105 1.41 -5.37 32.86
C CYS D 105 1.40 -6.90 32.96
N HIS D 106 1.65 -7.56 31.83
CA HIS D 106 1.78 -9.01 31.77
C HIS D 106 3.17 -9.27 31.30
N ARG D 107 3.99 -9.92 32.11
CA ARG D 107 5.38 -10.18 31.77
C ARG D 107 5.58 -11.56 31.20
N PHE D 108 6.14 -11.62 30.03
CA PHE D 108 6.42 -12.87 29.35
C PHE D 108 7.91 -13.11 29.35
N TYR D 109 8.32 -14.32 29.69
CA TYR D 109 9.77 -14.66 29.76
C TYR D 109 10.07 -15.90 28.94
N SER D 110 11.17 -15.89 28.17
CA SER D 110 11.53 -17.00 27.26
C SER D 110 13.05 -17.14 27.23
N ASN D 111 13.58 -18.36 27.26
CA ASN D 111 15.05 -18.57 27.12
C ASN D 111 15.27 -19.02 25.68
N ASP D 112 14.16 -19.25 24.98
CA ASP D 112 14.16 -19.63 23.56
C ASP D 112 12.70 -19.37 23.23
N GLY D 113 12.29 -19.36 21.96
CA GLY D 113 10.88 -19.03 21.62
C GLY D 113 9.91 -20.11 22.03
N LYS D 114 8.61 -19.81 21.96
CA LYS D 114 7.54 -20.77 22.30
C LYS D 114 7.64 -21.19 23.77
N GLU D 115 8.25 -20.35 24.61
CA GLU D 115 8.28 -20.66 26.07
C GLU D 115 7.26 -19.68 26.62
N TYR D 116 7.67 -18.44 26.89
CA TYR D 116 6.73 -17.34 27.31
C TYR D 116 5.89 -17.69 28.55
N ASN D 117 6.51 -17.72 29.72
CA ASN D 117 5.74 -17.93 30.97
C ASN D 117 5.05 -16.61 31.34
N ASN D 118 3.73 -16.63 31.55
CA ASN D 118 2.99 -15.36 31.80
C ASN D 118 2.91 -15.03 33.29
N ALA D 119 3.28 -13.80 33.68
CA ALA D 119 3.13 -13.38 35.07
C ALA D 119 2.63 -11.92 35.11
N GLU D 120 1.50 -11.68 35.75
CA GLU D 120 0.97 -10.32 35.85
C GLU D 120 1.80 -9.54 36.88
N ILE D 121 2.17 -8.29 36.56
CA ILE D 121 2.92 -7.42 37.47
C ILE D 121 2.20 -6.09 37.65
N THR D 122 2.50 -5.40 38.75
CA THR D 122 1.91 -4.10 39.02
C THR D 122 3.04 -3.13 39.34
N ILE D 123 2.97 -1.97 38.70
CA ILE D 123 3.90 -0.89 38.90
C ILE D 123 3.10 0.16 39.64
N SER D 124 3.19 0.15 40.97
CA SER D 124 2.43 1.07 41.83
C SER D 124 2.93 2.49 41.75
N ASP D 125 2.00 3.45 41.71
CA ASP D 125 2.33 4.89 41.69
C ASP D 125 3.38 5.24 40.62
N TYR D 126 3.27 4.59 39.44
CA TYR D 126 4.21 4.75 38.34
C TYR D 126 4.32 6.21 37.92
N ILE D 127 5.55 6.66 37.68
CA ILE D 127 5.89 8.04 37.36
C ILE D 127 5.44 8.52 35.96
N LEU D 128 4.92 7.63 35.11
CA LEU D 128 4.51 8.02 33.76
C LEU D 128 3.00 8.22 33.56
N LYS D 129 2.25 8.49 34.64
CA LYS D 129 0.79 8.66 34.56
C LYS D 129 0.34 9.78 33.59
N ASP D 130 1.17 10.80 33.43
CA ASP D 130 0.84 11.94 32.59
C ASP D 130 1.58 11.96 31.27
N LYS D 131 2.17 10.83 30.88
CA LYS D 131 3.01 10.68 29.69
C LYS D 131 2.35 9.79 28.63
N LEU D 132 2.76 9.95 27.40
CA LEU D 132 2.32 9.14 26.29
C LEU D 132 3.30 8.00 26.11
N LEU D 133 2.82 6.77 26.12
CA LEU D 133 3.63 5.59 25.92
C LEU D 133 3.34 5.00 24.57
N SER D 134 4.36 4.42 23.95
CA SER D 134 4.27 3.76 22.65
C SER D 134 4.91 2.40 22.75
N SER D 135 4.54 1.49 21.88
CA SER D 135 5.11 0.15 21.85
C SER D 135 6.49 0.18 21.15
N TYR D 136 7.48 -0.62 21.64
CA TYR D 136 8.81 -0.69 21.03
C TYR D 136 9.66 -1.89 21.46
N VAL D 137 10.70 -2.24 20.69
CA VAL D 137 11.68 -3.27 21.02
C VAL D 137 12.93 -2.54 21.55
N SER D 138 13.59 -3.07 22.56
CA SER D 138 14.74 -2.42 23.16
C SER D 138 15.79 -3.42 23.73
N LEU D 139 16.94 -2.91 24.15
CA LEU D 139 18.06 -3.67 24.68
C LEU D 139 18.33 -3.25 26.13
N PRO D 140 18.96 -4.10 26.95
CA PRO D 140 19.37 -3.64 28.29
C PRO D 140 20.45 -2.54 28.18
N LEU D 141 20.37 -1.52 29.02
CA LEU D 141 21.29 -0.39 29.05
C LEU D 141 22.14 -0.53 30.32
N LYS D 142 23.44 -0.73 30.17
CA LYS D 142 24.32 -0.88 31.33
C LYS D 142 24.61 0.47 31.97
N ILE D 143 24.41 0.55 33.28
CA ILE D 143 24.69 1.71 34.11
C ILE D 143 25.40 1.20 35.38
N GLU D 144 26.67 1.61 35.56
CA GLU D 144 27.53 1.17 36.64
C GLU D 144 27.78 -0.35 36.52
N ASN D 145 27.01 -1.18 37.23
CA ASN D 145 27.14 -2.65 37.21
C ASN D 145 25.82 -3.35 36.84
N ARG D 146 24.72 -2.59 36.64
CA ARG D 146 23.43 -3.19 36.40
C ARG D 146 22.96 -3.00 34.98
N GLU D 147 22.21 -3.98 34.45
CA GLU D 147 21.58 -3.89 33.13
C GLU D 147 20.10 -3.50 33.32
N TYR D 148 19.72 -2.35 32.74
CA TYR D 148 18.38 -1.83 32.86
C TYR D 148 17.49 -1.99 31.65
N PHE D 149 16.22 -2.19 31.88
CA PHE D 149 15.17 -2.21 30.87
C PHE D 149 14.43 -0.91 31.06
N LEU D 150 14.21 -0.17 29.97
CA LEU D 150 13.59 1.15 30.05
C LEU D 150 12.18 1.27 29.48
N ILE D 151 11.25 1.87 30.26
CA ILE D 151 9.91 2.21 29.77
C ILE D 151 9.84 3.72 29.81
N CYS D 152 9.91 4.36 28.63
CA CYS D 152 9.92 5.82 28.52
C CYS D 152 8.65 6.40 27.92
N GLY D 153 8.28 7.55 28.43
CA GLY D 153 7.11 8.26 27.94
C GLY D 153 7.39 9.73 27.72
N VAL D 154 6.56 10.38 26.93
CA VAL D 154 6.73 11.82 26.66
C VAL D 154 5.41 12.57 26.86
N SER D 155 5.46 13.86 27.22
CA SER D 155 4.27 14.69 27.32
C SER D 155 3.54 14.70 25.96
N PRO D 156 2.21 14.47 25.90
CA PRO D 156 1.53 14.52 24.58
C PRO D 156 1.69 15.89 23.91
N TYR D 157 1.86 16.93 24.69
CA TYR D 157 2.00 18.30 24.24
C TYR D 157 2.96 19.08 25.13
N LYS D 158 3.67 19.99 24.51
CA LYS D 158 4.57 20.88 25.20
C LYS D 158 4.01 22.30 24.94
N PHE D 159 3.80 23.09 25.99
CA PHE D 159 3.32 24.46 25.85
C PHE D 159 4.38 25.42 26.34
N LYS D 160 4.42 26.64 25.79
CA LYS D 160 5.39 27.65 26.23
C LYS D 160 5.42 27.82 27.78
N ASP D 161 4.28 27.66 28.44
CA ASP D 161 4.20 27.88 29.92
C ASP D 161 4.30 26.55 30.69
N ASP D 162 5.08 25.59 30.21
CA ASP D 162 5.12 24.28 30.91
C ASP D 162 5.87 24.44 32.23
N ASN D 163 5.31 23.97 33.35
CA ASN D 163 5.98 24.18 34.66
C ASN D 163 7.24 23.31 34.68
N LYS D 164 7.09 22.02 34.40
CA LYS D 164 8.21 21.07 34.36
C LYS D 164 8.63 21.01 32.90
N LYS D 165 9.87 21.39 32.59
CA LYS D 165 10.32 21.50 31.18
C LYS D 165 10.96 20.22 30.61
N ASP D 166 10.95 19.12 31.36
CA ASP D 166 11.47 17.86 30.81
C ASP D 166 10.35 16.94 30.40
N ASP D 167 10.03 17.05 29.12
CA ASP D 167 9.01 16.34 28.37
C ASP D 167 9.11 14.82 28.46
N ILE D 168 10.34 14.24 28.46
CA ILE D 168 10.53 12.79 28.49
C ILE D 168 10.89 12.29 29.88
N LEU D 169 10.40 11.12 30.21
CA LEU D 169 10.72 10.48 31.49
C LEU D 169 10.77 8.99 31.32
N CYS D 170 11.66 8.32 32.07
CA CYS D 170 11.84 6.86 31.99
C CYS D 170 11.74 6.20 33.35
N MET D 171 11.11 5.04 33.40
CA MET D 171 11.13 4.19 34.58
C MET D 171 11.89 2.94 34.15
N ALA D 172 12.79 2.46 35.01
CA ALA D 172 13.65 1.35 34.67
C ALA D 172 13.62 0.19 35.66
N SER D 173 13.89 -1.00 35.15
CA SER D 173 13.94 -2.23 35.88
C SER D 173 15.34 -2.82 35.74
N HIS D 174 15.93 -3.25 36.86
CA HIS D 174 17.21 -3.92 36.81
C HIS D 174 17.11 -5.38 37.32
N ASP D 175 15.88 -5.92 37.37
CA ASP D 175 15.60 -7.32 37.73
C ASP D 175 14.86 -8.00 36.58
N LYS D 176 15.29 -7.71 35.34
CA LYS D 176 14.76 -8.29 34.11
C LYS D 176 13.27 -8.02 33.86
N GLY D 177 12.71 -7.00 34.51
CA GLY D 177 11.33 -6.60 34.26
C GLY D 177 10.29 -6.85 35.32
N GLU D 178 10.70 -7.19 36.55
CA GLU D 178 9.74 -7.48 37.62
C GLU D 178 9.32 -6.22 38.36
N THR D 179 10.31 -5.40 38.75
CA THR D 179 10.04 -4.15 39.47
C THR D 179 10.59 -2.97 38.65
N TRP D 180 9.92 -1.83 38.74
CA TRP D 180 10.28 -0.67 37.94
C TRP D 180 10.44 0.55 38.83
N GLY D 181 11.17 0.39 39.92
CA GLY D 181 11.37 1.46 40.88
C GLY D 181 12.52 2.41 40.64
N THR D 182 13.19 2.29 39.48
CA THR D 182 14.31 3.19 39.12
C THR D 182 13.81 4.30 38.20
N LYS D 183 14.17 5.54 38.48
CA LYS D 183 13.76 6.67 37.65
C LYS D 183 15.00 7.17 36.88
N ILE D 184 14.88 7.28 35.55
CA ILE D 184 15.99 7.77 34.74
C ILE D 184 15.60 9.12 34.20
N VAL D 185 16.30 10.13 34.68
CA VAL D 185 16.02 11.52 34.36
C VAL D 185 16.55 11.86 32.97
N ILE D 186 15.70 12.39 32.11
CA ILE D 186 16.08 12.76 30.76
C ILE D 186 15.95 14.30 30.66
N LYS D 187 17.08 15.02 30.62
CA LYS D 187 17.08 16.46 30.51
C LYS D 187 17.05 16.82 29.06
N TYR D 188 15.86 17.27 28.57
CA TYR D 188 15.62 17.70 27.20
C TYR D 188 14.34 18.50 27.09
N ASP D 189 14.41 19.68 26.48
CA ASP D 189 13.21 20.48 26.18
C ASP D 189 13.25 20.75 24.68
N ASN D 190 12.13 20.40 23.94
CA ASN D 190 12.05 20.61 22.49
C ASN D 190 12.27 22.08 22.15
N TYR D 191 12.99 22.32 21.05
CA TYR D 191 13.31 23.69 20.62
C TYR D 191 12.04 24.51 20.39
N LYS D 192 11.04 23.88 19.71
CA LYS D 192 9.71 24.39 19.41
C LYS D 192 8.93 24.77 20.68
N LEU D 193 8.41 25.99 20.72
CA LEU D 193 7.66 26.56 21.82
C LEU D 193 6.36 25.81 22.16
N GLY D 194 5.70 25.27 21.14
CA GLY D 194 4.47 24.51 21.29
C GLY D 194 4.45 23.36 20.32
N VAL D 195 4.48 22.13 20.82
CA VAL D 195 4.51 20.95 19.96
C VAL D 195 3.67 19.81 20.47
N GLN D 196 3.24 18.93 19.57
CA GLN D 196 2.64 17.68 19.94
C GLN D 196 3.75 16.62 19.74
N TYR D 197 3.72 15.57 20.57
CA TYR D 197 4.69 14.50 20.49
C TYR D 197 4.00 13.19 20.09
N PHE D 198 4.75 12.29 19.43
CA PHE D 198 4.24 10.99 19.05
C PHE D 198 5.37 9.97 19.08
N PHE D 199 4.99 8.72 19.30
CA PHE D 199 5.85 7.54 19.17
C PHE D 199 7.28 7.69 19.66
N LEU D 200 7.42 7.98 20.97
CA LEU D 200 8.75 8.04 21.55
C LEU D 200 9.27 6.63 21.72
N ARG D 201 10.41 6.32 21.07
CA ARG D 201 11.10 5.05 21.24
C ARG D 201 12.56 5.34 21.54
N PRO D 202 13.09 4.74 22.60
CA PRO D 202 14.52 4.90 22.89
C PRO D 202 15.39 4.01 21.98
N TYR D 203 16.44 4.58 21.39
CA TYR D 203 17.42 3.83 20.59
C TYR D 203 18.68 3.67 21.46
N ILE D 204 19.12 2.43 21.70
CA ILE D 204 20.30 2.15 22.51
C ILE D 204 21.35 1.42 21.69
N SER D 205 22.59 1.93 21.65
CA SER D 205 23.69 1.29 20.95
C SER D 205 24.97 1.53 21.73
N LYS D 206 25.68 0.45 22.10
CA LYS D 206 26.95 0.50 22.84
C LYS D 206 26.85 1.37 24.10
N ASN D 207 25.79 1.15 24.91
CA ASN D 207 25.54 1.89 26.15
C ASN D 207 25.34 3.38 25.98
N ASP D 208 24.85 3.76 24.80
CA ASP D 208 24.54 5.14 24.53
C ASP D 208 23.04 5.23 24.29
N LEU D 209 22.42 6.16 25.00
CA LEU D 209 20.98 6.34 24.91
C LEU D 209 20.66 7.44 23.93
N SER D 210 19.59 7.22 23.17
CA SER D 210 19.06 8.16 22.20
C SER D 210 17.55 7.98 22.17
N PHE D 211 16.84 8.90 21.49
CA PHE D 211 15.41 8.79 21.30
C PHE D 211 15.07 9.17 19.89
N HIS D 212 14.11 8.43 19.34
CA HIS D 212 13.48 8.65 18.05
C HIS D 212 12.01 8.95 18.38
N PHE D 213 11.49 10.03 17.80
CA PHE D 213 10.10 10.39 18.02
C PHE D 213 9.55 11.25 16.88
N TYR D 214 8.29 11.66 16.97
CA TYR D 214 7.67 12.50 15.97
C TYR D 214 7.12 13.73 16.65
N VAL D 215 7.08 14.82 15.91
CA VAL D 215 6.63 16.10 16.37
C VAL D 215 5.67 16.67 15.32
N GLY D 216 4.59 17.27 15.80
CA GLY D 216 3.60 17.88 14.95
C GLY D 216 3.05 19.15 15.57
N ASP D 217 2.09 19.74 14.89
CA ASP D 217 1.45 20.95 15.38
C ASP D 217 -0.03 20.99 15.00
N ASN D 218 -0.68 19.83 14.93
CA ASN D 218 -2.09 19.67 14.57
C ASN D 218 -2.39 20.36 13.25
N ILE D 219 -1.47 20.26 12.27
CA ILE D 219 -1.64 20.91 10.97
C ILE D 219 -1.54 19.85 9.89
N ASN D 220 -2.65 19.55 9.18
CA ASN D 220 -2.76 18.62 8.05
C ASN D 220 -2.11 17.24 8.23
N ASN D 221 -2.22 16.66 9.41
CA ASN D 221 -1.69 15.35 9.78
C ASN D 221 -0.16 15.20 9.68
N VAL D 222 0.56 16.31 9.70
CA VAL D 222 2.01 16.37 9.65
C VAL D 222 2.65 15.85 10.91
N LYS D 223 3.62 14.93 10.75
CA LYS D 223 4.42 14.34 11.81
C LYS D 223 5.84 14.35 11.26
N ASN D 224 6.74 15.02 11.97
CA ASN D 224 8.13 15.14 11.60
C ASN D 224 9.00 14.32 12.50
N VAL D 225 9.83 13.45 11.96
CA VAL D 225 10.75 12.68 12.78
C VAL D 225 11.80 13.61 13.41
N ASN D 226 12.05 13.39 14.70
CA ASN D 226 13.10 14.04 15.46
C ASN D 226 13.98 12.96 16.07
N PHE D 227 15.27 13.24 16.21
CA PHE D 227 16.19 12.31 16.83
C PHE D 227 17.11 13.09 17.77
N ILE D 228 17.13 12.69 19.05
CA ILE D 228 17.98 13.34 20.03
C ILE D 228 19.04 12.38 20.56
N GLU D 229 20.31 12.81 20.60
CA GLU D 229 21.38 11.98 21.17
C GLU D 229 21.62 12.44 22.61
N CYS D 230 22.05 11.52 23.50
CA CYS D 230 22.21 11.83 24.92
C CYS D 230 23.59 11.52 25.44
N THR D 231 23.98 12.21 26.54
CA THR D 231 25.20 11.83 27.24
C THR D 231 24.86 11.58 28.71
N HIS D 232 25.43 10.51 29.24
CA HIS D 232 25.22 10.13 30.61
C HIS D 232 25.99 11.13 31.49
N GLU D 233 25.28 11.94 32.28
CA GLU D 233 25.91 13.01 33.03
C GLU D 233 26.06 12.72 34.48
N LYS D 234 24.94 12.47 35.12
CA LYS D 234 24.89 12.13 36.52
C LYS D 234 24.69 10.60 36.56
N ASP D 235 24.49 10.10 37.74
CA ASP D 235 24.19 8.73 38.12
C ASP D 235 23.10 8.07 37.20
N LEU D 236 21.86 8.54 37.25
CA LEU D 236 20.76 8.00 36.42
C LEU D 236 20.16 9.18 35.62
N GLU D 237 21.02 10.01 35.04
CA GLU D 237 20.56 11.17 34.31
C GLU D 237 21.26 11.35 33.00
N PHE D 238 20.46 11.54 31.93
CA PHE D 238 20.95 11.80 30.59
C PHE D 238 20.48 13.15 30.14
N VAL D 239 21.37 13.97 29.60
CA VAL D 239 21.02 15.24 29.00
C VAL D 239 21.04 14.98 27.45
N CYS D 240 19.94 15.27 26.76
CA CYS D 240 19.79 14.97 25.33
C CYS D 240 19.61 16.24 24.52
N SER D 241 19.93 16.16 23.23
CA SER D 241 19.83 17.33 22.35
C SER D 241 19.60 16.90 20.91
N ASN D 242 19.03 17.79 20.12
CA ASN D 242 18.70 17.44 18.73
C ASN D 242 19.89 17.16 17.85
N ARG D 243 19.74 16.12 17.03
CA ARG D 243 20.74 15.74 16.05
C ARG D 243 20.10 16.00 14.70
N ASP D 244 20.61 17.02 14.00
CA ASP D 244 20.08 17.41 12.73
C ASP D 244 20.52 16.49 11.58
N PHE D 245 19.51 15.84 10.97
CA PHE D 245 19.68 15.02 9.80
C PHE D 245 18.86 15.61 8.64
N LEU D 246 18.54 16.91 8.66
CA LEU D 246 17.76 17.55 7.63
C LEU D 246 18.47 17.53 6.29
N LYS D 247 17.69 17.20 5.24
CA LYS D 247 18.07 17.17 3.84
C LYS D 247 16.95 17.80 3.02
N ASP D 248 17.30 18.72 2.11
CA ASP D 248 16.30 19.35 1.25
C ASP D 248 15.69 18.32 0.33
N ASN D 249 14.36 18.43 0.15
CA ASN D 249 13.60 17.54 -0.75
C ASN D 249 13.74 16.06 -0.41
N LYS D 250 13.79 15.75 0.89
CA LYS D 250 13.91 14.39 1.42
C LYS D 250 13.34 14.42 2.84
N VAL D 251 12.41 13.49 3.21
CA VAL D 251 11.83 13.51 4.57
C VAL D 251 12.50 12.45 5.52
N LEU D 252 13.02 12.88 6.67
CA LEU D 252 13.68 12.00 7.62
C LEU D 252 12.76 10.88 8.08
N GLN D 253 13.26 9.64 8.07
CA GLN D 253 12.45 8.49 8.43
C GLN D 253 13.06 7.70 9.59
N ASP D 254 14.09 6.86 9.39
CA ASP D 254 14.63 6.09 10.50
C ASP D 254 16.13 6.33 10.76
N VAL D 255 16.55 6.09 12.00
CA VAL D 255 17.92 6.22 12.38
C VAL D 255 18.40 4.94 13.11
N SER D 256 19.59 4.47 12.73
CA SER D 256 20.29 3.34 13.33
C SER D 256 21.82 3.65 13.25
N THR D 257 22.68 2.75 13.77
CA THR D 257 24.12 2.96 13.67
C THR D 257 24.82 1.71 13.20
N LEU D 258 25.70 1.85 12.21
CA LEU D 258 26.54 0.76 11.69
C LEU D 258 27.93 1.35 11.63
N ASN D 259 28.92 0.57 12.02
CA ASN D 259 30.32 0.99 11.93
C ASN D 259 30.59 2.26 12.73
N ASP D 260 29.94 2.39 13.92
CA ASP D 260 30.11 3.57 14.78
C ASP D 260 29.64 4.88 14.19
N GLU D 261 28.86 4.82 13.12
CA GLU D 261 28.36 5.98 12.42
C GLU D 261 26.86 5.84 12.25
N TYR D 262 26.17 6.97 11.97
CA TYR D 262 24.75 6.91 11.77
C TYR D 262 24.39 6.37 10.37
N ILE D 263 23.34 5.55 10.28
CA ILE D 263 22.77 5.09 9.00
C ILE D 263 21.34 5.59 9.06
N VAL D 264 21.05 6.54 8.19
CA VAL D 264 19.78 7.26 8.22
C VAL D 264 18.96 7.05 6.97
N SER D 265 17.69 6.69 7.12
CA SER D 265 16.81 6.54 5.96
C SER D 265 15.92 7.73 5.77
N TYR D 266 15.66 8.07 4.53
CA TYR D 266 14.81 9.20 4.17
C TYR D 266 13.83 8.74 3.10
N GLY D 267 12.69 9.41 3.01
CA GLY D 267 11.77 9.22 1.89
C GLY D 267 11.97 10.35 0.89
N ASN D 268 11.52 10.18 -0.35
CA ASN D 268 11.62 11.25 -1.36
C ASN D 268 10.67 12.42 -1.01
N ASP D 269 9.50 12.07 -0.45
CA ASP D 269 8.46 12.96 0.02
C ASP D 269 7.64 12.24 1.10
N ASN D 270 6.54 12.85 1.58
CA ASN D 270 5.69 12.25 2.60
C ASN D 270 4.90 11.01 2.12
N ASN D 271 4.86 10.73 0.81
CA ASN D 271 4.22 9.53 0.29
C ASN D 271 5.20 8.34 0.10
N PHE D 272 6.51 8.56 0.35
CA PHE D 272 7.54 7.54 0.32
C PHE D 272 7.50 6.60 -0.89
N ALA D 273 7.59 7.14 -2.10
CA ALA D 273 7.65 6.34 -3.32
C ALA D 273 8.94 5.53 -3.38
N GLU D 274 10.03 6.12 -2.89
CA GLU D 274 11.36 5.54 -2.81
C GLU D 274 12.08 6.05 -1.55
N CYS D 275 13.09 5.33 -1.10
CA CYS D 275 13.81 5.69 0.12
C CYS D 275 15.32 5.79 -0.11
N TYR D 276 16.03 6.69 0.59
CA TYR D 276 17.50 6.81 0.49
C TYR D 276 18.10 6.41 1.82
N ILE D 277 19.17 5.63 1.80
CA ILE D 277 19.89 5.29 3.01
C ILE D 277 21.28 5.95 2.98
N PHE D 278 21.61 6.82 3.96
CA PHE D 278 22.91 7.51 3.98
C PHE D 278 23.77 6.94 5.08
N PHE D 279 24.98 6.55 4.72
CA PHE D 279 25.97 5.97 5.62
C PHE D 279 26.92 7.08 6.01
N ASN D 280 26.89 7.48 7.28
CA ASN D 280 27.73 8.56 7.84
C ASN D 280 27.55 9.87 7.05
N ASN D 281 26.39 10.04 6.34
CA ASN D 281 26.10 11.19 5.48
C ASN D 281 27.13 11.32 4.32
N GLU D 282 27.82 10.22 3.97
CA GLU D 282 28.86 10.28 2.95
C GLU D 282 28.50 9.45 1.75
N ASN D 283 27.98 8.26 1.99
CA ASN D 283 27.61 7.36 0.91
C ASN D 283 26.10 7.12 0.95
N SER D 284 25.47 6.96 -0.21
CA SER D 284 24.02 6.76 -0.28
C SER D 284 23.64 5.61 -1.15
N ILE D 285 22.52 5.00 -0.88
CA ILE D 285 21.90 3.98 -1.72
C ILE D 285 20.42 4.33 -1.84
N LEU D 286 19.80 3.95 -2.94
CA LEU D 286 18.40 4.23 -3.18
C LEU D 286 17.60 2.95 -3.20
N ILE D 287 16.51 2.89 -2.43
CA ILE D 287 15.58 1.78 -2.32
C ILE D 287 14.37 2.15 -3.17
N LYS D 288 14.14 1.47 -4.30
CA LYS D 288 13.01 1.79 -5.17
C LYS D 288 12.02 0.66 -5.27
N PRO D 289 10.95 0.69 -4.44
CA PRO D 289 9.96 -0.39 -4.50
C PRO D 289 9.16 -0.39 -5.81
N GLU D 290 8.95 -1.61 -6.37
CA GLU D 290 8.21 -1.80 -7.63
C GLU D 290 6.94 -2.65 -7.44
N THR D 295 2.46 -3.26 -9.73
CA THR D 295 2.92 -2.17 -10.61
C THR D 295 3.98 -1.31 -9.91
N ALA D 296 3.63 -0.70 -8.77
CA ALA D 296 4.48 0.18 -7.97
C ALA D 296 3.87 0.34 -6.56
N ALA D 297 4.73 0.25 -5.54
CA ALA D 297 4.40 0.38 -4.12
C ALA D 297 5.44 1.35 -3.44
N GLY D 298 5.31 1.65 -2.14
CA GLY D 298 6.25 2.55 -1.49
C GLY D 298 7.04 1.91 -0.38
N CYS D 299 7.83 2.71 0.34
CA CYS D 299 8.63 2.24 1.46
C CYS D 299 8.15 2.84 2.81
N TYR D 300 6.88 3.23 2.88
CA TYR D 300 6.25 3.77 4.07
C TYR D 300 6.35 2.74 5.20
N GLY D 301 6.85 3.19 6.34
CA GLY D 301 7.04 2.29 7.47
C GLY D 301 8.44 1.71 7.60
N GLY D 302 9.32 2.01 6.63
CA GLY D 302 10.71 1.56 6.59
C GLY D 302 11.41 1.70 7.94
N THR D 303 12.03 0.60 8.37
CA THR D 303 12.62 0.45 9.68
C THR D 303 13.90 -0.32 9.57
N PHE D 304 14.93 0.12 10.31
CA PHE D 304 16.20 -0.57 10.41
C PHE D 304 16.09 -1.62 11.52
N VAL D 305 16.73 -2.77 11.29
CA VAL D 305 16.79 -3.85 12.28
C VAL D 305 18.26 -4.23 12.26
N LYS D 306 19.04 -3.72 13.21
CA LYS D 306 20.47 -3.96 13.33
C LYS D 306 20.77 -5.43 13.70
N ILE D 307 21.72 -6.04 12.98
CA ILE D 307 22.16 -7.43 13.19
C ILE D 307 23.50 -7.39 13.95
N ASP D 308 24.48 -6.69 13.42
CA ASP D 308 25.77 -6.52 14.07
C ASP D 308 26.34 -5.14 13.66
N GLU D 309 27.56 -4.79 14.10
CA GLU D 309 28.11 -3.47 13.80
C GLU D 309 28.33 -3.23 12.27
N ASN D 310 28.07 -4.22 11.42
CA ASN D 310 28.22 -4.07 9.97
C ASN D 310 27.01 -4.53 9.18
N ARG D 311 26.02 -5.17 9.81
CA ARG D 311 24.86 -5.67 9.11
C ARG D 311 23.59 -5.16 9.76
N ALA D 312 22.60 -4.92 8.92
CA ALA D 312 21.31 -4.41 9.32
C ALA D 312 20.28 -4.76 8.24
N LEU D 313 19.00 -4.75 8.60
CA LEU D 313 17.92 -5.00 7.66
C LEU D 313 17.12 -3.70 7.53
N PHE D 314 16.45 -3.51 6.40
CA PHE D 314 15.58 -2.37 6.20
C PHE D 314 14.29 -2.97 5.73
N ILE D 315 13.27 -2.95 6.60
CA ILE D 315 12.02 -3.64 6.30
C ILE D 315 10.83 -2.69 6.25
N TYR D 316 9.93 -2.95 5.29
CA TYR D 316 8.67 -2.17 5.19
C TYR D 316 7.59 -3.15 4.70
N SER D 317 6.41 -3.15 5.34
CA SER D 317 5.36 -4.14 4.97
C SER D 317 4.52 -3.59 3.81
N SER D 318 4.03 -4.48 2.94
CA SER D 318 3.15 -4.06 1.82
C SER D 318 1.69 -4.29 2.22
N SER D 319 0.78 -4.35 1.24
CA SER D 319 -0.66 -4.49 1.55
C SER D 319 -0.98 -5.87 2.12
N GLN D 320 -0.81 -6.93 1.34
CA GLN D 320 -1.20 -8.29 1.80
C GLN D 320 -0.04 -8.99 2.49
N GLY D 321 0.47 -8.44 3.59
CA GLY D 321 1.53 -9.14 4.34
C GLY D 321 2.74 -9.53 3.52
N ILE D 322 3.18 -8.67 2.58
CA ILE D 322 4.45 -8.96 1.85
C ILE D 322 5.52 -8.05 2.44
N TYR D 323 6.59 -8.63 3.00
CA TYR D 323 7.62 -7.83 3.70
C TYR D 323 8.86 -7.78 2.81
N ASN D 324 9.34 -6.58 2.50
CA ASN D 324 10.52 -6.44 1.67
C ASN D 324 11.69 -6.31 2.60
N ILE D 325 12.64 -7.28 2.56
CA ILE D 325 13.80 -7.23 3.45
C ILE D 325 15.06 -6.87 2.68
N HIS D 326 15.60 -5.72 3.01
CA HIS D 326 16.83 -5.24 2.41
C HIS D 326 17.93 -5.53 3.38
N THR D 327 18.79 -6.47 3.02
CA THR D 327 19.90 -6.84 3.87
C THR D 327 21.07 -5.94 3.51
N ILE D 328 21.55 -5.14 4.45
CA ILE D 328 22.64 -4.20 4.21
C ILE D 328 23.89 -4.56 4.96
N TYR D 329 25.02 -4.63 4.25
CA TYR D 329 26.34 -4.80 4.85
C TYR D 329 27.11 -3.52 4.53
N TYR D 330 27.76 -2.92 5.54
CA TYR D 330 28.54 -1.70 5.36
C TYR D 330 29.81 -1.71 6.19
N ALA D 331 30.94 -1.38 5.57
CA ALA D 331 32.23 -1.26 6.23
C ALA D 331 32.99 -0.07 5.64
N ASN D 332 33.76 0.65 6.46
CA ASN D 332 34.58 1.78 6.01
C ASN D 332 35.89 1.77 6.79
N TYR D 333 36.93 1.09 6.29
CA TYR D 333 38.24 1.03 6.98
C TYR D 333 39.24 2.03 6.39
N GLU D 334 40.33 2.32 7.13
CA GLU D 334 41.42 3.22 6.69
C GLU D 334 42.79 2.64 7.03
N GLU E 1 11.85 42.09 24.46
CA GLU E 1 10.39 42.16 24.31
C GLU E 1 9.91 41.51 23.01
N VAL E 2 9.05 40.46 23.14
CA VAL E 2 8.47 39.70 22.01
C VAL E 2 7.75 40.63 21.05
N GLN E 3 7.87 40.38 19.73
CA GLN E 3 7.28 41.29 18.74
C GLN E 3 7.23 40.71 17.33
N LEU E 4 6.38 41.28 16.47
CA LEU E 4 6.30 40.91 15.06
C LEU E 4 6.02 42.15 14.25
N GLN E 5 7.05 42.77 13.64
CA GLN E 5 6.83 43.97 12.81
C GLN E 5 6.54 43.62 11.36
N GLN E 6 5.42 44.13 10.87
CA GLN E 6 4.99 43.90 9.51
C GLN E 6 5.41 45.03 8.57
N SER E 7 5.49 44.73 7.28
CA SER E 7 5.87 45.71 6.27
C SER E 7 4.81 46.84 6.15
N GLY E 8 5.19 47.95 5.52
CA GLY E 8 4.32 49.10 5.35
C GLY E 8 3.13 48.81 4.45
N ALA E 9 2.06 49.65 4.56
CA ALA E 9 0.84 49.51 3.76
C ALA E 9 1.17 49.54 2.28
N GLU E 10 0.51 48.66 1.50
CA GLU E 10 0.82 48.58 0.08
C GLU E 10 -0.39 48.78 -0.84
N LEU E 11 -0.17 49.59 -1.87
CA LEU E 11 -1.12 49.90 -2.93
C LEU E 11 -0.72 49.00 -4.05
N VAL E 12 -1.58 48.05 -4.42
CA VAL E 12 -1.22 47.08 -5.44
C VAL E 12 -2.23 47.08 -6.59
N LYS E 13 -1.84 46.58 -7.75
CA LYS E 13 -2.61 46.62 -8.99
C LYS E 13 -3.36 45.31 -9.30
N PRO E 14 -4.55 45.34 -9.95
CA PRO E 14 -5.27 44.09 -10.24
C PRO E 14 -4.50 43.20 -11.17
N GLY E 15 -4.14 42.04 -10.68
CA GLY E 15 -3.35 41.10 -11.46
C GLY E 15 -1.88 41.06 -11.08
N ALA E 16 -1.37 42.11 -10.44
CA ALA E 16 0.03 42.17 -9.99
C ALA E 16 0.27 41.31 -8.71
N SER E 17 1.53 41.09 -8.28
CA SER E 17 1.80 40.30 -7.08
C SER E 17 2.43 41.14 -5.95
N VAL E 18 2.23 40.76 -4.68
CA VAL E 18 2.77 41.49 -3.53
C VAL E 18 3.42 40.53 -2.51
N LYS E 19 4.40 41.04 -1.76
CA LYS E 19 5.11 40.24 -0.79
C LYS E 19 5.18 41.00 0.51
N LEU E 20 4.52 40.48 1.57
CA LEU E 20 4.57 41.14 2.87
C LEU E 20 5.61 40.49 3.78
N SER E 21 6.27 41.28 4.63
CA SER E 21 7.29 40.74 5.53
C SER E 21 6.80 40.77 6.98
N CYS E 22 7.13 39.73 7.73
CA CYS E 22 6.75 39.64 9.12
C CYS E 22 8.08 39.34 9.84
N THR E 23 8.58 40.30 10.65
CA THR E 23 9.89 40.14 11.30
C THR E 23 9.84 40.06 12.82
N ALA E 24 10.40 38.99 13.37
CA ALA E 24 10.41 38.72 14.80
C ALA E 24 11.44 39.55 15.56
N SER E 25 11.20 39.76 16.87
CA SER E 25 12.08 40.49 17.75
C SER E 25 11.87 39.90 19.13
N GLY E 26 12.90 39.32 19.71
CA GLY E 26 12.80 38.70 21.02
C GLY E 26 12.74 37.19 20.98
N PHE E 27 12.54 36.61 19.77
CA PHE E 27 12.45 35.17 19.60
C PHE E 27 12.91 34.74 18.21
N ASN E 28 13.24 33.46 18.07
CA ASN E 28 13.69 32.92 16.76
C ASN E 28 12.50 32.26 16.08
N ILE E 29 12.31 32.58 14.81
CA ILE E 29 11.14 32.08 14.04
C ILE E 29 11.23 30.56 13.90
N LYS E 30 12.43 30.00 14.00
CA LYS E 30 12.61 28.54 13.78
C LYS E 30 12.10 27.74 14.99
N ASP E 31 11.98 28.37 16.16
CA ASP E 31 11.47 27.67 17.35
C ASP E 31 9.96 27.72 17.46
N THR E 32 9.23 28.06 16.40
CA THR E 32 7.76 28.21 16.44
C THR E 32 7.20 28.10 14.97
N TYR E 33 5.95 28.52 14.70
CA TYR E 33 5.35 28.46 13.37
C TYR E 33 4.67 29.79 13.11
N ILE E 34 4.99 30.44 12.01
CA ILE E 34 4.39 31.72 11.65
C ILE E 34 3.20 31.50 10.74
N HIS E 35 2.03 32.02 11.17
CA HIS E 35 0.76 31.92 10.46
C HIS E 35 0.31 33.26 9.80
N TRP E 36 -0.59 33.18 8.83
CA TRP E 36 -1.16 34.36 8.20
C TRP E 36 -2.67 34.25 8.26
N VAL E 37 -3.32 35.36 8.63
CA VAL E 37 -4.77 35.47 8.74
C VAL E 37 -5.20 36.66 7.88
N LYS E 38 -6.23 36.47 7.05
CA LYS E 38 -6.76 37.53 6.18
C LYS E 38 -8.04 38.09 6.82
N GLN E 39 -8.16 39.41 6.92
CA GLN E 39 -9.37 40.03 7.49
C GLN E 39 -9.87 41.13 6.55
N ARG E 40 -10.97 40.86 5.85
CA ARG E 40 -11.55 41.85 4.95
C ARG E 40 -12.27 42.96 5.75
N PRO E 41 -12.39 44.17 5.19
CA PRO E 41 -13.12 45.24 5.93
C PRO E 41 -14.56 44.82 6.23
N GLU E 42 -15.02 45.02 7.49
CA GLU E 42 -16.36 44.63 7.97
C GLU E 42 -16.55 43.09 8.06
N GLN E 43 -15.47 42.32 7.90
CA GLN E 43 -15.57 40.87 7.95
C GLN E 43 -14.83 40.27 9.16
N GLY E 44 -14.90 38.94 9.33
CA GLY E 44 -14.20 38.23 10.40
C GLY E 44 -12.77 37.83 10.08
N LEU E 45 -12.25 36.83 10.81
CA LEU E 45 -10.89 36.35 10.62
C LEU E 45 -10.92 35.09 9.78
N GLU E 46 -10.00 35.01 8.80
CA GLU E 46 -9.93 33.88 7.88
C GLU E 46 -8.51 33.32 7.85
N TRP E 47 -8.32 32.10 8.36
CA TRP E 47 -7.00 31.50 8.43
C TRP E 47 -6.45 31.16 7.05
N ILE E 48 -5.22 31.61 6.73
CA ILE E 48 -4.63 31.34 5.42
C ILE E 48 -3.77 30.03 5.45
N GLY E 49 -2.74 30.02 6.29
CA GLY E 49 -1.80 28.91 6.39
C GLY E 49 -0.63 29.24 7.28
N ARG E 50 0.40 28.37 7.24
CA ARG E 50 1.57 28.57 8.07
C ARG E 50 2.83 27.95 7.55
N ILE E 51 3.97 28.50 7.96
CA ILE E 51 5.25 27.92 7.61
C ILE E 51 5.94 27.46 8.89
N ASP E 52 6.56 26.30 8.83
CA ASP E 52 7.35 25.75 9.91
C ASP E 52 8.73 26.16 9.42
N PRO E 53 9.29 27.27 9.94
CA PRO E 53 10.58 27.73 9.43
C PRO E 53 11.80 26.85 9.72
N ALA E 54 11.66 25.81 10.56
CA ALA E 54 12.79 24.92 10.86
C ALA E 54 13.09 24.01 9.67
N ASN E 55 12.05 23.50 9.00
CA ASN E 55 12.21 22.63 7.84
C ASN E 55 11.74 23.26 6.52
N GLY E 56 10.93 24.29 6.61
CA GLY E 56 10.40 24.95 5.42
C GLY E 56 9.03 24.45 5.00
N ASN E 57 8.47 23.45 5.73
CA ASN E 57 7.16 22.85 5.51
C ASN E 57 6.11 23.93 5.56
N THR E 58 5.21 23.97 4.58
CA THR E 58 4.14 24.96 4.57
C THR E 58 2.82 24.31 4.27
N TYR E 59 1.76 24.85 4.86
CA TYR E 59 0.43 24.39 4.56
C TYR E 59 -0.51 25.57 4.47
N SER E 60 -1.23 25.69 3.35
CA SER E 60 -2.27 26.70 3.14
C SER E 60 -3.60 25.96 3.10
N ASP E 61 -4.68 26.59 3.53
CA ASP E 61 -6.01 25.97 3.53
C ASP E 61 -6.42 25.57 2.09
N PRO E 62 -7.07 24.42 1.87
CA PRO E 62 -7.46 24.04 0.51
C PRO E 62 -8.43 25.03 -0.12
N LYS E 63 -9.49 25.42 0.64
CA LYS E 63 -10.50 26.39 0.20
C LYS E 63 -9.81 27.72 -0.18
N PHE E 64 -8.83 28.13 0.62
CA PHE E 64 -8.00 29.29 0.36
C PHE E 64 -7.04 28.82 -0.70
N GLN E 65 -7.07 29.43 -1.86
CA GLN E 65 -6.26 29.00 -2.99
C GLN E 65 -4.74 28.99 -2.71
N ASP E 66 -4.01 28.39 -3.62
CA ASP E 66 -2.58 28.38 -3.61
C ASP E 66 -2.12 29.59 -4.47
N LYS E 67 -2.67 30.76 -4.09
CA LYS E 67 -2.38 32.13 -4.52
C LYS E 67 -1.60 32.89 -3.39
N ALA E 68 -1.33 32.19 -2.27
CA ALA E 68 -0.59 32.63 -1.13
C ALA E 68 0.51 31.60 -0.93
N THR E 69 1.77 32.02 -1.07
CA THR E 69 2.90 31.14 -0.84
C THR E 69 3.59 31.65 0.41
N ILE E 70 3.66 30.80 1.45
CA ILE E 70 4.31 31.22 2.69
C ILE E 70 5.79 30.87 2.60
N LYS E 71 6.64 31.85 2.88
CA LYS E 71 8.08 31.71 2.79
C LYS E 71 8.72 32.18 4.11
N ALA E 72 9.99 31.86 4.34
CA ALA E 72 10.68 32.29 5.55
C ALA E 72 12.18 32.28 5.34
N ASP E 73 12.89 33.12 6.10
CA ASP E 73 14.33 33.17 6.15
C ASP E 73 14.72 33.35 7.62
N THR E 74 15.35 32.34 8.18
CA THR E 74 15.72 32.33 9.57
C THR E 74 16.89 33.25 9.90
N SER E 75 17.80 33.49 8.92
CA SER E 75 18.94 34.37 9.15
C SER E 75 18.48 35.83 9.31
N SER E 76 17.41 36.23 8.59
CA SER E 76 16.84 37.57 8.75
C SER E 76 15.70 37.60 9.78
N ASN E 77 15.21 36.42 10.22
CA ASN E 77 14.10 36.20 11.13
C ASN E 77 12.83 36.76 10.55
N THR E 78 12.61 36.50 9.25
CA THR E 78 11.46 37.03 8.57
C THR E 78 10.65 35.97 7.84
N ALA E 79 9.33 36.10 7.87
CA ALA E 79 8.40 35.26 7.13
C ALA E 79 7.70 36.12 6.08
N TYR E 80 7.30 35.51 4.99
CA TYR E 80 6.71 36.23 3.89
C TYR E 80 5.42 35.61 3.46
N LEU E 81 4.54 36.44 2.92
CA LEU E 81 3.28 36.04 2.32
C LEU E 81 3.32 36.63 0.94
N GLN E 82 3.35 35.76 -0.06
CA GLN E 82 3.40 36.23 -1.46
C GLN E 82 2.03 36.00 -2.08
N LEU E 83 1.29 37.09 -2.24
CA LEU E 83 -0.05 37.01 -2.81
C LEU E 83 0.10 37.33 -4.27
N SER E 84 -0.28 36.40 -5.14
CA SER E 84 -0.18 36.55 -6.59
C SER E 84 -1.51 36.90 -7.27
N SER E 85 -1.44 37.61 -8.41
CA SER E 85 -2.64 37.95 -9.22
C SER E 85 -3.80 38.39 -8.34
N LEU E 86 -3.63 39.51 -7.64
CA LEU E 86 -4.69 39.88 -6.66
C LEU E 86 -5.90 40.63 -7.24
N THR E 87 -7.10 40.25 -6.81
CA THR E 87 -8.34 40.94 -7.24
C THR E 87 -8.79 41.82 -6.07
N SER E 88 -9.95 42.49 -6.18
CA SER E 88 -10.46 43.29 -5.05
C SER E 88 -10.90 42.40 -3.85
N GLU E 89 -11.21 41.10 -4.13
CA GLU E 89 -11.55 40.12 -3.09
C GLU E 89 -10.31 39.70 -2.24
N ASP E 90 -9.14 40.31 -2.51
CA ASP E 90 -7.85 40.17 -1.84
C ASP E 90 -7.47 41.48 -1.08
N THR E 91 -8.28 42.56 -1.21
CA THR E 91 -8.12 43.81 -0.48
C THR E 91 -8.59 43.48 0.94
N ALA E 92 -7.65 43.38 1.88
CA ALA E 92 -7.91 42.98 3.24
C ALA E 92 -6.70 43.33 4.14
N VAL E 93 -6.84 43.27 5.47
CA VAL E 93 -5.72 43.47 6.37
C VAL E 93 -5.09 42.10 6.57
N TYR E 94 -3.81 41.95 6.25
CA TYR E 94 -3.14 40.66 6.42
C TYR E 94 -2.36 40.66 7.70
N TYR E 95 -2.70 39.75 8.60
CA TYR E 95 -1.99 39.62 9.87
C TYR E 95 -1.07 38.43 9.84
N CYS E 96 0.06 38.55 10.50
CA CYS E 96 0.94 37.42 10.73
C CYS E 96 0.87 37.18 12.25
N ALA E 97 0.98 35.92 12.67
CA ALA E 97 0.92 35.57 14.08
C ALA E 97 1.87 34.40 14.39
N ARG E 98 2.32 34.30 15.62
CA ARG E 98 3.17 33.22 16.07
C ARG E 98 2.28 32.16 16.71
N ASP E 99 2.52 30.88 16.40
CA ASP E 99 1.71 29.82 16.96
C ASP E 99 2.46 28.93 17.92
N VAL E 100 2.00 28.89 19.17
CA VAL E 100 2.53 28.02 20.24
C VAL E 100 1.44 27.02 20.64
N LEU E 101 0.65 26.56 19.62
CA LEU E 101 -0.60 25.77 19.60
C LEU E 101 -1.85 26.69 19.87
N TYR E 102 -1.64 28.02 19.86
CA TYR E 102 -2.57 29.14 19.98
C TYR E 102 -1.84 30.42 19.55
N PHE E 103 -2.55 31.43 19.04
CA PHE E 103 -1.89 32.65 18.53
C PHE E 103 -1.60 33.63 19.65
N ASP E 104 -0.36 33.66 20.15
CA ASP E 104 -0.02 34.48 21.32
C ASP E 104 0.69 35.80 20.98
N VAL E 105 1.30 35.88 19.81
CA VAL E 105 1.97 37.09 19.37
C VAL E 105 1.42 37.42 18.01
N TRP E 106 0.94 38.67 17.83
CA TRP E 106 0.37 39.10 16.56
C TRP E 106 1.13 40.27 15.94
N GLY E 107 1.05 40.38 14.64
CA GLY E 107 1.58 41.52 13.92
C GLY E 107 0.50 42.57 13.80
N ALA E 108 0.88 43.85 13.70
CA ALA E 108 -0.10 44.94 13.65
C ALA E 108 -1.00 44.94 12.42
N GLY E 109 -0.66 44.18 11.40
CA GLY E 109 -1.41 44.11 10.17
C GLY E 109 -0.75 44.95 9.09
N THR E 110 -0.98 44.59 7.84
CA THR E 110 -0.52 45.35 6.69
C THR E 110 -1.80 45.45 5.86
N THR E 111 -2.23 46.68 5.50
CA THR E 111 -3.46 46.76 4.72
C THR E 111 -3.08 46.78 3.25
N VAL E 112 -3.63 45.85 2.51
CA VAL E 112 -3.36 45.73 1.10
C VAL E 112 -4.62 46.10 0.38
N THR E 113 -4.51 47.07 -0.53
CA THR E 113 -5.64 47.52 -1.33
C THR E 113 -5.31 47.28 -2.80
N VAL E 114 -6.32 46.87 -3.58
CA VAL E 114 -6.10 46.58 -5.03
C VAL E 114 -6.76 47.69 -5.87
N SER E 115 -5.95 48.63 -6.37
CA SER E 115 -6.47 49.77 -7.20
C SER E 115 -6.18 49.54 -8.68
N SER E 116 -7.19 49.74 -9.54
CA SER E 116 -7.01 49.59 -11.01
C SER E 116 -5.86 50.50 -11.44
N ALA E 117 -6.05 51.81 -11.36
CA ALA E 117 -4.97 52.78 -11.71
C ALA E 117 -5.15 54.04 -10.86
N SER E 118 -5.98 53.97 -9.82
CA SER E 118 -6.26 55.16 -8.98
C SER E 118 -5.21 55.34 -7.88
N THR E 119 -4.00 55.76 -8.28
CA THR E 119 -2.92 56.07 -7.31
C THR E 119 -2.98 57.58 -7.04
N LYS E 120 -3.67 57.97 -5.96
CA LYS E 120 -3.90 59.41 -5.67
C LYS E 120 -3.28 59.84 -4.33
N GLY E 121 -2.97 61.13 -4.19
CA GLY E 121 -2.34 61.67 -2.99
C GLY E 121 -3.35 62.39 -2.13
N PRO E 122 -3.37 62.10 -0.83
CA PRO E 122 -4.36 62.73 0.07
C PRO E 122 -4.24 64.25 0.21
N SER E 123 -5.29 64.97 -0.21
CA SER E 123 -5.33 66.42 -0.08
C SER E 123 -5.64 66.73 1.37
N VAL E 124 -4.68 67.33 2.10
CA VAL E 124 -4.88 67.62 3.52
C VAL E 124 -5.26 69.08 3.78
N PHE E 125 -6.53 69.31 4.12
CA PHE E 125 -7.04 70.65 4.39
C PHE E 125 -7.20 70.91 5.88
N PRO E 126 -7.10 72.19 6.31
CA PRO E 126 -7.25 72.49 7.75
C PRO E 126 -8.67 72.86 8.21
N LEU E 127 -9.22 72.09 9.16
CA LEU E 127 -10.53 72.33 9.77
C LEU E 127 -10.29 73.22 10.99
N ALA E 128 -10.16 74.53 10.76
CA ALA E 128 -9.83 75.54 11.75
C ALA E 128 -10.83 75.70 12.92
N PRO E 129 -10.31 75.86 14.14
CA PRO E 129 -11.20 76.08 15.30
C PRO E 129 -11.72 77.52 15.40
N SER E 130 -12.97 77.76 14.99
CA SER E 130 -13.55 79.10 15.04
C SER E 130 -14.43 79.34 16.30
N SER E 131 -15.05 80.53 16.44
CA SER E 131 -15.91 80.82 17.60
C SER E 131 -17.29 80.13 17.52
N LYS E 132 -17.66 79.60 16.33
CA LYS E 132 -18.90 78.84 16.09
C LYS E 132 -18.74 77.42 16.68
N SER E 133 -17.53 76.83 16.51
CA SER E 133 -17.18 75.52 17.04
C SER E 133 -16.48 75.67 18.41
N THR E 134 -16.95 76.62 19.24
CA THR E 134 -16.42 76.96 20.57
C THR E 134 -17.51 77.13 21.63
N SER E 135 -17.50 76.27 22.67
CA SER E 135 -18.45 76.31 23.77
C SER E 135 -17.77 76.77 25.07
N GLY E 136 -17.42 78.05 25.13
CA GLY E 136 -16.75 78.67 26.28
C GLY E 136 -15.32 78.24 26.48
N GLY E 137 -15.14 77.08 27.09
CA GLY E 137 -13.83 76.49 27.35
C GLY E 137 -13.68 75.11 26.73
N THR E 138 -14.37 74.89 25.60
CA THR E 138 -14.36 73.64 24.85
C THR E 138 -14.30 74.03 23.37
N ALA E 139 -13.48 73.33 22.56
CA ALA E 139 -13.33 73.69 21.15
C ALA E 139 -13.06 72.49 20.21
N ALA E 140 -13.24 72.69 18.89
CA ALA E 140 -13.01 71.63 17.93
C ALA E 140 -12.13 72.08 16.76
N LEU E 141 -11.16 71.25 16.36
CA LEU E 141 -10.23 71.49 15.24
C LEU E 141 -9.82 70.16 14.60
N GLY E 142 -9.43 70.19 13.33
CA GLY E 142 -9.02 68.97 12.65
C GLY E 142 -8.38 69.12 11.30
N CYS E 143 -8.34 68.01 10.56
CA CYS E 143 -7.79 67.89 9.20
C CYS E 143 -8.77 67.08 8.34
N LEU E 144 -8.90 67.43 7.06
CA LEU E 144 -9.78 66.70 6.16
C LEU E 144 -8.95 66.00 5.10
N VAL E 145 -8.86 64.66 5.18
CA VAL E 145 -8.11 63.82 4.26
C VAL E 145 -8.98 63.51 3.05
N LYS E 146 -9.06 64.44 2.10
CA LYS E 146 -9.91 64.36 0.92
C LYS E 146 -9.21 63.80 -0.32
N ASP E 147 -9.97 63.14 -1.20
CA ASP E 147 -9.40 62.74 -2.52
C ASP E 147 -8.12 61.88 -2.45
N TYR E 148 -8.21 60.65 -1.93
CA TYR E 148 -7.06 59.69 -1.97
C TYR E 148 -7.68 58.29 -2.13
N PHE E 149 -7.08 57.37 -2.89
CA PHE E 149 -7.78 56.07 -3.13
C PHE E 149 -7.49 54.92 -2.15
N PRO E 150 -6.26 54.46 -1.86
CA PRO E 150 -6.10 53.35 -0.88
C PRO E 150 -6.66 53.71 0.51
N GLU E 151 -7.49 52.84 1.11
CA GLU E 151 -8.18 53.20 2.38
C GLU E 151 -7.22 53.58 3.53
N PRO E 152 -6.08 52.90 3.84
CA PRO E 152 -5.26 53.28 5.03
C PRO E 152 -4.53 54.63 5.07
N VAL E 153 -5.13 55.64 5.70
CA VAL E 153 -4.37 56.90 5.95
C VAL E 153 -4.14 56.93 7.46
N THR E 154 -2.97 57.40 7.89
CA THR E 154 -2.64 57.32 9.34
C THR E 154 -2.57 58.71 9.94
N VAL E 155 -3.70 59.29 10.37
CA VAL E 155 -3.74 60.63 10.91
C VAL E 155 -3.38 60.61 12.38
N SER E 156 -2.29 61.30 12.74
CA SER E 156 -1.86 61.40 14.13
C SER E 156 -1.84 62.86 14.58
N TRP E 157 -1.73 63.13 15.89
CA TRP E 157 -1.73 64.51 16.38
C TRP E 157 -0.52 64.82 17.25
N ASN E 158 0.29 65.83 16.83
CA ASN E 158 1.54 66.25 17.49
C ASN E 158 2.53 65.08 17.61
N SER E 159 2.60 64.23 16.55
CA SER E 159 3.47 63.05 16.41
C SER E 159 3.34 62.00 17.51
N GLY E 160 2.16 61.93 18.14
CA GLY E 160 1.88 61.00 19.22
C GLY E 160 1.72 61.63 20.59
N ALA E 161 1.94 62.96 20.69
CA ALA E 161 1.81 63.67 21.96
C ALA E 161 0.35 63.91 22.30
N LEU E 162 -0.47 64.34 21.32
CA LEU E 162 -1.89 64.59 21.52
C LEU E 162 -2.72 63.34 21.19
N THR E 163 -3.29 62.70 22.23
CA THR E 163 -4.11 61.49 22.07
C THR E 163 -5.51 61.68 22.66
N SER E 164 -5.63 62.48 23.73
CA SER E 164 -6.92 62.71 24.39
C SER E 164 -7.82 63.64 23.59
N GLY E 165 -9.10 63.30 23.53
CA GLY E 165 -10.10 64.07 22.79
C GLY E 165 -10.12 63.82 21.29
N VAL E 166 -9.16 63.03 20.79
CA VAL E 166 -9.01 62.73 19.36
C VAL E 166 -10.05 61.76 18.84
N HIS E 167 -10.75 62.20 17.79
CA HIS E 167 -11.78 61.42 17.12
C HIS E 167 -11.43 61.39 15.63
N THR E 168 -10.78 60.33 15.20
CA THR E 168 -10.44 60.14 13.81
C THR E 168 -11.57 59.33 13.20
N PHE E 169 -12.36 60.00 12.37
CA PHE E 169 -13.52 59.39 11.78
C PHE E 169 -13.21 58.39 10.68
N PRO E 170 -13.99 57.29 10.59
CA PRO E 170 -13.79 56.35 9.48
C PRO E 170 -13.86 57.01 8.10
N ALA E 171 -13.36 56.33 7.06
CA ALA E 171 -13.36 56.90 5.72
C ALA E 171 -14.66 56.74 4.95
N VAL E 172 -15.04 57.77 4.17
CA VAL E 172 -16.20 57.70 3.29
C VAL E 172 -15.76 57.85 1.84
N LEU E 173 -16.04 56.84 1.01
CA LEU E 173 -15.70 56.91 -0.41
C LEU E 173 -16.70 57.81 -1.13
N GLN E 174 -16.21 58.96 -1.55
CA GLN E 174 -16.96 59.98 -2.27
C GLN E 174 -17.49 59.50 -3.62
N SER E 175 -18.39 60.32 -4.25
CA SER E 175 -18.93 60.04 -5.58
C SER E 175 -17.78 59.93 -6.60
N SER E 176 -16.74 60.78 -6.43
CA SER E 176 -15.51 60.78 -7.24
C SER E 176 -14.70 59.48 -7.16
N GLY E 177 -15.13 58.51 -6.34
CA GLY E 177 -14.41 57.26 -6.19
C GLY E 177 -13.16 57.36 -5.33
N LEU E 178 -12.98 58.51 -4.64
CA LEU E 178 -11.84 58.73 -3.76
C LEU E 178 -12.31 58.81 -2.31
N TYR E 179 -11.57 58.19 -1.37
CA TYR E 179 -11.90 58.22 0.06
C TYR E 179 -11.74 59.62 0.68
N SER E 180 -12.42 59.86 1.80
CA SER E 180 -12.34 61.13 2.50
C SER E 180 -12.71 60.95 3.96
N LEU E 181 -11.97 61.58 4.86
CA LEU E 181 -12.28 61.48 6.28
C LEU E 181 -11.84 62.71 7.07
N SER E 182 -12.52 62.97 8.18
CA SER E 182 -12.19 64.07 9.08
C SER E 182 -11.43 63.55 10.31
N SER E 183 -10.87 64.44 11.13
CA SER E 183 -10.14 64.03 12.34
C SER E 183 -10.20 65.14 13.36
N VAL E 184 -11.30 65.21 14.11
CA VAL E 184 -11.48 66.26 15.12
C VAL E 184 -10.79 65.93 16.46
N VAL E 185 -10.65 66.93 17.34
CA VAL E 185 -10.06 66.80 18.67
C VAL E 185 -10.57 67.92 19.59
N THR E 186 -10.99 67.57 20.81
CA THR E 186 -11.51 68.53 21.78
C THR E 186 -10.40 69.05 22.69
N VAL E 187 -10.25 70.39 22.76
CA VAL E 187 -9.25 71.10 23.58
C VAL E 187 -9.89 72.38 24.21
N PRO E 188 -9.39 72.90 25.36
CA PRO E 188 -9.99 74.13 25.93
C PRO E 188 -9.66 75.37 25.08
N SER E 189 -10.54 76.37 25.08
CA SER E 189 -10.35 77.59 24.29
C SER E 189 -9.43 78.63 24.95
N SER E 190 -8.55 78.19 25.85
CA SER E 190 -7.63 79.07 26.53
C SER E 190 -6.23 78.96 25.90
N SER E 191 -5.81 77.72 25.57
CA SER E 191 -4.49 77.42 25.01
C SER E 191 -4.47 77.21 23.48
N LEU E 192 -5.25 78.00 22.73
CA LEU E 192 -5.26 77.89 21.26
C LEU E 192 -4.14 78.72 20.65
N GLY E 193 -3.97 79.94 21.16
CA GLY E 193 -2.93 80.86 20.72
C GLY E 193 -1.54 80.52 21.24
N THR E 194 -1.43 79.53 22.15
CA THR E 194 -0.16 79.10 22.72
C THR E 194 0.20 77.70 22.23
N GLN E 195 -0.72 76.72 22.35
CA GLN E 195 -0.44 75.35 21.91
C GLN E 195 -0.83 75.13 20.44
N THR E 196 0.12 74.58 19.65
CA THR E 196 -0.03 74.27 18.22
C THR E 196 -0.45 72.81 18.02
N TYR E 197 -1.28 72.54 17.01
CA TYR E 197 -1.75 71.18 16.74
C TYR E 197 -1.49 70.77 15.29
N ILE E 198 -0.48 69.92 15.06
CA ILE E 198 -0.15 69.45 13.70
C ILE E 198 -0.60 68.01 13.48
N CYS E 199 -1.40 67.80 12.41
CA CYS E 199 -1.83 66.46 12.06
C CYS E 199 -0.81 65.82 11.15
N ASN E 200 -0.42 64.58 11.46
CA ASN E 200 0.59 63.84 10.73
C ASN E 200 -0.08 62.75 9.90
N VAL E 201 -0.54 63.10 8.70
CA VAL E 201 -1.21 62.12 7.84
C VAL E 201 -0.22 61.43 6.93
N ASN E 202 -0.13 60.10 7.04
CA ASN E 202 0.76 59.33 6.20
C ASN E 202 -0.05 58.33 5.36
N HIS E 203 0.18 58.35 4.04
CA HIS E 203 -0.46 57.46 3.09
C HIS E 203 0.66 56.64 2.48
N LYS E 204 1.06 55.54 3.17
CA LYS E 204 2.12 54.62 2.75
C LYS E 204 1.91 54.04 1.34
N PRO E 205 0.69 53.60 0.96
CA PRO E 205 0.49 53.10 -0.40
C PRO E 205 0.96 54.03 -1.55
N SER E 206 0.39 55.26 -1.68
CA SER E 206 0.78 56.26 -2.69
C SER E 206 2.04 57.08 -2.30
N ASN E 207 2.61 56.82 -1.12
CA ASN E 207 3.81 57.46 -0.56
C ASN E 207 3.64 58.96 -0.38
N THR E 208 2.69 59.35 0.48
CA THR E 208 2.44 60.75 0.75
C THR E 208 2.54 61.04 2.23
N LYS E 209 3.41 61.98 2.62
CA LYS E 209 3.51 62.37 4.01
C LYS E 209 3.36 63.87 4.15
N VAL E 210 2.20 64.30 4.69
CA VAL E 210 1.87 65.70 4.88
C VAL E 210 1.83 66.02 6.39
N ASP E 211 2.26 67.22 6.79
CA ASP E 211 2.24 67.60 8.20
C ASP E 211 1.55 68.96 8.40
N LYS E 212 0.23 69.02 8.13
CA LYS E 212 -0.60 70.22 8.21
C LYS E 212 -0.73 70.79 9.64
N LYS E 213 -0.46 72.10 9.77
CA LYS E 213 -0.56 72.82 11.04
C LYS E 213 -1.98 73.37 11.17
N VAL E 214 -2.61 73.23 12.35
CA VAL E 214 -3.96 73.76 12.56
C VAL E 214 -3.93 75.10 13.31
N GLU E 215 -4.40 76.18 12.66
CA GLU E 215 -4.42 77.54 13.23
C GLU E 215 -5.83 78.11 13.33
N PRO E 216 -6.23 78.64 14.50
CA PRO E 216 -7.59 79.23 14.63
C PRO E 216 -7.80 80.52 13.83
N LYS E 217 -9.07 80.91 13.63
CA LYS E 217 -9.42 82.12 12.88
C LYS E 217 -10.49 82.99 13.58
N SER E 218 -10.68 84.24 13.09
CA SER E 218 -11.65 85.18 13.65
C SER E 218 -13.10 84.84 13.30
N CYS E 219 -13.73 83.95 14.08
CA CYS E 219 -15.12 83.50 13.94
C CYS E 219 -15.42 82.87 12.58
N ASP F 1 -13.45 19.16 8.59
CA ASP F 1 -12.88 20.31 9.30
C ASP F 1 -13.74 20.72 10.50
N ILE F 2 -13.11 21.36 11.53
CA ILE F 2 -13.87 21.81 12.70
C ILE F 2 -14.44 23.22 12.51
N VAL F 3 -15.77 23.31 12.35
CA VAL F 3 -16.47 24.56 12.15
C VAL F 3 -16.92 25.18 13.46
N LEU F 4 -16.65 26.49 13.66
CA LEU F 4 -17.00 27.21 14.88
C LEU F 4 -18.13 28.23 14.70
N THR F 5 -19.18 28.11 15.52
CA THR F 5 -20.30 29.05 15.44
C THR F 5 -20.46 29.79 16.76
N GLN F 6 -20.59 31.11 16.69
CA GLN F 6 -20.74 31.91 17.89
C GLN F 6 -22.13 32.45 18.06
N SER F 7 -22.60 32.37 19.29
CA SER F 7 -23.88 32.90 19.69
C SER F 7 -23.63 33.79 20.93
N PRO F 8 -24.15 35.02 20.95
CA PRO F 8 -24.94 35.67 19.90
C PRO F 8 -24.04 36.41 18.90
N ALA F 9 -24.59 36.93 17.78
CA ALA F 9 -23.77 37.70 16.83
C ALA F 9 -23.31 39.00 17.48
N SER F 10 -24.16 39.59 18.34
CA SER F 10 -23.85 40.80 19.12
C SER F 10 -24.58 40.80 20.46
N LEU F 11 -24.03 41.54 21.41
CA LEU F 11 -24.49 41.60 22.78
C LEU F 11 -24.53 43.04 23.20
N ALA F 12 -25.57 43.42 23.96
CA ALA F 12 -25.65 44.77 24.49
C ALA F 12 -25.81 44.65 26.00
N VAL F 13 -24.77 44.99 26.76
CA VAL F 13 -24.81 44.91 28.22
C VAL F 13 -24.43 46.26 28.85
N SER F 14 -24.81 46.48 30.11
CA SER F 14 -24.47 47.70 30.82
C SER F 14 -23.25 47.44 31.73
N LEU F 15 -22.54 48.52 32.13
CA LEU F 15 -21.36 48.38 32.99
C LEU F 15 -21.68 47.68 34.27
N GLY F 16 -20.90 46.69 34.63
CA GLY F 16 -21.14 45.93 35.84
C GLY F 16 -21.93 44.67 35.62
N GLN F 17 -22.59 44.52 34.46
CA GLN F 17 -23.33 43.31 34.14
C GLN F 17 -22.39 42.20 33.64
N ARG F 18 -22.90 40.98 33.52
CA ARG F 18 -22.11 39.84 33.02
C ARG F 18 -22.47 39.62 31.59
N ALA F 19 -21.47 39.26 30.78
CA ALA F 19 -21.69 38.96 29.38
C ALA F 19 -21.15 37.56 29.12
N THR F 20 -21.96 36.67 28.54
CA THR F 20 -21.49 35.33 28.21
C THR F 20 -21.59 35.08 26.71
N ILE F 21 -20.45 34.80 26.07
CA ILE F 21 -20.38 34.51 24.65
C ILE F 21 -20.10 33.01 24.49
N SER F 22 -20.87 32.31 23.65
CA SER F 22 -20.68 30.88 23.48
C SER F 22 -20.09 30.53 22.14
N CYS F 23 -19.41 29.39 22.10
CA CYS F 23 -18.75 28.93 20.89
C CYS F 23 -18.97 27.45 20.73
N ARG F 24 -19.63 27.05 19.63
CA ARG F 24 -19.87 25.64 19.38
C ARG F 24 -18.93 25.09 18.28
N ALA F 25 -18.46 23.87 18.45
CA ALA F 25 -17.59 23.23 17.48
C ALA F 25 -18.27 22.00 16.85
N SER F 26 -18.12 21.82 15.53
CA SER F 26 -18.72 20.68 14.82
C SER F 26 -18.14 19.32 15.23
N GLU F 27 -16.92 19.31 15.76
CA GLU F 27 -16.24 18.10 16.25
C GLU F 27 -15.64 18.40 17.63
N SER F 28 -15.23 17.37 18.39
CA SER F 28 -14.57 17.60 19.67
C SER F 28 -13.24 18.32 19.43
N VAL F 29 -12.94 19.26 20.28
CA VAL F 29 -11.72 20.04 20.18
C VAL F 29 -10.67 19.63 21.29
N ASP F 30 -10.97 18.56 22.06
CA ASP F 30 -10.13 18.03 23.12
C ASP F 30 -9.13 17.01 22.63
N SER F 31 -7.95 16.97 23.27
CA SER F 31 -6.90 16.05 22.93
C SER F 31 -6.00 15.88 24.15
N TYR F 32 -5.86 14.64 24.66
CA TYR F 32 -5.00 14.33 25.80
C TYR F 32 -5.16 15.27 27.02
N GLY F 33 -6.39 15.55 27.39
CA GLY F 33 -6.67 16.40 28.54
C GLY F 33 -6.69 17.91 28.28
N ASN F 34 -6.35 18.32 27.07
CA ASN F 34 -6.34 19.73 26.70
C ASN F 34 -7.52 20.04 25.82
N SER F 35 -8.16 21.19 26.01
CA SER F 35 -9.22 21.62 25.10
C SER F 35 -8.59 22.73 24.25
N PHE F 36 -8.32 22.48 22.95
CA PHE F 36 -7.72 23.49 22.10
C PHE F 36 -8.70 24.56 21.61
N MET F 37 -9.31 25.33 22.53
CA MET F 37 -10.24 26.41 22.21
C MET F 37 -9.70 27.65 22.87
N HIS F 38 -9.48 28.69 22.08
CA HIS F 38 -8.88 29.93 22.59
C HIS F 38 -9.76 31.15 22.28
N TRP F 39 -9.67 32.23 23.07
CA TRP F 39 -10.51 33.43 22.88
C TRP F 39 -9.67 34.67 22.63
N TYR F 40 -10.08 35.50 21.64
CA TYR F 40 -9.39 36.72 21.29
C TYR F 40 -10.34 37.90 21.37
N GLN F 41 -9.78 39.10 21.60
CA GLN F 41 -10.52 40.36 21.61
C GLN F 41 -9.94 41.25 20.49
N GLN F 42 -10.79 41.77 19.61
CA GLN F 42 -10.32 42.66 18.57
C GLN F 42 -11.04 43.99 18.63
N LYS F 43 -10.27 45.06 18.82
CA LYS F 43 -10.80 46.41 18.82
C LYS F 43 -10.51 47.01 17.42
N PRO F 44 -11.45 47.80 16.87
CA PRO F 44 -11.22 48.36 15.52
C PRO F 44 -9.87 49.05 15.32
N GLY F 45 -9.24 48.79 14.17
CA GLY F 45 -7.94 49.36 13.87
C GLY F 45 -6.79 48.72 14.61
N GLN F 46 -7.03 47.56 15.28
CA GLN F 46 -5.97 46.85 16.01
C GLN F 46 -6.02 45.33 15.75
N PRO F 47 -4.93 44.58 15.93
CA PRO F 47 -5.01 43.12 15.74
C PRO F 47 -5.74 42.38 16.88
N PRO F 48 -6.18 41.13 16.67
CA PRO F 48 -6.77 40.37 17.79
C PRO F 48 -5.74 40.15 18.89
N LYS F 49 -6.20 40.18 20.15
CA LYS F 49 -5.38 40.01 21.33
C LYS F 49 -5.83 38.76 22.02
N LEU F 50 -4.89 37.84 22.33
CA LEU F 50 -5.24 36.60 23.07
C LEU F 50 -5.63 36.90 24.55
N LEU F 51 -6.84 36.45 24.92
CA LEU F 51 -7.39 36.63 26.24
C LEU F 51 -7.20 35.34 27.06
N ILE F 52 -7.73 34.20 26.54
CA ILE F 52 -7.76 32.88 27.19
C ILE F 52 -7.30 31.84 26.20
N SER F 53 -6.43 30.93 26.62
CA SER F 53 -5.97 29.84 25.77
C SER F 53 -6.39 28.55 26.42
N ARG F 54 -6.44 27.46 25.66
CA ARG F 54 -6.77 26.15 26.21
C ARG F 54 -7.98 26.13 27.16
N ALA F 55 -9.08 26.68 26.64
CA ALA F 55 -10.42 26.81 27.20
C ALA F 55 -10.49 27.74 28.40
N SER F 56 -9.66 27.53 29.44
CA SER F 56 -9.75 28.29 30.67
C SER F 56 -8.50 28.99 31.14
N ASN F 57 -7.38 28.84 30.43
CA ASN F 57 -6.15 29.46 30.86
C ASN F 57 -6.13 30.96 30.59
N LEU F 58 -6.21 31.78 31.65
CA LEU F 58 -6.17 33.23 31.52
C LEU F 58 -4.74 33.67 31.21
N GLU F 59 -4.56 34.38 30.10
CA GLU F 59 -3.22 34.80 29.70
C GLU F 59 -2.65 35.88 30.59
N SER F 60 -1.33 35.88 30.80
CA SER F 60 -0.69 36.89 31.63
C SER F 60 -0.99 38.32 31.17
N GLY F 61 -1.43 39.16 32.10
CA GLY F 61 -1.79 40.53 31.77
C GLY F 61 -3.24 40.75 31.41
N ILE F 62 -4.04 39.66 31.31
CA ILE F 62 -5.46 39.79 30.98
C ILE F 62 -6.24 39.83 32.27
N PRO F 63 -7.12 40.84 32.47
CA PRO F 63 -7.84 40.95 33.76
C PRO F 63 -8.70 39.75 34.17
N ALA F 64 -8.75 39.46 35.49
CA ALA F 64 -9.51 38.34 36.03
C ALA F 64 -11.02 38.40 35.78
N ARG F 65 -11.54 39.54 35.28
CA ARG F 65 -12.94 39.59 34.90
C ARG F 65 -13.22 38.76 33.60
N PHE F 66 -12.17 38.25 32.93
CA PHE F 66 -12.27 37.40 31.76
C PHE F 66 -12.05 35.97 32.21
N SER F 67 -12.99 35.10 31.88
CA SER F 67 -12.86 33.68 32.21
C SER F 67 -13.45 32.83 31.12
N GLY F 68 -12.94 31.62 30.99
CA GLY F 68 -13.41 30.70 29.98
C GLY F 68 -13.74 29.36 30.58
N SER F 69 -14.75 28.72 30.03
CA SER F 69 -15.16 27.40 30.46
C SER F 69 -15.58 26.58 29.23
N GLY F 70 -15.69 25.27 29.45
CA GLY F 70 -16.17 24.40 28.38
C GLY F 70 -15.34 23.16 28.15
N SER F 71 -15.89 22.22 27.41
CA SER F 71 -15.18 20.96 27.08
C SER F 71 -15.72 20.48 25.74
N ARG F 72 -14.97 19.61 25.07
CA ARG F 72 -15.43 19.02 23.80
C ARG F 72 -15.97 20.09 22.86
N THR F 73 -17.25 20.01 22.52
CA THR F 73 -17.84 20.90 21.49
C THR F 73 -18.41 22.21 22.01
N ASP F 74 -18.55 22.39 23.33
CA ASP F 74 -19.25 23.61 23.81
C ASP F 74 -18.36 24.43 24.77
N PHE F 75 -18.17 25.72 24.49
CA PHE F 75 -17.27 26.59 25.28
C PHE F 75 -17.91 27.96 25.49
N THR F 76 -17.56 28.64 26.59
CA THR F 76 -18.10 29.94 26.92
C THR F 76 -17.00 30.89 27.41
N LEU F 77 -17.09 32.15 26.98
CA LEU F 77 -16.28 33.26 27.46
C LEU F 77 -17.23 34.11 28.34
N THR F 78 -16.79 34.43 29.54
CA THR F 78 -17.57 35.25 30.46
C THR F 78 -16.73 36.47 30.79
N ILE F 79 -17.38 37.63 30.70
CA ILE F 79 -16.79 38.90 31.08
C ILE F 79 -17.70 39.35 32.19
N ASN F 80 -17.17 39.38 33.41
CA ASN F 80 -17.97 39.77 34.55
C ASN F 80 -17.09 40.27 35.68
N PRO F 81 -17.24 41.57 36.02
CA PRO F 81 -18.20 42.52 35.46
C PRO F 81 -17.66 43.19 34.21
N VAL F 82 -18.54 43.57 33.29
CA VAL F 82 -18.16 44.25 32.06
C VAL F 82 -17.78 45.71 32.35
N GLU F 83 -16.67 46.17 31.77
CA GLU F 83 -16.16 47.52 31.89
C GLU F 83 -16.21 48.27 30.53
N ALA F 84 -16.05 49.60 30.54
CA ALA F 84 -16.18 50.39 29.33
C ALA F 84 -15.15 50.07 28.23
N ASP F 85 -13.95 49.67 28.63
CA ASP F 85 -12.91 49.33 27.66
C ASP F 85 -13.03 47.84 27.19
N ASP F 86 -14.17 47.20 27.43
CA ASP F 86 -14.41 45.86 26.97
C ASP F 86 -15.16 45.84 25.63
N VAL F 87 -15.50 47.02 25.07
CA VAL F 87 -16.17 47.14 23.78
C VAL F 87 -15.20 46.63 22.73
N ALA F 88 -15.56 45.54 22.05
CA ALA F 88 -14.71 44.91 21.04
C ALA F 88 -15.48 43.73 20.37
N THR F 89 -14.89 43.10 19.32
CA THR F 89 -15.47 41.90 18.75
C THR F 89 -14.67 40.73 19.35
N TYR F 90 -15.37 39.69 19.82
CA TYR F 90 -14.72 38.56 20.44
C TYR F 90 -14.82 37.33 19.56
N TYR F 91 -13.68 36.70 19.28
CA TYR F 91 -13.63 35.51 18.45
C TYR F 91 -13.09 34.35 19.25
N CYS F 92 -13.57 33.16 18.94
CA CYS F 92 -13.08 31.90 19.48
C CYS F 92 -12.33 31.22 18.33
N GLN F 93 -11.34 30.39 18.65
CA GLN F 93 -10.51 29.73 17.65
C GLN F 93 -10.02 28.38 18.15
N GLN F 94 -10.02 27.36 17.29
CA GLN F 94 -9.49 26.04 17.69
C GLN F 94 -8.19 25.69 17.00
N SER F 95 -7.36 24.91 17.68
CA SER F 95 -6.11 24.42 17.12
C SER F 95 -5.97 22.93 17.33
N ASN F 96 -7.09 22.19 17.27
CA ASN F 96 -7.05 20.75 17.41
C ASN F 96 -6.79 20.06 16.07
N GLU F 97 -7.38 20.60 15.00
CA GLU F 97 -7.30 20.07 13.65
C GLU F 97 -7.20 21.33 12.77
N ASP F 98 -5.99 21.64 12.31
CA ASP F 98 -5.71 22.86 11.54
C ASP F 98 -6.05 24.09 12.41
N ARG F 99 -6.41 25.25 11.83
CA ARG F 99 -6.79 26.42 12.63
C ARG F 99 -8.08 27.01 12.06
N THR F 100 -9.15 27.09 12.85
CA THR F 100 -10.40 27.73 12.40
C THR F 100 -10.90 28.75 13.44
N PHE F 101 -11.51 29.83 12.97
CA PHE F 101 -12.05 30.90 13.82
C PHE F 101 -13.59 30.89 13.78
N GLY F 102 -14.21 31.37 14.86
CA GLY F 102 -15.65 31.58 14.94
C GLY F 102 -16.00 32.90 14.28
N GLY F 103 -17.30 33.11 14.01
CA GLY F 103 -17.77 34.31 13.32
C GLY F 103 -17.54 35.68 13.95
N GLY F 104 -17.57 35.73 15.26
CA GLY F 104 -17.36 36.97 16.00
C GLY F 104 -18.58 37.35 16.80
N THR F 105 -18.36 38.03 17.91
CA THR F 105 -19.46 38.48 18.75
C THR F 105 -19.15 39.89 19.16
N LYS F 106 -19.98 40.83 18.73
CA LYS F 106 -19.77 42.23 19.02
C LYS F 106 -20.31 42.62 20.38
N LEU F 107 -19.47 43.23 21.22
CA LEU F 107 -19.92 43.68 22.53
C LEU F 107 -20.11 45.19 22.53
N GLU F 108 -21.36 45.62 22.73
CA GLU F 108 -21.75 47.03 22.82
C GLU F 108 -22.19 47.31 24.24
N ILE F 109 -21.84 48.50 24.73
CA ILE F 109 -22.21 48.89 26.08
C ILE F 109 -23.49 49.75 26.00
N GLU F 110 -24.42 49.52 26.91
CA GLU F 110 -25.63 50.29 27.05
C GLU F 110 -25.39 51.24 28.21
N ARG F 111 -25.74 52.52 28.07
CA ARG F 111 -25.55 53.50 29.15
C ARG F 111 -26.66 54.58 29.18
N THR F 112 -26.62 55.55 30.13
CA THR F 112 -27.64 56.61 30.16
C THR F 112 -27.63 57.44 28.89
N VAL F 113 -28.75 58.09 28.59
CA VAL F 113 -28.85 58.93 27.41
C VAL F 113 -28.01 60.20 27.59
N ALA F 114 -27.10 60.49 26.64
CA ALA F 114 -26.26 61.67 26.69
C ALA F 114 -26.44 62.48 25.40
N ALA F 115 -26.72 63.77 25.53
CA ALA F 115 -26.95 64.67 24.40
C ALA F 115 -25.63 65.05 23.71
N PRO F 116 -25.64 65.18 22.37
CA PRO F 116 -24.38 65.53 21.67
C PRO F 116 -23.93 66.99 21.80
N SER F 117 -22.66 67.26 21.50
CA SER F 117 -22.12 68.62 21.49
C SER F 117 -21.99 68.99 20.01
N VAL F 118 -22.87 69.88 19.51
CA VAL F 118 -22.91 70.19 18.08
C VAL F 118 -21.97 71.33 17.67
N PHE F 119 -21.18 71.10 16.62
CA PHE F 119 -20.24 72.09 16.09
C PHE F 119 -20.35 72.18 14.54
N ILE F 120 -19.92 73.31 13.94
CA ILE F 120 -19.97 73.49 12.49
C ILE F 120 -18.67 74.13 11.95
N PHE F 121 -18.17 73.61 10.82
CA PHE F 121 -16.94 74.08 10.19
C PHE F 121 -17.15 74.61 8.78
N PRO F 122 -16.76 75.87 8.52
CA PRO F 122 -16.83 76.38 7.14
C PRO F 122 -15.75 75.71 6.25
N PRO F 123 -15.91 75.73 4.90
CA PRO F 123 -14.86 75.10 4.06
C PRO F 123 -13.56 75.89 4.13
N SER F 124 -12.42 75.20 4.10
CA SER F 124 -11.12 75.86 4.18
C SER F 124 -10.81 76.69 2.93
N ASP F 125 -10.03 77.77 3.11
CA ASP F 125 -9.67 78.61 1.97
C ASP F 125 -8.71 77.90 1.01
N GLU F 126 -7.93 76.94 1.51
CA GLU F 126 -7.03 76.11 0.68
C GLU F 126 -7.86 75.15 -0.22
N GLN F 127 -9.04 74.71 0.26
CA GLN F 127 -9.97 73.85 -0.48
C GLN F 127 -10.87 74.68 -1.41
N LEU F 128 -11.29 75.89 -0.97
CA LEU F 128 -12.12 76.81 -1.77
C LEU F 128 -11.41 77.19 -3.08
N LYS F 129 -10.07 77.33 -3.03
CA LYS F 129 -9.22 77.63 -4.19
C LYS F 129 -9.18 76.46 -5.21
N SER F 130 -9.46 75.22 -4.76
CA SER F 130 -9.45 74.06 -5.65
C SER F 130 -10.73 73.96 -6.51
N GLY F 131 -11.85 74.45 -5.99
CA GLY F 131 -13.11 74.43 -6.73
C GLY F 131 -14.25 73.68 -6.08
N THR F 132 -13.98 73.00 -4.96
CA THR F 132 -15.01 72.25 -4.21
C THR F 132 -15.12 72.78 -2.77
N ALA F 133 -16.31 72.67 -2.15
CA ALA F 133 -16.53 73.15 -0.79
C ALA F 133 -17.16 72.10 0.14
N SER F 134 -16.52 71.81 1.28
CA SER F 134 -17.02 70.85 2.26
C SER F 134 -17.34 71.52 3.59
N VAL F 135 -18.62 71.52 3.98
CA VAL F 135 -19.04 72.09 5.26
C VAL F 135 -19.21 70.92 6.23
N VAL F 136 -18.50 70.93 7.37
CA VAL F 136 -18.53 69.80 8.30
C VAL F 136 -19.26 70.05 9.62
N CYS F 137 -20.35 69.31 9.86
CA CYS F 137 -21.11 69.36 11.11
C CYS F 137 -20.58 68.21 12.00
N LEU F 138 -20.38 68.48 13.29
CA LEU F 138 -19.81 67.49 14.21
C LEU F 138 -20.73 67.26 15.43
N LEU F 139 -20.98 65.97 15.75
CA LEU F 139 -21.78 65.57 16.91
C LEU F 139 -20.80 64.93 17.85
N ASN F 140 -20.53 65.60 18.97
CA ASN F 140 -19.52 65.14 19.90
C ASN F 140 -20.09 64.46 21.18
N ASN F 141 -19.73 63.17 21.34
CA ASN F 141 -19.99 62.31 22.49
C ASN F 141 -21.46 62.20 22.90
N PHE F 142 -22.18 61.30 22.25
CA PHE F 142 -23.60 61.07 22.53
C PHE F 142 -23.99 59.58 22.60
N TYR F 143 -25.09 59.31 23.29
CA TYR F 143 -25.67 57.98 23.36
C TYR F 143 -27.19 58.15 23.42
N PRO F 144 -28.01 57.37 22.69
CA PRO F 144 -27.65 56.24 21.80
C PRO F 144 -27.04 56.64 20.47
N ARG F 145 -26.54 55.66 19.70
CA ARG F 145 -25.93 55.90 18.39
C ARG F 145 -26.87 56.60 17.40
N GLU F 146 -28.18 56.35 17.54
CA GLU F 146 -29.19 56.92 16.66
C GLU F 146 -29.31 58.42 16.81
N ALA F 147 -28.99 59.12 15.72
CA ALA F 147 -29.02 60.58 15.63
C ALA F 147 -29.36 60.97 14.20
N LYS F 148 -30.09 62.08 14.01
CA LYS F 148 -30.47 62.53 12.65
C LYS F 148 -29.95 63.93 12.38
N VAL F 149 -29.06 64.08 11.39
CA VAL F 149 -28.52 65.40 11.05
C VAL F 149 -29.00 65.87 9.68
N GLN F 150 -29.80 66.95 9.65
CA GLN F 150 -30.32 67.52 8.41
C GLN F 150 -29.56 68.79 8.06
N TRP F 151 -29.22 68.96 6.78
CA TRP F 151 -28.50 70.16 6.34
C TRP F 151 -29.49 71.18 5.80
N LYS F 152 -29.36 72.46 6.20
CA LYS F 152 -30.25 73.51 5.73
C LYS F 152 -29.46 74.73 5.25
N VAL F 153 -29.53 75.03 3.96
CA VAL F 153 -28.82 76.16 3.37
C VAL F 153 -29.82 77.20 2.93
N ASP F 154 -29.85 78.35 3.64
CA ASP F 154 -30.80 79.44 3.42
C ASP F 154 -32.25 78.95 3.65
N ASN F 155 -32.40 78.10 4.69
CA ASN F 155 -33.59 77.40 5.19
C ASN F 155 -34.06 76.23 4.27
N ALA F 156 -33.36 75.98 3.15
CA ALA F 156 -33.70 74.89 2.26
C ALA F 156 -33.08 73.57 2.72
N LEU F 157 -33.88 72.50 2.85
CA LEU F 157 -33.39 71.18 3.26
C LEU F 157 -32.56 70.56 2.14
N GLN F 158 -31.37 70.06 2.50
CA GLN F 158 -30.44 69.44 1.55
C GLN F 158 -30.59 67.94 1.59
N SER F 159 -30.57 67.29 0.41
CA SER F 159 -30.66 65.84 0.32
C SER F 159 -29.93 65.31 -0.90
N GLY F 160 -29.00 64.38 -0.67
CA GLY F 160 -28.20 63.77 -1.73
C GLY F 160 -26.80 64.35 -1.90
N ASN F 161 -26.44 65.32 -1.06
CA ASN F 161 -25.13 65.99 -1.13
C ASN F 161 -24.33 65.90 0.17
N SER F 162 -24.64 64.93 1.03
CA SER F 162 -23.94 64.78 2.30
C SER F 162 -23.60 63.31 2.57
N GLN F 163 -22.57 63.07 3.38
CA GLN F 163 -22.13 61.73 3.79
C GLN F 163 -21.85 61.74 5.27
N GLU F 164 -22.16 60.63 5.96
CA GLU F 164 -21.95 60.55 7.40
C GLU F 164 -20.83 59.60 7.80
N SER F 165 -20.31 59.78 9.03
CA SER F 165 -19.24 58.93 9.56
C SER F 165 -19.45 58.76 11.07
N VAL F 166 -19.46 57.50 11.59
CA VAL F 166 -19.64 57.29 13.02
C VAL F 166 -18.48 56.53 13.61
N THR F 167 -17.86 57.08 14.66
CA THR F 167 -16.76 56.41 15.33
C THR F 167 -17.22 55.23 16.21
N GLU F 168 -16.27 54.39 16.61
CA GLU F 168 -16.47 53.30 17.53
C GLU F 168 -16.82 53.89 18.90
N GLN F 169 -17.55 53.11 19.69
CA GLN F 169 -17.98 53.50 21.02
C GLN F 169 -16.76 53.70 21.92
N ASP F 170 -16.56 54.92 22.42
CA ASP F 170 -15.43 55.28 23.27
C ASP F 170 -15.20 54.34 24.43
N SER F 171 -13.94 53.93 24.62
CA SER F 171 -13.49 53.02 25.68
C SER F 171 -13.55 53.58 27.11
N LYS F 172 -13.92 54.86 27.27
CA LYS F 172 -14.01 55.44 28.60
C LYS F 172 -15.46 55.80 28.91
N ASP F 173 -16.09 56.63 28.04
CA ASP F 173 -17.44 57.08 28.33
C ASP F 173 -18.52 56.35 27.57
N SER F 174 -18.18 55.33 26.76
CA SER F 174 -19.16 54.53 26.03
C SER F 174 -20.11 55.33 25.10
N THR F 175 -19.70 56.52 24.65
CA THR F 175 -20.49 57.34 23.74
C THR F 175 -20.00 57.17 22.28
N TYR F 176 -20.78 57.67 21.31
CA TYR F 176 -20.45 57.68 19.89
C TYR F 176 -20.18 59.12 19.44
N SER F 177 -19.63 59.29 18.24
CA SER F 177 -19.38 60.60 17.63
C SER F 177 -19.71 60.53 16.14
N LEU F 178 -20.35 61.59 15.63
CA LEU F 178 -20.77 61.61 14.23
C LEU F 178 -20.21 62.81 13.43
N SER F 179 -19.99 62.61 12.12
CA SER F 179 -19.48 63.61 11.19
C SER F 179 -20.39 63.67 9.97
N SER F 180 -20.83 64.87 9.59
CA SER F 180 -21.67 65.06 8.41
C SER F 180 -20.99 66.11 7.54
N THR F 181 -20.73 65.79 6.27
CA THR F 181 -20.05 66.72 5.38
C THR F 181 -20.90 67.06 4.16
N LEU F 182 -21.34 68.32 4.08
CA LEU F 182 -22.11 68.81 2.95
C LEU F 182 -21.12 69.14 1.84
N THR F 183 -21.09 68.32 0.80
CA THR F 183 -20.19 68.52 -0.34
C THR F 183 -20.91 69.31 -1.44
N LEU F 184 -20.57 70.60 -1.57
CA LEU F 184 -21.11 71.51 -2.59
C LEU F 184 -20.00 71.96 -3.53
N SER F 185 -20.35 72.47 -4.73
CA SER F 185 -19.36 73.01 -5.65
C SER F 185 -18.97 74.44 -5.19
N LYS F 186 -17.83 74.98 -5.68
CA LYS F 186 -17.43 76.35 -5.30
C LYS F 186 -18.50 77.36 -5.79
N ALA F 187 -19.07 77.11 -6.98
CA ALA F 187 -20.12 77.96 -7.55
C ALA F 187 -21.40 77.94 -6.69
N ASP F 188 -21.89 76.76 -6.29
CA ASP F 188 -23.08 76.67 -5.45
C ASP F 188 -22.86 77.19 -4.03
N TYR F 189 -21.60 77.15 -3.54
CA TYR F 189 -21.26 77.63 -2.21
C TYR F 189 -21.44 79.14 -2.08
N GLU F 190 -20.90 79.92 -3.03
CA GLU F 190 -21.00 81.38 -2.97
C GLU F 190 -22.38 81.91 -3.38
N LYS F 191 -23.25 81.07 -3.98
CA LYS F 191 -24.61 81.49 -4.34
C LYS F 191 -25.54 81.65 -3.11
N HIS F 192 -25.20 80.97 -2.01
CA HIS F 192 -26.01 81.02 -0.79
C HIS F 192 -25.22 81.58 0.40
N LYS F 193 -25.91 82.14 1.41
CA LYS F 193 -25.23 82.73 2.56
C LYS F 193 -25.37 81.96 3.89
N VAL F 194 -26.59 81.61 4.32
CA VAL F 194 -26.79 80.90 5.59
C VAL F 194 -26.54 79.40 5.49
N TYR F 195 -25.63 78.87 6.33
CA TYR F 195 -25.30 77.44 6.36
C TYR F 195 -25.48 76.87 7.76
N ALA F 196 -26.47 75.98 7.92
CA ALA F 196 -26.78 75.41 9.23
C ALA F 196 -26.98 73.87 9.22
N CYS F 197 -26.70 73.22 10.37
CA CYS F 197 -26.98 71.78 10.51
C CYS F 197 -27.91 71.56 11.70
N GLU F 198 -29.02 70.82 11.49
CA GLU F 198 -30.02 70.56 12.51
C GLU F 198 -29.95 69.13 13.04
N VAL F 199 -29.50 69.00 14.28
CA VAL F 199 -29.31 67.73 14.97
C VAL F 199 -30.52 67.31 15.81
N THR F 200 -31.08 66.13 15.53
CA THR F 200 -32.22 65.61 16.28
C THR F 200 -31.80 64.30 17.01
N HIS F 201 -31.79 64.33 18.34
CA HIS F 201 -31.36 63.20 19.14
C HIS F 201 -32.27 62.99 20.37
N GLN F 202 -32.28 61.77 20.92
CA GLN F 202 -33.07 61.40 22.12
C GLN F 202 -32.70 62.26 23.32
N GLY F 203 -31.42 62.57 23.46
CA GLY F 203 -30.92 63.42 24.53
C GLY F 203 -31.28 64.89 24.41
N LEU F 204 -31.79 65.29 23.24
CA LEU F 204 -32.19 66.67 23.01
C LEU F 204 -33.69 66.86 23.17
N SER F 205 -34.07 67.87 23.98
CA SER F 205 -35.45 68.29 24.26
C SER F 205 -36.16 68.70 22.96
N SER F 206 -35.42 69.38 22.08
CA SER F 206 -35.89 69.83 20.78
C SER F 206 -34.68 69.95 19.84
N PRO F 207 -34.83 69.61 18.56
CA PRO F 207 -33.69 69.68 17.62
C PRO F 207 -32.86 70.98 17.68
N VAL F 208 -31.53 70.83 17.75
CA VAL F 208 -30.57 71.93 17.88
C VAL F 208 -29.89 72.29 16.55
N THR F 209 -29.92 73.58 16.17
CA THR F 209 -29.30 74.07 14.93
C THR F 209 -28.05 74.90 15.25
N LYS F 210 -26.93 74.62 14.58
CA LYS F 210 -25.70 75.38 14.75
C LYS F 210 -25.37 75.96 13.38
N SER F 211 -25.55 77.28 13.22
CA SER F 211 -25.37 77.97 11.94
C SER F 211 -24.17 78.94 11.86
N PHE F 212 -23.78 79.30 10.63
CA PHE F 212 -22.72 80.27 10.38
C PHE F 212 -23.00 81.06 9.11
N ASN F 213 -22.41 82.25 8.96
CA ASN F 213 -22.63 83.07 7.78
C ASN F 213 -21.42 83.18 6.86
N ARG F 214 -21.60 82.84 5.58
CA ARG F 214 -20.54 82.84 4.57
C ARG F 214 -19.97 84.23 4.30
N GLY F 215 -18.72 84.44 4.73
CA GLY F 215 -18.02 85.72 4.54
C GLY F 215 -17.73 86.47 5.82
N GLU F 216 -17.83 85.79 6.99
CA GLU F 216 -17.60 86.38 8.31
C GLU F 216 -16.65 85.51 9.15
#